data_4GQD
# 
_entry.id   4GQD 
# 
_audit_conform.dict_name       mmcif_pdbx.dic 
_audit_conform.dict_version    5.379 
_audit_conform.dict_location   http://mmcif.pdb.org/dictionaries/ascii/mmcif_pdbx.dic 
# 
loop_
_database_2.database_id 
_database_2.database_code 
_database_2.pdbx_database_accession 
_database_2.pdbx_DOI 
PDB   4GQD         pdb_00004gqd 10.2210/pdb4gqd/pdb 
NDB   NA2014       ?            ?                   
RCSB  RCSB074506   ?            ?                   
WWPDB D_1000074506 ?            ?                   
# 
loop_
_pdbx_database_related.db_name 
_pdbx_database_related.db_id 
_pdbx_database_related.details 
_pdbx_database_related.content_type 
PDB 2ORG . unspecified 
PDB 2ORF . unspecified 
PDB 3TOK . unspecified 
PDB 2ORH . unspecified 
PDB 4GRE . unspecified 
PDB 4GS2 . unspecified 
PDB 4GSG . unspecified 
PDB 4GSI . unspecified 
# 
_pdbx_database_status.status_code                     REL 
_pdbx_database_status.entry_id                        4GQD 
_pdbx_database_status.recvd_initial_deposition_date   2012-08-22 
_pdbx_database_status.deposit_site                    RCSB 
_pdbx_database_status.process_site                    RCSB 
_pdbx_database_status.status_code_sf                  REL 
_pdbx_database_status.status_code_mr                  ? 
_pdbx_database_status.SG_entry                        ? 
_pdbx_database_status.status_code_cs                  ? 
_pdbx_database_status.methods_development_category    ? 
_pdbx_database_status.pdb_format_compatible           Y 
_pdbx_database_status.status_code_nmr_data            ? 
# 
loop_
_audit_author.name 
_audit_author.pdbx_ordinal 
'Carter, M.' 1 
'Ho, P.S.'   2 
# 
_citation.id                        primary 
_citation.title                     'Enthalpy-entropy compensation in biomolecular halogen bonds measured in DNA junctions.' 
_citation.journal_abbrev            Biochemistry 
_citation.journal_volume            52 
_citation.page_first                4891 
_citation.page_last                 4903 
_citation.year                      2013 
_citation.journal_id_ASTM           BICHAW 
_citation.country                   US 
_citation.journal_id_ISSN           0006-2960 
_citation.journal_id_CSD            0033 
_citation.book_publisher            ? 
_citation.pdbx_database_id_PubMed   23789744 
_citation.pdbx_database_id_DOI      10.1021/bi400590h 
# 
loop_
_citation_author.citation_id 
_citation_author.name 
_citation_author.ordinal 
_citation_author.identifier_ORCID 
primary 'Carter, M.'       1 ? 
primary 'Voth, A.R.'       2 ? 
primary 'Scholfield, M.R.' 3 ? 
primary 'Rummel, B.'       4 ? 
primary 'Sowers, L.C.'     5 ? 
primary 'Ho, P.S.'         6 ? 
# 
_cell.entry_id           4GQD 
_cell.length_a           65.692 
_cell.length_b           23.565 
_cell.length_c           37.286 
_cell.angle_alpha        90.00 
_cell.angle_beta         110.92 
_cell.angle_gamma        90.00 
_cell.Z_PDB              8 
_cell.pdbx_unique_axis   ? 
_cell.length_a_esd       ? 
_cell.length_b_esd       ? 
_cell.length_c_esd       ? 
_cell.angle_alpha_esd    ? 
_cell.angle_beta_esd     ? 
_cell.angle_gamma_esd    ? 
# 
_symmetry.entry_id                         4GQD 
_symmetry.space_group_name_H-M             'C 1 2 1' 
_symmetry.pdbx_full_space_group_name_H-M   ? 
_symmetry.cell_setting                     ? 
_symmetry.Int_Tables_number                5 
_symmetry.space_group_name_Hall            ? 
# 
loop_
_entity.id 
_entity.type 
_entity.src_method 
_entity.pdbx_description 
_entity.formula_weight 
_entity.pdbx_number_of_molecules 
_entity.pdbx_ec 
_entity.pdbx_mutation 
_entity.pdbx_fragment 
_entity.details 
1 polymer     syn 
;DNA (5'-D(*CP*CP*GP*GP*TP*AP*(UCL)P*CP*GP*G)-3')
;
3081.423 2  ? ? ? ? 
2 polymer     syn 
;DNA (5'-D(*CP*CP*GP*AP*TP*AP*CP*CP*GP*G)-3')
;
3029.994 2  ? ? ? ? 
3 non-polymer syn 'SODIUM ION'                                       22.990   3  ? ? ? ? 
4 water       nat water                                              18.015   93 ? ? ? ? 
# 
loop_
_entity_poly.entity_id 
_entity_poly.type 
_entity_poly.nstd_linkage 
_entity_poly.nstd_monomer 
_entity_poly.pdbx_seq_one_letter_code 
_entity_poly.pdbx_seq_one_letter_code_can 
_entity_poly.pdbx_strand_id 
_entity_poly.pdbx_target_identifier 
1 polydeoxyribonucleotide no yes '(DC)(DC)(DG)(DG)(DT)(DA)(UCL)(DC)(DG)(DG)' CCGGTAUCGG A,D ? 
2 polydeoxyribonucleotide no no  '(DC)(DC)(DG)(DA)(DT)(DA)(DC)(DC)(DG)(DG)'  CCGATACCGG B,C ? 
# 
loop_
_entity_poly_seq.entity_id 
_entity_poly_seq.num 
_entity_poly_seq.mon_id 
_entity_poly_seq.hetero 
1 1  DC  n 
1 2  DC  n 
1 3  DG  n 
1 4  DG  n 
1 5  DT  n 
1 6  DA  n 
1 7  UCL n 
1 8  DC  n 
1 9  DG  n 
1 10 DG  n 
2 1  DC  n 
2 2  DC  n 
2 3  DG  n 
2 4  DA  n 
2 5  DT  n 
2 6  DA  n 
2 7  DC  n 
2 8  DC  n 
2 9  DG  n 
2 10 DG  n 
# 
loop_
_pdbx_entity_src_syn.entity_id 
_pdbx_entity_src_syn.pdbx_src_id 
_pdbx_entity_src_syn.pdbx_alt_source_flag 
_pdbx_entity_src_syn.pdbx_beg_seq_num 
_pdbx_entity_src_syn.pdbx_end_seq_num 
_pdbx_entity_src_syn.organism_scientific 
_pdbx_entity_src_syn.organism_common_name 
_pdbx_entity_src_syn.ncbi_taxonomy_id 
_pdbx_entity_src_syn.details 
1 1 sample ? ? ? ? ? 'synthetically engineered DNA sequence' 
2 1 sample ? ? ? ? ? 'synthetically engineered DNA sequence' 
# 
loop_
_struct_ref.id 
_struct_ref.db_name 
_struct_ref.db_code 
_struct_ref.pdbx_db_accession 
_struct_ref.entity_id 
_struct_ref.pdbx_align_begin 
_struct_ref.pdbx_seq_one_letter_code 
_struct_ref.pdbx_db_isoform 
1 PDB 4GQD 4GQD 1 ? CCGGTAUCGG ? 
2 PDB 4GQD 4GQD 2 ? CCGATACCGG ? 
# 
loop_
_struct_ref_seq.align_id 
_struct_ref_seq.ref_id 
_struct_ref_seq.pdbx_PDB_id_code 
_struct_ref_seq.pdbx_strand_id 
_struct_ref_seq.seq_align_beg 
_struct_ref_seq.pdbx_seq_align_beg_ins_code 
_struct_ref_seq.seq_align_end 
_struct_ref_seq.pdbx_seq_align_end_ins_code 
_struct_ref_seq.pdbx_db_accession 
_struct_ref_seq.db_align_beg 
_struct_ref_seq.pdbx_db_align_beg_ins_code 
_struct_ref_seq.db_align_end 
_struct_ref_seq.pdbx_db_align_end_ins_code 
_struct_ref_seq.pdbx_auth_seq_align_beg 
_struct_ref_seq.pdbx_auth_seq_align_end 
1 1 4GQD A 1 ? 10 ? 4GQD 1  ? 10 ? 1  10 
2 1 4GQD D 1 ? 10 ? 4GQD 31 ? 40 ? 31 40 
3 2 4GQD B 1 ? 10 ? 4GQD 11 ? 20 ? 11 20 
4 2 4GQD C 1 ? 10 ? 4GQD 21 ? 30 ? 21 30 
# 
loop_
_chem_comp.id 
_chem_comp.type 
_chem_comp.mon_nstd_flag 
_chem_comp.name 
_chem_comp.pdbx_synonyms 
_chem_comp.formula 
_chem_comp.formula_weight 
DA  'DNA linking' y "2'-DEOXYADENOSINE-5'-MONOPHOSPHATE"                 ? 'C10 H14 N5 O6 P'   331.222 
DC  'DNA linking' y "2'-DEOXYCYTIDINE-5'-MONOPHOSPHATE"                  ? 'C9 H14 N3 O7 P'    307.197 
DG  'DNA linking' y "2'-DEOXYGUANOSINE-5'-MONOPHOSPHATE"                 ? 'C10 H14 N5 O7 P'   347.221 
DT  'DNA linking' y "THYMIDINE-5'-MONOPHOSPHATE"                         ? 'C10 H15 N2 O8 P'   322.208 
HOH non-polymer   . WATER                                                ? 'H2 O'              18.015  
NA  non-polymer   . 'SODIUM ION'                                         ? 'Na 1'              22.990  
UCL 'DNA linking' n 
;5-CHLORO-2'-DEOXYURIDINE 5'-(DIHYDROGEN PHOSPHATE)
;
? 'C9 H12 Cl N2 O8 P' 342.627 
# 
_exptl.entry_id          4GQD 
_exptl.method            'X-RAY DIFFRACTION' 
_exptl.crystals_number   1 
# 
_exptl_crystal.id                    1 
_exptl_crystal.density_meas          ? 
_exptl_crystal.density_Matthews      ? 
_exptl_crystal.density_percent_sol   ? 
_exptl_crystal.description           ? 
_exptl_crystal.F_000                 ? 
_exptl_crystal.preparation           ? 
# 
_exptl_crystal_grow.crystal_id      1 
_exptl_crystal_grow.method          'VAPOR DIFFUSION, SITTING DROP' 
_exptl_crystal_grow.temp            298 
_exptl_crystal_grow.temp_details    ? 
_exptl_crystal_grow.pH              7.0 
_exptl_crystal_grow.pdbx_details    
;0.7mM DNA, 25mM sodium cacodylate pH 7.0 buffer, 10-25mM calcium chloride, and 0.8-1.2mM spermine, equilibrated against a reservoir of 30-40% aqueous MPD., VAPOR DIFFUSION, SITTING DROP, temperature 298K
;
_exptl_crystal_grow.pdbx_pH_range   ? 
# 
_diffrn.id                     1 
_diffrn.ambient_temp           200 
_diffrn.ambient_temp_details   ? 
_diffrn.crystal_id             1 
# 
_diffrn_detector.diffrn_id              1 
_diffrn_detector.detector               CCD 
_diffrn_detector.type                   NOIR-1 
_diffrn_detector.pdbx_collection_date   2009-10-21 
_diffrn_detector.details                ? 
# 
_diffrn_radiation.diffrn_id                        1 
_diffrn_radiation.wavelength_id                    1 
_diffrn_radiation.pdbx_monochromatic_or_laue_m_l   M 
_diffrn_radiation.monochromator                    
'ROSENBAUM-ROCK SI(111) SAGITALLY                               FOCUSED MONOCHROMATOR' 
_diffrn_radiation.pdbx_diffrn_protocol             'SINGLE WAVELENGTH' 
_diffrn_radiation.pdbx_scattering_type             x-ray 
# 
_diffrn_radiation_wavelength.id           1 
_diffrn_radiation_wavelength.wavelength   0.9 
_diffrn_radiation_wavelength.wt           1.0 
# 
_diffrn_source.diffrn_id                   1 
_diffrn_source.source                      SYNCHROTRON 
_diffrn_source.type                        'ALS BEAMLINE 4.2.2' 
_diffrn_source.pdbx_synchrotron_site       ALS 
_diffrn_source.pdbx_synchrotron_beamline   4.2.2 
_diffrn_source.pdbx_wavelength             ? 
_diffrn_source.pdbx_wavelength_list        0.9 
# 
_reflns.entry_id                     4GQD 
_reflns.observed_criterion_sigma_I   2.0 
_reflns.observed_criterion_sigma_F   1.4 
_reflns.d_resolution_low             30.68 
_reflns.d_resolution_high            1.94 
_reflns.number_obs                   3538 
_reflns.number_all                   4793 
_reflns.percent_possible_obs         73.8 
_reflns.pdbx_Rmerge_I_obs            ? 
_reflns.pdbx_Rsym_value              ? 
_reflns.pdbx_netI_over_sigmaI        ? 
_reflns.B_iso_Wilson_estimate        4.6 
_reflns.pdbx_redundancy              ? 
_reflns.R_free_details               ? 
_reflns.limit_h_max                  ? 
_reflns.limit_h_min                  ? 
_reflns.limit_k_max                  ? 
_reflns.limit_k_min                  ? 
_reflns.limit_l_max                  ? 
_reflns.limit_l_min                  ? 
_reflns.observed_criterion_F_max     ? 
_reflns.observed_criterion_F_min     ? 
_reflns.pdbx_chi_squared             ? 
_reflns.pdbx_scaling_rejects         ? 
_reflns.pdbx_ordinal                 1 
_reflns.pdbx_diffrn_id               1 
# 
_reflns_shell.d_res_high             1.94 
_reflns_shell.d_res_low              2.06 
_reflns_shell.percent_possible_all   54.2 
_reflns_shell.Rmerge_I_obs           0.228 
_reflns_shell.pdbx_Rsym_value        0.268 
_reflns_shell.meanI_over_sigI_obs    3.25 
_reflns_shell.pdbx_redundancy        1.02 
_reflns_shell.percent_possible_obs   ? 
_reflns_shell.number_unique_all      638 
_reflns_shell.number_measured_all    ? 
_reflns_shell.number_measured_obs    ? 
_reflns_shell.number_unique_obs      ? 
_reflns_shell.pdbx_chi_squared       ? 
_reflns_shell.pdbx_ordinal           1 
_reflns_shell.pdbx_diffrn_id         1 
# 
_refine.entry_id                                 4GQD 
_refine.ls_number_reflns_obs                     3323 
_refine.ls_number_reflns_all                     4793 
_refine.pdbx_ls_sigma_I                          2.0 
_refine.pdbx_ls_sigma_F                          1.4 
_refine.pdbx_data_cutoff_high_absF               28646.87 
_refine.pdbx_data_cutoff_low_absF                0.000000 
_refine.pdbx_data_cutoff_high_rms_absF           ? 
_refine.ls_d_res_low                             30.68 
_refine.ls_d_res_high                            1.94 
_refine.ls_percent_reflns_obs                    81.0 
_refine.ls_R_factor_obs                          0.264 
_refine.ls_R_factor_all                          ? 
_refine.ls_R_factor_R_work                       0.264 
_refine.ls_R_factor_R_free                       0.300 
_refine.ls_R_factor_R_free_error                 0.023 
_refine.ls_R_factor_R_free_error_details         ? 
_refine.ls_percent_reflns_R_free                 5.2 
_refine.ls_number_reflns_R_free                  174 
_refine.ls_number_parameters                     ? 
_refine.ls_number_restraints                     ? 
_refine.occupancy_min                            ? 
_refine.occupancy_max                            ? 
_refine.correlation_coeff_Fo_to_Fc               ? 
_refine.correlation_coeff_Fo_to_Fc_free          ? 
_refine.B_iso_mean                               17.2 
_refine.aniso_B[1][1]                            1.08 
_refine.aniso_B[2][2]                            5.95 
_refine.aniso_B[3][3]                            -7.03 
_refine.aniso_B[1][2]                            0.00 
_refine.aniso_B[1][3]                            0.07 
_refine.aniso_B[2][3]                            0.00 
_refine.solvent_model_details                    'FLAT MODEL' 
_refine.solvent_model_param_ksol                 0.3 
_refine.solvent_model_param_bsol                 77.8587 
_refine.pdbx_solvent_vdw_probe_radii             ? 
_refine.pdbx_solvent_ion_probe_radii             ? 
_refine.pdbx_solvent_shrinkage_radii             ? 
_refine.pdbx_ls_cross_valid_method               THROUGHOUT 
_refine.details                                  'BULK SOLVENT MODEL USED' 
_refine.pdbx_starting_model                      2ORG 
_refine.pdbx_method_to_determine_struct          'MOLECULAR REPLACEMENT' 
_refine.pdbx_isotropic_thermal_model             RESTRAINED 
_refine.pdbx_stereochemistry_target_values       CNS 
_refine.pdbx_stereochem_target_val_spec_case     ? 
_refine.pdbx_R_Free_selection_details            RANDOM 
_refine.pdbx_overall_ESU_R                       ? 
_refine.pdbx_overall_ESU_R_Free                  ? 
_refine.overall_SU_ML                            ? 
_refine.pdbx_overall_phase_error                 ? 
_refine.overall_SU_B                             ? 
_refine.overall_SU_R_Cruickshank_DPI             ? 
_refine.ls_redundancy_reflns_obs                 ? 
_refine.B_iso_min                                ? 
_refine.B_iso_max                                ? 
_refine.overall_SU_R_free                        ? 
_refine.ls_wR_factor_R_free                      ? 
_refine.ls_wR_factor_R_work                      ? 
_refine.overall_FOM_free_R_set                   ? 
_refine.overall_FOM_work_R_set                   ? 
_refine.pdbx_diffrn_id                           1 
_refine.pdbx_refine_id                           'X-RAY DIFFRACTION' 
_refine.pdbx_TLS_residual_ADP_flag               ? 
_refine.pdbx_overall_SU_R_free_Cruickshank_DPI   ? 
_refine.pdbx_overall_SU_R_Blow_DPI               ? 
_refine.pdbx_overall_SU_R_free_Blow_DPI          ? 
# 
_refine_analyze.entry_id                        4GQD 
_refine_analyze.Luzzati_coordinate_error_obs    0.32 
_refine_analyze.Luzzati_sigma_a_obs             0.39 
_refine_analyze.Luzzati_d_res_low_obs           5.00 
_refine_analyze.Luzzati_coordinate_error_free   0.35 
_refine_analyze.Luzzati_sigma_a_free            0.41 
_refine_analyze.Luzzati_d_res_low_free          ? 
_refine_analyze.number_disordered_residues      ? 
_refine_analyze.occupancy_sum_hydrogen          ? 
_refine_analyze.occupancy_sum_non_hydrogen      ? 
_refine_analyze.pdbx_Luzzati_d_res_high_obs     ? 
_refine_analyze.pdbx_refine_id                  'X-RAY DIFFRACTION' 
# 
_refine_hist.pdbx_refine_id                   'X-RAY DIFFRACTION' 
_refine_hist.cycle_id                         LAST 
_refine_hist.pdbx_number_atoms_protein        0 
_refine_hist.pdbx_number_atoms_nucleic_acid   808 
_refine_hist.pdbx_number_atoms_ligand         3 
_refine_hist.number_atoms_solvent             93 
_refine_hist.number_atoms_total               904 
_refine_hist.d_res_high                       1.94 
_refine_hist.d_res_low                        30.68 
# 
loop_
_refine_ls_restr.type 
_refine_ls_restr.dev_ideal 
_refine_ls_restr.dev_ideal_target 
_refine_ls_restr.weight 
_refine_ls_restr.number 
_refine_ls_restr.pdbx_restraint_function 
_refine_ls_restr.pdbx_refine_id 
c_bond_d                0.005 ?    ? ? ? 'X-RAY DIFFRACTION' 
c_bond_d_na             ?     ?    ? ? ? 'X-RAY DIFFRACTION' 
c_bond_d_prot           ?     ?    ? ? ? 'X-RAY DIFFRACTION' 
c_angle_d               ?     ?    ? ? ? 'X-RAY DIFFRACTION' 
c_angle_d_na            ?     ?    ? ? ? 'X-RAY DIFFRACTION' 
c_angle_d_prot          ?     ?    ? ? ? 'X-RAY DIFFRACTION' 
c_angle_deg             1.0   ?    ? ? ? 'X-RAY DIFFRACTION' 
c_angle_deg_na          ?     ?    ? ? ? 'X-RAY DIFFRACTION' 
c_angle_deg_prot        ?     ?    ? ? ? 'X-RAY DIFFRACTION' 
c_dihedral_angle_d      21.3  ?    ? ? ? 'X-RAY DIFFRACTION' 
c_dihedral_angle_d_na   ?     ?    ? ? ? 'X-RAY DIFFRACTION' 
c_dihedral_angle_d_prot ?     ?    ? ? ? 'X-RAY DIFFRACTION' 
c_improper_angle_d      1.38  ?    ? ? ? 'X-RAY DIFFRACTION' 
c_improper_angle_d_na   ?     ?    ? ? ? 'X-RAY DIFFRACTION' 
c_improper_angle_d_prot ?     ?    ? ? ? 'X-RAY DIFFRACTION' 
c_mcbond_it             0.00  1.50 ? ? ? 'X-RAY DIFFRACTION' 
c_mcangle_it            0.00  2.00 ? ? ? 'X-RAY DIFFRACTION' 
c_scbond_it             1.54  2.00 ? ? ? 'X-RAY DIFFRACTION' 
c_scangle_it            2.16  2.50 ? ? ? 'X-RAY DIFFRACTION' 
# 
_refine_ls_shell.pdbx_total_number_of_bins_used   6 
_refine_ls_shell.d_res_high                       1.94 
_refine_ls_shell.d_res_low                        2.06 
_refine_ls_shell.number_reflns_R_work             351 
_refine_ls_shell.R_factor_R_work                  0.379 
_refine_ls_shell.percent_reflns_obs               54.2 
_refine_ls_shell.R_factor_R_free                  0.492 
_refine_ls_shell.R_factor_R_free_error            0.127 
_refine_ls_shell.percent_reflns_R_free            4.1 
_refine_ls_shell.number_reflns_R_free             15 
_refine_ls_shell.number_reflns_all                ? 
_refine_ls_shell.R_factor_all                     ? 
_refine_ls_shell.number_reflns_obs                ? 
_refine_ls_shell.redundancy_reflns_obs            ? 
_refine_ls_shell.pdbx_refine_id                   'X-RAY DIFFRACTION' 
# 
loop_
_pdbx_xplor_file.serial_no 
_pdbx_xplor_file.param_file 
_pdbx_xplor_file.topol_file 
_pdbx_xplor_file.pdbx_refine_id 
1 voth_topolo     voth_topolo 'X-RAY DIFFRACTION' 
2 ion.param       ?           'X-RAY DIFFRACTION' 
3 water_rep.param ?           'X-RAY DIFFRACTION' 
# 
_struct_ncs_dom.id            1 
_struct_ncs_dom.details       ? 
_struct_ncs_dom.pdbx_ens_id   1 
# 
_struct_ncs_ens.id        1 
_struct_ncs_ens.details   ? 
# 
_struct.entry_id                  4GQD 
_struct.title                     'DNA Holliday junction stabilized by chlorine halogen bond.' 
_struct.pdbx_model_details        ? 
_struct.pdbx_CASP_flag            ? 
_struct.pdbx_model_type_details   ? 
# 
_struct_keywords.entry_id        4GQD 
_struct_keywords.pdbx_keywords   DNA 
_struct_keywords.text            'DNA Holliday junction, halogen bond, DNA' 
# 
loop_
_struct_asym.id 
_struct_asym.pdbx_blank_PDB_chainid_flag 
_struct_asym.pdbx_modified 
_struct_asym.entity_id 
_struct_asym.details 
A N N 1 ? 
B N N 2 ? 
C N N 2 ? 
D N N 1 ? 
E N N 3 ? 
F N N 3 ? 
G N N 3 ? 
H N N 4 ? 
I N N 4 ? 
J N N 4 ? 
K N N 4 ? 
# 
_struct_biol.id        1 
_struct_biol.details   
;The biological assembly of this structure is the four stranded DNA Holliday junction. DNA Holliday junctions are generated from the two stranded asymmetric subunit through the two-fold symmetry operator at the center of the four-stranded junction.
;
# 
loop_
_struct_conn.id 
_struct_conn.conn_type_id 
_struct_conn.pdbx_leaving_atom_flag 
_struct_conn.pdbx_PDB_id 
_struct_conn.ptnr1_label_asym_id 
_struct_conn.ptnr1_label_comp_id 
_struct_conn.ptnr1_label_seq_id 
_struct_conn.ptnr1_label_atom_id 
_struct_conn.pdbx_ptnr1_label_alt_id 
_struct_conn.pdbx_ptnr1_PDB_ins_code 
_struct_conn.pdbx_ptnr1_standard_comp_id 
_struct_conn.ptnr1_symmetry 
_struct_conn.ptnr2_label_asym_id 
_struct_conn.ptnr2_label_comp_id 
_struct_conn.ptnr2_label_seq_id 
_struct_conn.ptnr2_label_atom_id 
_struct_conn.pdbx_ptnr2_label_alt_id 
_struct_conn.pdbx_ptnr2_PDB_ins_code 
_struct_conn.ptnr1_auth_asym_id 
_struct_conn.ptnr1_auth_comp_id 
_struct_conn.ptnr1_auth_seq_id 
_struct_conn.ptnr2_auth_asym_id 
_struct_conn.ptnr2_auth_comp_id 
_struct_conn.ptnr2_auth_seq_id 
_struct_conn.ptnr2_symmetry 
_struct_conn.pdbx_ptnr3_label_atom_id 
_struct_conn.pdbx_ptnr3_label_seq_id 
_struct_conn.pdbx_ptnr3_label_comp_id 
_struct_conn.pdbx_ptnr3_label_asym_id 
_struct_conn.pdbx_ptnr3_label_alt_id 
_struct_conn.pdbx_ptnr3_PDB_ins_code 
_struct_conn.details 
_struct_conn.pdbx_dist_value 
_struct_conn.pdbx_value_order 
_struct_conn.pdbx_role 
covale1  covale both ? A DA  6 "O3'" A ? ? 1_555 A UCL 7  P   A ? A DA  6   A UCL 7   1_555 ? ? ? ? ? ? ?            1.613 ? ? 
covale2  covale one  ? A UCL 7 "O3'" A ? ? 1_555 A DC  8  P   A ? A UCL 7   A DC  8   1_555 ? ? ? ? ? ? ?            1.608 ? ? 
covale3  covale both ? D DA  6 "O3'" B ? ? 1_555 D UCL 7  P   B ? D DA  36  D UCL 37  1_555 ? ? ? ? ? ? ?            1.603 ? ? 
covale4  covale one  ? D UCL 7 "O3'" B ? ? 1_555 D DC  8  P   B ? D UCL 37  D DC  38  1_555 ? ? ? ? ? ? ?            1.603 ? ? 
metalc1  metalc ?    ? B DC  2 O2    A ? ? 1_555 F NA  .  NA  ? ? B DC  12  B NA  101 1_555 ? ? ? ? ? ? ?            3.143 ? ? 
metalc2  metalc ?    ? B DG  9 OP1   A ? ? 1_555 G NA  .  NA  ? ? B DG  19  B NA  102 1_555 ? ? ? ? ? ? ?            2.569 ? ? 
metalc3  metalc ?    ? F NA  . NA    ? ? ? 1_555 I HOH .  O   ? ? B NA  101 B HOH 210 1_555 ? ? ? ? ? ? ?            2.770 ? ? 
metalc4  metalc ?    ? F NA  . NA    ? ? ? 1_555 D DC  2  O2  B ? B NA  101 D DC  32  1_555 ? ? ? ? ? ? ?            3.099 ? ? 
metalc5  metalc ?    ? F NA  . NA    ? ? ? 1_555 K HOH .  O   ? ? B NA  101 D HOH 128 1_555 ? ? ? ? ? ? ?            2.787 ? ? 
metalc6  metalc ?    ? G NA  . NA    ? ? ? 1_555 D DG  9  OP1 B ? B NA  102 D DG  39  1_555 ? ? ? ? ? ? ?            2.678 ? ? 
metalc7  metalc ?    ? G NA  . NA    ? ? ? 1_555 K HOH .  O   ? ? B NA  102 D HOH 123 1_555 ? ? ? ? ? ? ?            2.147 ? ? 
hydrog1  hydrog ?    ? A DC  1 O2    A ? ? 1_555 B DG  10 N2  A ? A DC  1   B DG  20  1_555 ? ? ? ? ? ? 'DC-DG PAIR' ?     ? ? 
hydrog2  hydrog ?    ? A DC  2 N3    A ? ? 1_555 B DG  9  N1  A ? A DC  2   B DG  19  1_555 ? ? ? ? ? ? WATSON-CRICK ?     ? ? 
hydrog3  hydrog ?    ? A DC  2 N4    A ? ? 1_555 B DG  9  O6  A ? A DC  2   B DG  19  1_555 ? ? ? ? ? ? WATSON-CRICK ?     ? ? 
hydrog4  hydrog ?    ? A DC  2 O2    A ? ? 1_555 B DG  9  N2  A ? A DC  2   B DG  19  1_555 ? ? ? ? ? ? WATSON-CRICK ?     ? ? 
hydrog5  hydrog ?    ? A DG  3 N1    A ? ? 1_555 B DC  8  O2  A ? A DG  3   B DC  18  1_555 ? ? ? ? ? ? 'DG-DC PAIR' ?     ? ? 
hydrog6  hydrog ?    ? A DG  4 N1    A ? ? 1_555 B DC  7  N3  A ? A DG  4   B DC  17  1_555 ? ? ? ? ? ? WATSON-CRICK ?     ? ? 
hydrog7  hydrog ?    ? A DG  4 N2    A ? ? 1_555 B DC  7  O2  A ? A DG  4   B DC  17  1_555 ? ? ? ? ? ? WATSON-CRICK ?     ? ? 
hydrog8  hydrog ?    ? A DG  4 O6    A ? ? 1_555 B DC  7  N4  A ? A DG  4   B DC  17  1_555 ? ? ? ? ? ? WATSON-CRICK ?     ? ? 
hydrog9  hydrog ?    ? A DA  6 N1    A ? ? 1_555 B DT  5  N3  A ? A DA  6   B DT  15  1_555 ? ? ? ? ? ? WATSON-CRICK ?     ? ? 
hydrog10 hydrog ?    ? A DA  6 N6    A ? ? 1_555 B DT  5  O4  A ? A DA  6   B DT  15  1_555 ? ? ? ? ? ? WATSON-CRICK ?     ? ? 
# 
loop_
_struct_conn_type.id 
_struct_conn_type.criteria 
_struct_conn_type.reference 
covale ? ? 
metalc ? ? 
hydrog ? ? 
# 
loop_
_struct_site.id 
_struct_site.pdbx_evidence_code 
_struct_site.pdbx_auth_asym_id 
_struct_site.pdbx_auth_comp_id 
_struct_site.pdbx_auth_seq_id 
_struct_site.pdbx_auth_ins_code 
_struct_site.pdbx_num_residues 
_struct_site.details 
AC1 Software A NA 101 ? 5 'BINDING SITE FOR RESIDUE NA A 101' 
AC2 Software B NA 101 ? 6 'BINDING SITE FOR RESIDUE NA B 101' 
AC3 Software B NA 102 ? 3 'BINDING SITE FOR RESIDUE NA B 102' 
# 
loop_
_struct_site_gen.id 
_struct_site_gen.site_id 
_struct_site_gen.pdbx_num_res 
_struct_site_gen.label_comp_id 
_struct_site_gen.label_asym_id 
_struct_site_gen.label_seq_id 
_struct_site_gen.pdbx_auth_ins_code 
_struct_site_gen.auth_comp_id 
_struct_site_gen.auth_asym_id 
_struct_site_gen.auth_seq_id 
_struct_site_gen.label_atom_id 
_struct_site_gen.label_alt_id 
_struct_site_gen.symmetry 
_struct_site_gen.details 
1  AC1 5 DG  A 3 ? DG  A 3   . ? 2_656 ? 
2  AC1 5 DG  A 4 ? DG  A 4   . ? 2_656 ? 
3  AC1 5 DG  C 3 ? DG  C 23  . ? 2_656 ? 
4  AC1 5 DA  C 4 ? DA  C 24  . ? 2_656 ? 
5  AC1 5 HOH J . ? HOH C 110 . ? 2_656 ? 
6  AC2 6 DC  B 2 ? DC  B 12  . ? 1_555 ? 
7  AC2 6 DG  B 3 ? DG  B 13  . ? 1_555 ? 
8  AC2 6 HOH I . ? HOH B 210 . ? 1_555 ? 
9  AC2 6 DC  D 2 ? DC  D 32  . ? 1_555 ? 
10 AC2 6 DG  D 3 ? DG  D 33  . ? 1_555 ? 
11 AC2 6 HOH K . ? HOH D 128 . ? 1_555 ? 
12 AC3 3 DG  B 9 ? DG  B 19  . ? 1_555 ? 
13 AC3 3 DG  D 9 ? DG  D 39  . ? 1_555 ? 
14 AC3 3 HOH K . ? HOH D 123 . ? 1_555 ? 
# 
_atom_sites.entry_id                    4GQD 
_atom_sites.fract_transf_matrix[1][1]   -0.00364595 
_atom_sites.fract_transf_matrix[1][2]   -0.00367877 
_atom_sites.fract_transf_matrix[1][3]   -0.01545232 
_atom_sites.fract_transf_matrix[2][1]   0.04020691 
_atom_sites.fract_transf_matrix[2][2]   0.00754429 
_atom_sites.fract_transf_matrix[2][3]   -0.01128283 
_atom_sites.fract_transf_matrix[3][1]   0.00383704 
_atom_sites.fract_transf_matrix[3][2]   -0.02800356 
_atom_sites.fract_transf_matrix[3][3]   -0.00505116 
_atom_sites.fract_transf_vector[1]      0.546076 
_atom_sites.fract_transf_vector[2]      0.659601 
_atom_sites.fract_transf_vector[3]      0.350300 
# 
loop_
_atom_type.symbol 
C  
CL 
N  
NA 
O  
P  
# 
loop_
_atom_site.group_PDB 
_atom_site.id 
_atom_site.type_symbol 
_atom_site.label_atom_id 
_atom_site.label_alt_id 
_atom_site.label_comp_id 
_atom_site.label_asym_id 
_atom_site.label_entity_id 
_atom_site.label_seq_id 
_atom_site.pdbx_PDB_ins_code 
_atom_site.Cartn_x 
_atom_site.Cartn_y 
_atom_site.Cartn_z 
_atom_site.occupancy 
_atom_site.B_iso_or_equiv 
_atom_site.pdbx_formal_charge 
_atom_site.auth_seq_id 
_atom_site.auth_comp_id 
_atom_site.auth_asym_id 
_atom_site.auth_atom_id 
_atom_site.pdbx_PDB_model_num 
ATOM   1   O  "O5'" A DC  A 1 1  ? -7.917  11.178  -8.930  0.63 4.67  ? 1   DC  A "O5'" 1 
ATOM   2   C  "C5'" A DC  A 1 1  ? -9.172  11.675  -9.408  0.63 5.19  ? 1   DC  A "C5'" 1 
ATOM   3   C  "C4'" A DC  A 1 1  ? -10.219 10.598  -9.589  0.63 3.67  ? 1   DC  A "C4'" 1 
ATOM   4   O  "O4'" A DC  A 1 1  ? -9.785  9.634   -10.571 0.63 5.51  ? 1   DC  A "O4'" 1 
ATOM   5   C  "C3'" A DC  A 1 1  ? -10.541 9.791   -8.333  0.63 6.01  ? 1   DC  A "C3'" 1 
ATOM   6   O  "O3'" A DC  A 1 1  ? -11.922 9.447   -8.358  0.63 4.75  ? 1   DC  A "O3'" 1 
ATOM   7   C  "C2'" A DC  A 1 1  ? -9.709  8.535   -8.516  0.63 5.89  ? 1   DC  A "C2'" 1 
ATOM   8   C  "C1'" A DC  A 1 1  ? -9.823  8.330   -10.013 0.63 4.63  ? 1   DC  A "C1'" 1 
ATOM   9   N  N1    A DC  A 1 1  ? -8.748  7.536   -10.634 0.63 7.48  ? 1   DC  A N1    1 
ATOM   10  C  C2    A DC  A 1 1  ? -8.867  6.148   -10.660 0.63 7.12  ? 1   DC  A C2    1 
ATOM   11  O  O2    A DC  A 1 1  ? -9.836  5.622   -10.097 0.63 9.82  ? 1   DC  A O2    1 
ATOM   12  N  N3    A DC  A 1 1  ? -7.921  5.412   -11.284 0.63 6.58  ? 1   DC  A N3    1 
ATOM   13  C  C4    A DC  A 1 1  ? -6.871  6.016   -11.841 0.63 8.19  ? 1   DC  A C4    1 
ATOM   14  N  N4    A DC  A 1 1  ? -5.965  5.255   -12.458 0.63 7.27  ? 1   DC  A N4    1 
ATOM   15  C  C5    A DC  A 1 1  ? -6.705  7.429   -11.797 0.63 9.00  ? 1   DC  A C5    1 
ATOM   16  C  C6    A DC  A 1 1  ? -7.663  8.144   -11.192 0.63 6.27  ? 1   DC  A C6    1 
ATOM   17  P  P     A DC  A 1 2  ? -12.873 9.912   -7.178  0.63 9.68  ? 2   DC  A P     1 
ATOM   18  O  OP1   A DC  A 1 2  ? -14.239 9.436   -7.516  0.63 12.32 ? 2   DC  A OP1   1 
ATOM   19  O  OP2   A DC  A 1 2  ? -12.630 11.357  -6.948  0.63 10.62 ? 2   DC  A OP2   1 
ATOM   20  O  "O5'" A DC  A 1 2  ? -12.331 9.084   -5.933  0.63 12.56 ? 2   DC  A "O5'" 1 
ATOM   21  C  "C5'" A DC  A 1 2  ? -12.755 7.743   -5.728  0.63 14.31 ? 2   DC  A "C5'" 1 
ATOM   22  C  "C4'" A DC  A 1 2  ? -11.937 7.093   -4.638  0.63 15.21 ? 2   DC  A "C4'" 1 
ATOM   23  O  "O4'" A DC  A 1 2  ? -10.667 6.634   -5.147  0.63 12.11 ? 2   DC  A "O4'" 1 
ATOM   24  C  "C3'" A DC  A 1 2  ? -11.623 7.988   -3.441  0.63 15.82 ? 2   DC  A "C3'" 1 
ATOM   25  O  "O3'" A DC  A 1 2  ? -11.830 7.249   -2.243  0.63 20.30 ? 2   DC  A "O3'" 1 
ATOM   26  C  "C2'" A DC  A 1 2  ? -10.147 8.313   -3.613  0.63 14.48 ? 2   DC  A "C2'" 1 
ATOM   27  C  "C1'" A DC  A 1 2  ? -9.617  7.067   -4.300  0.63 11.80 ? 2   DC  A "C1'" 1 
ATOM   28  N  N1    A DC  A 1 2  ? -8.432  7.265   -5.149  0.63 10.34 ? 2   DC  A N1    1 
ATOM   29  C  C2    A DC  A 1 2  ? -7.899  6.156   -5.803  0.63 6.91  ? 2   DC  A C2    1 
ATOM   30  O  O2    A DC  A 1 2  ? -8.387  5.046   -5.581  0.63 14.65 ? 2   DC  A O2    1 
ATOM   31  N  N3    A DC  A 1 2  ? -6.862  6.318   -6.649  0.63 6.21  ? 2   DC  A N3    1 
ATOM   32  C  C4    A DC  A 1 2  ? -6.337  7.528   -6.836  0.63 6.11  ? 2   DC  A C4    1 
ATOM   33  N  N4    A DC  A 1 2  ? -5.322  7.638   -7.698  0.63 8.92  ? 2   DC  A N4    1 
ATOM   34  C  C5    A DC  A 1 2  ? -6.831  8.675   -6.150  0.63 6.49  ? 2   DC  A C5    1 
ATOM   35  C  C6    A DC  A 1 2  ? -7.872  8.500   -5.321  0.63 7.27  ? 2   DC  A C6    1 
ATOM   36  P  P     A DG  A 1 3  ? -12.869 7.792   -1.147  0.63 25.68 ? 3   DG  A P     1 
ATOM   37  O  OP1   A DG  A 1 3  ? -14.023 8.416   -1.845  0.63 24.32 ? 3   DG  A OP1   1 
ATOM   38  O  OP2   A DG  A 1 3  ? -12.099 8.582   -0.145  0.63 24.02 ? 3   DG  A OP2   1 
ATOM   39  O  "O5'" A DG  A 1 3  ? -13.385 6.456   -0.461  0.63 25.18 ? 3   DG  A "O5'" 1 
ATOM   40  C  "C5'" A DG  A 1 3  ? -12.612 5.818   0.546   0.63 26.61 ? 3   DG  A "C5'" 1 
ATOM   41  C  "C4'" A DG  A 1 3  ? -12.073 4.503   0.038   0.63 25.47 ? 3   DG  A "C4'" 1 
ATOM   42  O  "O4'" A DG  A 1 3  ? -11.140 4.720   -1.049  0.63 24.88 ? 3   DG  A "O4'" 1 
ATOM   43  C  "C3'" A DG  A 1 3  ? -11.296 3.734   1.098   0.63 25.61 ? 3   DG  A "C3'" 1 
ATOM   44  O  "O3'" A DG  A 1 3  ? -11.530 2.348   0.912   0.63 26.76 ? 3   DG  A "O3'" 1 
ATOM   45  C  "C2'" A DG  A 1 3  ? -9.849  4.072   0.795   0.63 25.25 ? 3   DG  A "C2'" 1 
ATOM   46  C  "C1'" A DG  A 1 3  ? -9.860  4.188   -0.714  0.63 23.36 ? 3   DG  A "C1'" 1 
ATOM   47  N  N9    A DG  A 1 3  ? -8.844  5.091   -1.250  0.63 21.88 ? 3   DG  A N9    1 
ATOM   48  C  C8    A DG  A 1 3  ? -8.806  6.456   -1.110  0.63 22.00 ? 3   DG  A C8    1 
ATOM   49  N  N7    A DG  A 1 3  ? -7.803  7.009   -1.738  0.63 21.48 ? 3   DG  A N7    1 
ATOM   50  C  C5    A DG  A 1 3  ? -7.133  5.946   -2.319  0.63 21.29 ? 3   DG  A C5    1 
ATOM   51  C  C6    A DG  A 1 3  ? -5.984  5.935   -3.137  0.63 20.84 ? 3   DG  A C6    1 
ATOM   52  O  O6    A DG  A 1 3  ? -5.315  6.894   -3.538  0.63 20.89 ? 3   DG  A O6    1 
ATOM   53  N  N1    A DG  A 1 3  ? -5.631  4.644   -3.504  0.63 19.93 ? 3   DG  A N1    1 
ATOM   54  C  C2    A DG  A 1 3  ? -6.301  3.507   -3.135  0.63 19.36 ? 3   DG  A C2    1 
ATOM   55  N  N2    A DG  A 1 3  ? -5.780  2.354   -3.580  0.63 19.18 ? 3   DG  A N2    1 
ATOM   56  N  N3    A DG  A 1 3  ? -7.391  3.502   -2.383  0.63 21.24 ? 3   DG  A N3    1 
ATOM   57  C  C4    A DG  A 1 3  ? -7.749  4.750   -2.014  0.63 21.76 ? 3   DG  A C4    1 
ATOM   58  P  P     A DG  A 1 4  ? -11.414 1.362   2.159   0.63 25.40 ? 4   DG  A P     1 
ATOM   59  O  OP1   A DG  A 1 4  ? -12.727 0.698   2.302   0.63 28.03 ? 4   DG  A OP1   1 
ATOM   60  O  OP2   A DG  A 1 4  ? -10.846 2.133   3.299   0.63 27.37 ? 4   DG  A OP2   1 
ATOM   61  O  "O5'" A DG  A 1 4  ? -10.363 0.281   1.660   0.63 25.80 ? 4   DG  A "O5'" 1 
ATOM   62  C  "C5'" A DG  A 1 4  ? -10.678 -0.568  0.564   0.63 22.84 ? 4   DG  A "C5'" 1 
ATOM   63  C  "C4'" A DG  A 1 4  ? -9.486  -1.417  0.200   0.63 21.17 ? 4   DG  A "C4'" 1 
ATOM   64  O  "O4'" A DG  A 1 4  ? -8.463  -0.573  -0.372  0.63 20.92 ? 4   DG  A "O4'" 1 
ATOM   65  C  "C3'" A DG  A 1 4  ? -8.842  -2.137  1.381   0.63 20.85 ? 4   DG  A "C3'" 1 
ATOM   66  O  "O3'" A DG  A 1 4  ? -8.466  -3.466  1.016   0.63 21.57 ? 4   DG  A "O3'" 1 
ATOM   67  C  "C2'" A DG  A 1 4  ? -7.635  -1.282  1.715   0.63 19.87 ? 4   DG  A "C2'" 1 
ATOM   68  C  "C1'" A DG  A 1 4  ? -7.273  -0.600  0.401   0.63 19.11 ? 4   DG  A "C1'" 1 
ATOM   69  N  N9    A DG  A 1 4  ? -6.842  0.785   0.585   0.63 16.55 ? 4   DG  A N9    1 
ATOM   70  C  C8    A DG  A 1 4  ? -7.489  1.740   1.329   0.63 16.37 ? 4   DG  A C8    1 
ATOM   71  N  N7    A DG  A 1 4  ? -6.883  2.892   1.326   0.63 12.17 ? 4   DG  A N7    1 
ATOM   72  C  C5    A DG  A 1 4  ? -5.767  2.692   0.529   0.63 11.43 ? 4   DG  A C5    1 
ATOM   73  C  C6    A DG  A 1 4  ? -4.749  3.594   0.148   0.63 10.00 ? 4   DG  A C6    1 
ATOM   74  O  O6    A DG  A 1 4  ? -4.639  4.789   0.439   0.63 8.25  ? 4   DG  A O6    1 
ATOM   75  N  N1    A DG  A 1 4  ? -3.798  2.983   -0.660  0.63 10.69 ? 4   DG  A N1    1 
ATOM   76  C  C2    A DG  A 1 4  ? -3.836  1.664   -1.059  0.63 9.68  ? 4   DG  A C2    1 
ATOM   77  N  N2    A DG  A 1 4  ? -2.815  1.237   -1.808  0.63 9.91  ? 4   DG  A N2    1 
ATOM   78  N  N3    A DG  A 1 4  ? -4.800  0.821   -0.732  0.63 10.99 ? 4   DG  A N3    1 
ATOM   79  C  C4    A DG  A 1 4  ? -5.723  1.396   0.063   0.63 12.02 ? 4   DG  A C4    1 
ATOM   80  P  P     A DT  A 1 5  ? -7.683  -4.385  2.073   0.63 21.28 ? 5   DT  A P     1 
ATOM   81  O  OP1   A DT  A 1 5  ? -7.983  -5.801  1.766   0.63 22.07 ? 5   DT  A OP1   1 
ATOM   82  O  OP2   A DT  A 1 5  ? -7.960  -3.848  3.430   0.63 20.51 ? 5   DT  A OP2   1 
ATOM   83  O  "O5'" A DT  A 1 5  ? -6.168  -4.098  1.692   0.63 19.86 ? 5   DT  A "O5'" 1 
ATOM   84  C  "C5'" A DT  A 1 5  ? -5.787  -4.030  0.320   0.63 17.47 ? 5   DT  A "C5'" 1 
ATOM   85  C  "C4'" A DT  A 1 5  ? -4.350  -3.589  0.188   0.63 14.14 ? 5   DT  A "C4'" 1 
ATOM   86  O  "O4'" A DT  A 1 5  ? -4.238  -2.168  0.442   0.63 15.31 ? 5   DT  A "O4'" 1 
ATOM   87  C  "C3'" A DT  A 1 5  ? -3.366  -4.280  1.138   0.63 15.31 ? 5   DT  A "C3'" 1 
ATOM   88  O  "O3'" A DT  A 1 5  ? -2.193  -4.669  0.408   0.63 14.48 ? 5   DT  A "O3'" 1 
ATOM   89  C  "C2'" A DT  A 1 5  ? -3.053  -3.204  2.173   0.63 13.94 ? 5   DT  A "C2'" 1 
ATOM   90  C  "C1'" A DT  A 1 5  ? -3.180  -1.925  1.357   0.63 15.11 ? 5   DT  A "C1'" 1 
ATOM   91  N  N1    A DT  A 1 5  ? -3.497  -0.679  2.098   0.63 13.77 ? 5   DT  A N1    1 
ATOM   92  C  C2    A DT  A 1 5  ? -2.826  0.468   1.728   0.63 12.46 ? 5   DT  A C2    1 
ATOM   93  O  O2    A DT  A 1 5  ? -1.943  0.481   0.893   0.63 13.55 ? 5   DT  A O2    1 
ATOM   94  N  N3    A DT  A 1 5  ? -3.220  1.604   2.383   0.63 14.83 ? 5   DT  A N3    1 
ATOM   95  C  C4    A DT  A 1 5  ? -4.175  1.706   3.372   0.63 14.94 ? 5   DT  A C4    1 
ATOM   96  O  O4    A DT  A 1 5  ? -4.446  2.807   3.849   0.63 15.58 ? 5   DT  A O4    1 
ATOM   97  C  C5    A DT  A 1 5  ? -4.799  0.455   3.758   0.63 15.38 ? 5   DT  A C5    1 
ATOM   98  C  C7    A DT  A 1 5  ? -5.801  0.458   4.868   0.63 14.94 ? 5   DT  A C7    1 
ATOM   99  C  C6    A DT  A 1 5  ? -4.441  -0.659  3.101   0.63 13.39 ? 5   DT  A C6    1 
ATOM   100 P  P     A DA  A 1 6  ? -1.307  -5.909  0.915   0.63 16.62 ? 6   DA  A P     1 
ATOM   101 O  OP1   A DA  A 1 6  ? -1.379  -7.034  -0.055  0.63 14.91 ? 6   DA  A OP1   1 
ATOM   102 O  OP2   A DA  A 1 6  ? -1.652  -6.149  2.348   0.63 16.15 ? 6   DA  A OP2   1 
ATOM   103 O  "O5'" A DA  A 1 6  ? 0.179   -5.344  0.878   0.63 14.64 ? 6   DA  A "O5'" 1 
ATOM   104 C  "C5'" A DA  A 1 6  ? 0.743   -4.824  -0.314  0.63 9.77  ? 6   DA  A "C5'" 1 
ATOM   105 C  "C4'" A DA  A 1 6  ? 1.924   -3.947  0.026   0.63 9.62  ? 6   DA  A "C4'" 1 
ATOM   106 O  "O4'" A DA  A 1 6  ? 1.437   -2.790  0.761   0.63 9.42  ? 6   DA  A "O4'" 1 
ATOM   107 C  "C3'" A DA  A 1 6  ? 2.952   -4.628  0.935   0.63 9.65  ? 6   DA  A "C3'" 1 
ATOM   108 O  "O3'" A DA  A 1 6  ? 4.291   -4.245  0.578   0.63 12.93 ? 6   DA  A "O3'" 1 
ATOM   109 C  "C2'" A DA  A 1 6  ? 2.592   -4.099  2.314   0.63 6.83  ? 6   DA  A "C2'" 1 
ATOM   110 C  "C1'" A DA  A 1 6  ? 2.122   -2.685  2.000   0.63 8.76  ? 6   DA  A "C1'" 1 
ATOM   111 N  N9    A DA  A 1 6  ? 1.210   -2.082  2.977   0.63 4.58  ? 6   DA  A N9    1 
ATOM   112 C  C8    A DA  A 1 6  ? 0.344   -2.726  3.832   0.63 2.92  ? 6   DA  A C8    1 
ATOM   113 N  N7    A DA  A 1 6  ? -0.357  -1.915  4.585   0.63 1.58  ? 6   DA  A N7    1 
ATOM   114 C  C5    A DA  A 1 6  ? 0.070   -0.649  4.204   0.63 2.47  ? 6   DA  A C5    1 
ATOM   115 C  C6    A DA  A 1 6  ? -0.308  0.642   4.616   0.63 4.27  ? 6   DA  A C6    1 
ATOM   116 N  N6    A DA  A 1 6  ? -1.261  0.888   5.523   0.63 6.04  ? 6   DA  A N6    1 
ATOM   117 N  N1    A DA  A 1 6  ? 0.321   1.691   4.047   0.63 4.53  ? 6   DA  A N1    1 
ATOM   118 C  C2    A DA  A 1 6  ? 1.251   1.450   3.113   0.63 4.85  ? 6   DA  A C2    1 
ATOM   119 N  N3    A DA  A 1 6  ? 1.680   0.291   2.630   0.63 4.26  ? 6   DA  A N3    1 
ATOM   120 C  C4    A DA  A 1 6  ? 1.043   -0.736  3.224   0.63 4.94  ? 6   DA  A C4    1 
HETATM 121 P  P     A UCL A 1 7  ? 5.223   -5.263  -0.257  0.63 16.03 ? 7   UCL A P     1 
HETATM 122 O  O1P   A UCL A 1 7  ? 4.410   -5.691  -1.418  0.63 18.01 ? 7   UCL A O1P   1 
HETATM 123 O  O2P   A UCL A 1 7  ? 6.559   -4.661  -0.487  0.63 12.47 ? 7   UCL A O2P   1 
HETATM 124 O  "O5'" A UCL A 1 7  ? 5.417   -6.523  0.701   0.63 15.74 ? 7   UCL A "O5'" 1 
HETATM 125 C  "C5'" A UCL A 1 7  ? 6.222   -6.435  1.882   0.63 15.99 ? 7   UCL A "C5'" 1 
HETATM 126 C  "C4'" A UCL A 1 7  ? 6.828   -7.780  2.219   0.63 13.75 ? 7   UCL A "C4'" 1 
HETATM 127 O  "O4'" A UCL A 1 7  ? 5.792   -8.725  2.591   0.63 12.05 ? 7   UCL A "O4'" 1 
HETATM 128 C  "C3'" A UCL A 1 7  ? 7.617   -8.436  1.089   0.63 13.51 ? 7   UCL A "C3'" 1 
HETATM 129 O  "O3'" A UCL A 1 7  ? 8.781   -9.074  1.623   0.63 16.07 ? 7   UCL A "O3'" 1 
HETATM 130 C  "C2'" A UCL A 1 7  ? 6.632   -9.441  0.510   0.63 10.01 ? 7   UCL A "C2'" 1 
HETATM 131 C  "C1'" A UCL A 1 7  ? 5.775   -9.837  1.710   0.63 7.10  ? 7   UCL A "C1'" 1 
HETATM 132 N  N1    A UCL A 1 7  ? 4.364   -10.136 1.401   0.63 2.99  ? 7   UCL A N1    1 
HETATM 133 C  C2    A UCL A 1 7  ? 4.030   -11.425 1.052   0.63 1.58  ? 7   UCL A C2    1 
HETATM 134 O  O2    A UCL A 1 7  ? 4.836   -12.315 0.964   0.63 3.64  ? 7   UCL A O2    1 
HETATM 135 N  N3    A UCL A 1 7  ? 2.694   -11.638 0.806   0.63 1.63  ? 7   UCL A N3    1 
HETATM 136 C  C4    A UCL A 1 7  ? 1.686   -10.733 0.872   0.63 2.21  ? 7   UCL A C4    1 
HETATM 137 O  O4    A UCL A 1 7  ? 0.528   -11.103 0.672   0.63 1.58  ? 7   UCL A O4    1 
HETATM 138 C  C5    A UCL A 1 7  ? 2.098   -9.420  1.226   0.63 1.58  ? 7   UCL A C5    1 
HETATM 139 C  C6    A UCL A 1 7  ? 3.391   -9.165  1.469   0.63 1.58  ? 7   UCL A C6    1 
HETATM 140 CL CL    A UCL A 1 7  ? 0.850   -8.250  1.308   0.63 1.58  ? 7   UCL A CL    1 
ATOM   141 P  P     A DC  A 1 8  ? 10.236  -8.655  1.083   0.63 17.17 ? 8   DC  A P     1 
ATOM   142 O  OP1   A DC  A 1 8  ? 11.276  -9.204  1.977   0.63 17.33 ? 8   DC  A OP1   1 
ATOM   143 O  OP2   A DC  A 1 8  ? 10.213  -7.200  0.786   0.63 20.19 ? 8   DC  A OP2   1 
ATOM   144 O  "O5'" A DC  A 1 8  ? 10.366  -9.444  -0.287  0.63 17.72 ? 8   DC  A "O5'" 1 
ATOM   145 C  "C5'" A DC  A 1 8  ? 10.572  -10.850 -0.294  0.63 16.08 ? 8   DC  A "C5'" 1 
ATOM   146 C  "C4'" A DC  A 1 8  ? 10.320  -11.392 -1.679  0.63 15.97 ? 8   DC  A "C4'" 1 
ATOM   147 O  "O4'" A DC  A 1 8  ? 8.902   -11.357 -1.976  0.63 14.03 ? 8   DC  A "O4'" 1 
ATOM   148 C  "C3'" A DC  A 1 8  ? 10.987  -10.545 -2.759  0.63 15.40 ? 8   DC  A "C3'" 1 
ATOM   149 O  "O3'" A DC  A 1 8  ? 11.428  -11.391 -3.810  0.63 18.86 ? 8   DC  A "O3'" 1 
ATOM   150 C  "C2'" A DC  A 1 8  ? 9.854   -9.668  -3.247  0.63 13.91 ? 8   DC  A "C2'" 1 
ATOM   151 C  "C1'" A DC  A 1 8  ? 8.702   -10.640 -3.175  0.63 10.98 ? 8   DC  A "C1'" 1 
ATOM   152 N  N1    A DC  A 1 8  ? 7.358   -10.056 -3.136  0.63 11.13 ? 8   DC  A N1    1 
ATOM   153 C  C2    A DC  A 1 8  ? 6.269   -10.919 -3.107  0.63 7.98  ? 8   DC  A C2    1 
ATOM   154 O  O2    A DC  A 1 8  ? 6.476   -12.140 -3.126  0.63 12.24 ? 8   DC  A O2    1 
ATOM   155 N  N3    A DC  A 1 8  ? 5.025   -10.412 -3.064  0.63 10.49 ? 8   DC  A N3    1 
ATOM   156 C  C4    A DC  A 1 8  ? 4.846   -9.093  -3.058  0.63 8.74  ? 8   DC  A C4    1 
ATOM   157 N  N4    A DC  A 1 8  ? 3.604   -8.640  -3.001  0.63 10.97 ? 8   DC  A N4    1 
ATOM   158 C  C5    A DC  A 1 8  ? 5.936   -8.187  -3.101  0.63 9.04  ? 8   DC  A C5    1 
ATOM   159 C  C6    A DC  A 1 8  ? 7.167   -8.707  -3.135  0.63 9.24  ? 8   DC  A C6    1 
ATOM   160 P  P     A DG  A 1 9  ? 12.991  -11.531 -4.101  0.63 21.83 ? 9   DG  A P     1 
ATOM   161 O  OP1   A DG  A 1 9  ? 13.646  -11.949 -2.833  0.63 23.39 ? 9   DG  A OP1   1 
ATOM   162 O  OP2   A DG  A 1 9  ? 13.420  -10.281 -4.783  0.63 21.92 ? 9   DG  A OP2   1 
ATOM   163 O  "O5'" A DG  A 1 9  ? 13.070  -12.766 -5.100  0.63 21.39 ? 9   DG  A "O5'" 1 
ATOM   164 C  "C5'" A DG  A 1 9  ? 12.681  -14.068 -4.664  0.63 20.46 ? 9   DG  A "C5'" 1 
ATOM   165 C  "C4'" A DG  A 1 9  ? 11.740  -14.693 -5.667  0.63 18.94 ? 9   DG  A "C4'" 1 
ATOM   166 O  "O4'" A DG  A 1 9  ? 10.520  -13.921 -5.734  0.63 17.46 ? 9   DG  A "O4'" 1 
ATOM   167 C  "C3'" A DG  A 1 9  ? 12.277  -14.727 -7.094  0.63 19.22 ? 9   DG  A "C3'" 1 
ATOM   168 O  "O3'" A DG  A 1 9  ? 11.676  -15.824 -7.772  0.63 21.07 ? 9   DG  A "O3'" 1 
ATOM   169 C  "C2'" A DG  A 1 9  ? 11.711  -13.454 -7.684  0.63 19.19 ? 9   DG  A "C2'" 1 
ATOM   170 C  "C1'" A DG  A 1 9  ? 10.333  -13.446 -7.056  0.63 18.80 ? 9   DG  A "C1'" 1 
ATOM   171 N  N9    A DG  A 1 9  ? 9.706   -12.135 -6.973  0.63 17.75 ? 9   DG  A N9    1 
ATOM   172 C  C8    A DG  A 1 9  ? 10.333  -10.917 -6.928  0.63 19.79 ? 9   DG  A C8    1 
ATOM   173 N  N7    A DG  A 1 9  ? 9.502   -9.918  -6.837  0.63 19.64 ? 9   DG  A N7    1 
ATOM   174 C  C5    A DG  A 1 9  ? 8.251   -10.515 -6.822  0.63 18.39 ? 9   DG  A C5    1 
ATOM   175 C  C6    A DG  A 1 9  ? 6.968   -9.939  -6.736  0.63 19.62 ? 9   DG  A C6    1 
ATOM   176 O  O6    A DG  A 1 9  ? 6.664   -8.746  -6.647  0.63 18.72 ? 9   DG  A O6    1 
ATOM   177 N  N1    A DG  A 1 9  ? 5.972   -10.906 -6.764  0.63 17.71 ? 9   DG  A N1    1 
ATOM   178 C  C2    A DG  A 1 9  ? 6.185   -12.254 -6.859  0.63 17.35 ? 9   DG  A C2    1 
ATOM   179 N  N2    A DG  A 1 9  ? 5.093   -13.024 -6.867  0.63 16.63 ? 9   DG  A N2    1 
ATOM   180 N  N3    A DG  A 1 9  ? 7.381   -12.805 -6.940  0.63 17.72 ? 9   DG  A N3    1 
ATOM   181 C  C4    A DG  A 1 9  ? 8.361   -11.882 -6.914  0.63 17.77 ? 9   DG  A C4    1 
ATOM   182 P  P     A DG  A 1 10 ? 12.455  -17.218 -7.899  0.63 23.38 ? 10  DG  A P     1 
ATOM   183 O  OP1   A DG  A 1 10 ? 12.415  -17.945 -6.602  0.63 21.97 ? 10  DG  A OP1   1 
ATOM   184 O  OP2   A DG  A 1 10 ? 13.767  -16.940 -8.543  0.63 18.75 ? 10  DG  A OP2   1 
ATOM   185 O  "O5'" A DG  A 1 10 ? 11.541  -18.023 -8.928  0.63 21.92 ? 10  DG  A "O5'" 1 
ATOM   186 C  "C5'" A DG  A 1 10 ? 10.372  -18.709 -8.484  0.63 23.17 ? 10  DG  A "C5'" 1 
ATOM   187 C  "C4'" A DG  A 1 10 ? 9.282   -18.639 -9.531  0.63 22.01 ? 10  DG  A "C4'" 1 
ATOM   188 O  "O4'" A DG  A 1 10 ? 8.715   -17.311 -9.579  0.63 22.80 ? 10  DG  A "O4'" 1 
ATOM   189 C  "C3'" A DG  A 1 10 ? 9.728   -18.952 -10.957 0.63 23.16 ? 10  DG  A "C3'" 1 
ATOM   190 O  "O3'" A DG  A 1 10 ? 8.601   -19.438 -11.683 0.63 22.33 ? 10  DG  A "O3'" 1 
ATOM   191 C  "C2'" A DG  A 1 10 ? 10.028  -17.575 -11.516 0.63 22.46 ? 10  DG  A "C2'" 1 
ATOM   192 C  "C1'" A DG  A 1 10 ? 8.952   -16.725 -10.852 0.63 23.23 ? 10  DG  A "C1'" 1 
ATOM   193 N  N9    A DG  A 1 10 ? 9.341   -15.338 -10.626 0.63 24.30 ? 10  DG  A N9    1 
ATOM   194 C  C8    A DG  A 1 10 ? 10.618  -14.849 -10.498 0.63 25.52 ? 10  DG  A C8    1 
ATOM   195 N  N7    A DG  A 1 10 ? 10.655  -13.564 -10.283 0.63 25.44 ? 10  DG  A N7    1 
ATOM   196 C  C5    A DG  A 1 10 ? 9.322   -13.180 -10.273 0.63 24.86 ? 10  DG  A C5    1 
ATOM   197 C  C6    A DG  A 1 10 ? 8.737   -11.907 -10.069 0.63 24.27 ? 10  DG  A C6    1 
ATOM   198 O  O6    A DG  A 1 10 ? 9.297   -10.831 -9.854  0.63 26.44 ? 10  DG  A O6    1 
ATOM   199 N  N1    A DG  A 1 10 ? 7.349   -11.968 -10.128 0.63 24.89 ? 10  DG  A N1    1 
ATOM   200 C  C2    A DG  A 1 10 ? 6.617   -13.104 -10.358 0.63 24.34 ? 10  DG  A C2    1 
ATOM   201 N  N2    A DG  A 1 10 ? 5.283   -12.956 -10.375 0.63 25.48 ? 10  DG  A N2    1 
ATOM   202 N  N3    A DG  A 1 10 ? 7.151   -14.297 -10.552 0.63 23.54 ? 10  DG  A N3    1 
ATOM   203 C  C4    A DG  A 1 10 ? 8.498   -14.262 -10.491 0.63 24.27 ? 10  DG  A C4    1 
ATOM   204 O  "O5'" A DC  B 2 1  ? 5.742   -4.972  14.629  0.63 20.10 ? 11  DC  B "O5'" 1 
ATOM   205 C  "C5'" A DC  B 2 1  ? 7.116   -4.760  14.988  0.63 18.29 ? 11  DC  B "C5'" 1 
ATOM   206 C  "C4'" A DC  B 2 1  ? 7.294   -3.796  16.140  0.63 16.87 ? 11  DC  B "C4'" 1 
ATOM   207 O  "O4'" A DC  B 2 1  ? 8.608   -3.188  16.044  0.63 15.64 ? 11  DC  B "O4'" 1 
ATOM   208 C  "C3'" A DC  B 2 1  ? 6.303   -2.635  16.130  0.63 15.18 ? 11  DC  B "C3'" 1 
ATOM   209 O  "O3'" A DC  B 2 1  ? 6.010   -2.224  17.470  0.63 16.34 ? 11  DC  B "O3'" 1 
ATOM   210 C  "C2'" A DC  B 2 1  ? 7.062   -1.550  15.391  0.63 14.04 ? 11  DC  B "C2'" 1 
ATOM   211 C  "C1'" A DC  B 2 1  ? 8.485   -1.789  15.862  0.63 12.03 ? 11  DC  B "C1'" 1 
ATOM   212 N  N1    A DC  B 2 1  ? 9.516   -1.359  14.906  0.63 11.95 ? 11  DC  B N1    1 
ATOM   213 C  C2    A DC  B 2 1  ? 9.881   -0.017  14.883  0.63 9.02  ? 11  DC  B C2    1 
ATOM   214 O  O2    A DC  B 2 1  ? 9.334   0.758   15.668  0.63 7.17  ? 11  DC  B O2    1 
ATOM   215 N  N3    A DC  B 2 1  ? 10.825  0.400   14.017  0.63 10.95 ? 11  DC  B N3    1 
ATOM   216 C  C4    A DC  B 2 1  ? 11.407  -0.475  13.198  0.63 11.76 ? 11  DC  B C4    1 
ATOM   217 N  N4    A DC  B 2 1  ? 12.355  -0.020  12.370  0.63 13.38 ? 11  DC  B N4    1 
ATOM   218 C  C5    A DC  B 2 1  ? 11.051  -1.851  13.195  0.63 11.35 ? 11  DC  B C5    1 
ATOM   219 C  C6    A DC  B 2 1  ? 10.109  -2.249  14.058  0.63 12.17 ? 11  DC  B C6    1 
ATOM   220 P  P     A DC  B 2 2  ? 4.606   -2.626  18.122  0.63 17.00 ? 12  DC  B P     1 
ATOM   221 O  OP1   A DC  B 2 2  ? 4.619   -2.252  19.562  0.63 17.37 ? 12  DC  B OP1   1 
ATOM   222 O  OP2   A DC  B 2 2  ? 4.419   -4.045  17.726  0.63 17.29 ? 12  DC  B OP2   1 
ATOM   223 O  "O5'" A DC  B 2 2  ? 3.530   -1.739  17.349  0.63 16.72 ? 12  DC  B "O5'" 1 
ATOM   224 C  "C5'" A DC  B 2 2  ? 3.352   -0.360  17.666  0.63 15.27 ? 12  DC  B "C5'" 1 
ATOM   225 C  "C4'" A DC  B 2 2  ? 2.754   0.383   16.491  0.63 13.08 ? 12  DC  B "C4'" 1 
ATOM   226 O  "O4'" A DC  B 2 2  ? 3.648   0.334   15.356  0.63 11.61 ? 12  DC  B "O4'" 1 
ATOM   227 C  "C3'" A DC  B 2 2  ? 1.412   -0.137  15.977  0.63 13.70 ? 12  DC  B "C3'" 1 
ATOM   228 O  "O3'" A DC  B 2 2  ? 0.615   0.976   15.586  0.63 14.31 ? 12  DC  B "O3'" 1 
ATOM   229 C  "C2'" A DC  B 2 2  ? 1.795   -0.926  14.736  0.63 13.24 ? 12  DC  B "C2'" 1 
ATOM   230 C  "C1'" A DC  B 2 2  ? 2.938   -0.093  14.208  0.63 10.76 ? 12  DC  B "C1'" 1 
ATOM   231 N  N1    A DC  B 2 2  ? 3.890   -0.784  13.333  0.63 8.39  ? 12  DC  B N1    1 
ATOM   232 C  C2    A DC  B 2 2  ? 4.865   -0.022  12.704  0.63 7.10  ? 12  DC  B C2    1 
ATOM   233 O  O2    A DC  B 2 2  ? 4.844   1.212   12.854  0.63 5.21  ? 12  DC  B O2    1 
ATOM   234 N  N3    A DC  B 2 2  ? 5.795   -0.637  11.941  0.63 5.36  ? 12  DC  B N3    1 
ATOM   235 C  C4    A DC  B 2 2  ? 5.761   -1.961  11.789  0.63 2.63  ? 12  DC  B C4    1 
ATOM   236 N  N4    A DC  B 2 2  ? 6.719   -2.529  11.060  0.63 1.76  ? 12  DC  B N4    1 
ATOM   237 C  C5    A DC  B 2 2  ? 4.751   -2.759  12.388  0.63 4.61  ? 12  DC  B C5    1 
ATOM   238 C  C6    A DC  B 2 2  ? 3.843   -2.136  13.149  0.63 7.31  ? 12  DC  B C6    1 
ATOM   239 P  P     A DG  B 2 3  ? -0.693  1.346   16.426  0.63 18.62 ? 13  DG  B P     1 
ATOM   240 O  OP1   A DG  B 2 3  ? -0.435  0.993   17.845  0.63 20.09 ? 13  DG  B OP1   1 
ATOM   241 O  OP2   A DG  B 2 3  ? -1.871  0.764   15.728  0.63 16.52 ? 13  DG  B OP2   1 
ATOM   242 O  "O5'" A DG  B 2 3  ? -0.768  2.931   16.310  0.63 17.86 ? 13  DG  B "O5'" 1 
ATOM   243 C  "C5'" A DG  B 2 3  ? -1.527  3.540   15.275  0.63 16.09 ? 13  DG  B "C5'" 1 
ATOM   244 C  "C4'" A DG  B 2 3  ? -0.636  4.400   14.413  0.63 12.42 ? 13  DG  B "C4'" 1 
ATOM   245 O  "O4'" A DG  B 2 3  ? 0.410   3.592   13.817  0.63 12.18 ? 13  DG  B "O4'" 1 
ATOM   246 C  "C3'" A DG  B 2 3  ? -1.360  5.067   13.250  0.63 10.62 ? 13  DG  B "C3'" 1 
ATOM   247 O  "O3'" A DG  B 2 3  ? -0.771  6.344   13.032  0.63 10.67 ? 13  DG  B "O3'" 1 
ATOM   248 C  "C2'" A DG  B 2 3  ? -1.048  4.152   12.080  0.63 9.89  ? 13  DG  B "C2'" 1 
ATOM   249 C  "C1'" A DG  B 2 3  ? 0.360   3.690   12.404  0.63 8.20  ? 13  DG  B "C1'" 1 
ATOM   250 N  N9    A DG  B 2 3  ? 0.690   2.381   11.861  0.63 6.88  ? 13  DG  B N9    1 
ATOM   251 C  C8    A DG  B 2 3  ? -0.058  1.235   11.974  0.63 3.50  ? 13  DG  B C8    1 
ATOM   252 N  N7    A DG  B 2 3  ? 0.496   0.205   11.404  0.63 1.58  ? 13  DG  B N7    1 
ATOM   253 C  C5    A DG  B 2 3  ? 1.685   0.700   10.883  0.63 1.95  ? 13  DG  B C5    1 
ATOM   254 C  C6    A DG  B 2 3  ? 2.706   0.045   10.166  0.63 1.58  ? 13  DG  B C6    1 
ATOM   255 O  O6    A DG  B 2 3  ? 2.760   -1.137  9.807   0.63 3.76  ? 13  DG  B O6    1 
ATOM   256 N  N1    A DG  B 2 3  ? 3.741   0.913   9.849   0.63 3.36  ? 13  DG  B N1    1 
ATOM   257 C  C2    A DG  B 2 3  ? 3.775   2.241   10.152  0.63 2.34  ? 13  DG  B C2    1 
ATOM   258 N  N2    A DG  B 2 3  ? 4.858   2.903   9.738   0.63 4.13  ? 13  DG  B N2    1 
ATOM   259 N  N3    A DG  B 2 3  ? 2.820   2.872   10.805  0.63 1.58  ? 13  DG  B N3    1 
ATOM   260 C  C4    A DG  B 2 3  ? 1.815   2.041   11.146  0.63 1.58  ? 13  DG  B C4    1 
ATOM   261 P  P     A DA  B 2 4  ? -1.700  7.637   12.918  0.63 9.03  ? 14  DA  B P     1 
ATOM   262 O  OP1   A DA  B 2 4  ? -1.685  8.317   14.234  0.63 11.33 ? 14  DA  B OP1   1 
ATOM   263 O  OP2   A DA  B 2 4  ? -2.993  7.256   12.295  0.63 10.70 ? 14  DA  B OP2   1 
ATOM   264 O  "O5'" A DA  B 2 4  ? -0.888  8.551   11.910  0.63 6.60  ? 14  DA  B "O5'" 1 
ATOM   265 C  "C5'" A DA  B 2 4  ? 0.409   9.025   12.256  0.63 6.52  ? 14  DA  B "C5'" 1 
ATOM   266 C  "C4'" A DA  B 2 4  ? 1.231   9.224   11.007  0.63 5.14  ? 14  DA  B "C4'" 1 
ATOM   267 O  "O4'" A DA  B 2 4  ? 1.444   7.933   10.383  0.63 5.80  ? 14  DA  B "O4'" 1 
ATOM   268 C  "C3'" A DA  B 2 4  ? 0.523   10.084  9.966   0.63 6.72  ? 14  DA  B "C3'" 1 
ATOM   269 O  "O3'" A DA  B 2 4  ? 1.469   10.892  9.258   0.63 6.34  ? 14  DA  B "O3'" 1 
ATOM   270 C  "C2'" A DA  B 2 4  ? -0.149  9.062   9.067   0.63 5.69  ? 14  DA  B "C2'" 1 
ATOM   271 C  "C1'" A DA  B 2 4  ? 0.817   7.884   9.110   0.63 4.29  ? 14  DA  B "C1'" 1 
ATOM   272 N  N9    A DA  B 2 4  ? 0.183   6.573   8.985   0.63 2.98  ? 14  DA  B N9    1 
ATOM   273 C  C8    A DA  B 2 4  ? -1.082  6.218   9.375   0.63 4.04  ? 14  DA  B C8    1 
ATOM   274 N  N7    A DA  B 2 4  ? -1.361  4.954   9.174   0.63 3.25  ? 14  DA  B N7    1 
ATOM   275 C  C5    A DA  B 2 4  ? -0.203  4.442   8.610   0.63 2.97  ? 14  DA  B C5    1 
ATOM   276 C  C6    A DA  B 2 4  ? 0.149   3.150   8.183   0.63 4.27  ? 14  DA  B C6    1 
ATOM   277 N  N6    A DA  B 2 4  ? -0.655  2.094   8.270   0.63 1.58  ? 14  DA  B N6    1 
ATOM   278 N  N1    A DA  B 2 4  ? 1.376   2.979   7.660   0.63 3.53  ? 14  DA  B N1    1 
ATOM   279 C  C2    A DA  B 2 4  ? 2.188   4.037   7.571   0.63 3.53  ? 14  DA  B C2    1 
ATOM   280 N  N3    A DA  B 2 4  ? 1.977   5.294   7.940   0.63 1.58  ? 14  DA  B N3    1 
ATOM   281 C  C4    A DA  B 2 4  ? 0.748   5.432   8.467   0.63 3.32  ? 14  DA  B C4    1 
ATOM   282 P  P     A DT  B 2 5  ? 1.024   11.634  7.903   0.63 7.60  ? 15  DT  B P     1 
ATOM   283 O  OP1   A DT  B 2 5  ? 2.010   12.706  7.611   0.63 2.99  ? 15  DT  B OP1   1 
ATOM   284 O  OP2   A DT  B 2 5  ? -0.416  11.965  8.005   0.63 4.50  ? 15  DT  B OP2   1 
ATOM   285 O  "O5'" A DT  B 2 5  ? 1.196   10.509  6.792   0.63 7.74  ? 15  DT  B "O5'" 1 
ATOM   286 C  "C5'" A DT  B 2 5  ? 2.460   9.879   6.615   0.63 15.09 ? 15  DT  B "C5'" 1 
ATOM   287 C  "C4'" A DT  B 2 5  ? 2.521   9.157   5.291   0.63 14.44 ? 15  DT  B "C4'" 1 
ATOM   288 O  "O4'" A DT  B 2 5  ? 1.928   7.845   5.382   0.63 14.00 ? 15  DT  B "O4'" 1 
ATOM   289 C  "C3'" A DT  B 2 5  ? 1.831   9.865   4.125   0.63 15.90 ? 15  DT  B "C3'" 1 
ATOM   290 O  "O3'" A DT  B 2 5  ? 2.649   9.716   2.970   0.63 18.67 ? 15  DT  B "O3'" 1 
ATOM   291 C  "C2'" A DT  B 2 5  ? 0.549   9.067   3.949   0.63 14.78 ? 15  DT  B "C2'" 1 
ATOM   292 C  "C1'" A DT  B 2 5  ? 1.036   7.670   4.298   0.63 15.96 ? 15  DT  B "C1'" 1 
ATOM   293 N  N1    A DT  B 2 5  ? 0.025   6.683   4.707   0.63 15.34 ? 15  DT  B N1    1 
ATOM   294 C  C2    A DT  B 2 5  ? 0.362   5.366   4.540   0.63 16.94 ? 15  DT  B C2    1 
ATOM   295 O  O2    A DT  B 2 5  ? 1.427   5.012   4.063   0.63 17.07 ? 15  DT  B O2    1 
ATOM   296 N  N3    A DT  B 2 5  ? -0.592  4.476   4.950   0.63 17.38 ? 15  DT  B N3    1 
ATOM   297 C  C4    A DT  B 2 5  ? -1.823  4.767   5.498   0.63 17.15 ? 15  DT  B C4    1 
ATOM   298 O  O4    A DT  B 2 5  ? -2.567  3.861   5.841   0.63 17.40 ? 15  DT  B O4    1 
ATOM   299 C  C5    A DT  B 2 5  ? -2.124  6.166   5.628   0.63 17.10 ? 15  DT  B C5    1 
ATOM   300 C  C7    A DT  B 2 5  ? -3.451  6.568   6.188   0.63 18.73 ? 15  DT  B C7    1 
ATOM   301 C  C6    A DT  B 2 5  ? -1.194  7.050   5.234   0.63 17.67 ? 15  DT  B C6    1 
ATOM   302 P  P     A DA  B 2 6  ? 3.303   11.010  2.280   0.63 20.32 ? 16  DA  B P     1 
ATOM   303 O  OP1   A DA  B 2 6  ? 4.446   11.425  3.128   0.63 19.20 ? 16  DA  B OP1   1 
ATOM   304 O  OP2   A DA  B 2 6  ? 2.244   11.993  1.948   0.63 19.29 ? 16  DA  B OP2   1 
ATOM   305 O  "O5'" A DA  B 2 6  ? 3.866   10.415  0.917   0.63 17.31 ? 16  DA  B "O5'" 1 
ATOM   306 C  "C5'" A DA  B 2 6  ? 4.689   9.251   0.914   0.63 21.13 ? 16  DA  B "C5'" 1 
ATOM   307 C  "C4'" A DA  B 2 6  ? 4.250   8.303   -0.178  0.63 20.03 ? 16  DA  B "C4'" 1 
ATOM   308 O  "O4'" A DA  B 2 6  ? 3.140   7.482   0.262   0.63 20.98 ? 16  DA  B "O4'" 1 
ATOM   309 C  "C3'" A DA  B 2 6  ? 3.788   8.993   -1.462  0.63 21.33 ? 16  DA  B "C3'" 1 
ATOM   310 O  "O3'" A DA  B 2 6  ? 4.223   8.244   -2.598  0.63 19.29 ? 16  DA  B "O3'" 1 
ATOM   311 C  "C2'" A DA  B 2 6  ? 2.277   8.932   -1.352  0.63 21.73 ? 16  DA  B "C2'" 1 
ATOM   312 C  "C1'" A DA  B 2 6  ? 2.074   7.594   -0.671  0.63 22.71 ? 16  DA  B "C1'" 1 
ATOM   313 N  N9    A DA  B 2 6  ? 0.813   7.485   0.060   0.63 24.22 ? 16  DA  B N9    1 
ATOM   314 C  C8    A DA  B 2 6  ? -0.053  8.496   0.403   0.63 24.75 ? 16  DA  B C8    1 
ATOM   315 N  N7    A DA  B 2 6  ? -1.109  8.088   1.064   0.63 24.61 ? 16  DA  B N7    1 
ATOM   316 C  C5    A DA  B 2 6  ? -0.928  6.716   1.164   0.63 26.04 ? 16  DA  B C5    1 
ATOM   317 C  C6    A DA  B 2 6  ? -1.694  5.703   1.760   0.63 26.38 ? 16  DA  B C6    1 
ATOM   318 N  N6    A DA  B 2 6  ? -2.844  5.919   2.402   0.63 26.58 ? 16  DA  B N6    1 
ATOM   319 N  N1    A DA  B 2 6  ? -1.232  4.438   1.676   0.63 27.66 ? 16  DA  B N1    1 
ATOM   320 C  C2    A DA  B 2 6  ? -0.076  4.218   1.039   0.63 25.91 ? 16  DA  B C2    1 
ATOM   321 N  N3    A DA  B 2 6  ? 0.735   5.085   0.445   0.63 25.99 ? 16  DA  B N3    1 
ATOM   322 C  C4    A DA  B 2 6  ? 0.249   6.331   0.545   0.63 24.79 ? 16  DA  B C4    1 
ATOM   323 P  P     A DC  B 2 7  ? 3.844   8.732   -4.079  0.63 19.68 ? 17  DC  B P     1 
ATOM   324 O  OP1   A DC  B 2 7  ? 5.027   9.418   -4.656  0.63 21.17 ? 17  DC  B OP1   1 
ATOM   325 O  OP2   A DC  B 2 7  ? 2.536   9.430   -4.045  0.63 20.41 ? 17  DC  B OP2   1 
ATOM   326 O  "O5'" A DC  B 2 7  ? 3.652   7.349   -4.835  0.63 19.64 ? 17  DC  B "O5'" 1 
ATOM   327 C  "C5'" A DC  B 2 7  ? 4.484   6.255   -4.492  0.63 16.20 ? 17  DC  B "C5'" 1 
ATOM   328 C  "C4'" A DC  B 2 7  ? 3.684   4.977   -4.403  0.63 16.41 ? 17  DC  B "C4'" 1 
ATOM   329 O  "O4'" A DC  B 2 7  ? 2.562   5.110   -3.492  0.63 15.13 ? 17  DC  B "O4'" 1 
ATOM   330 C  "C3'" A DC  B 2 7  ? 3.097   4.462   -5.714  0.63 14.87 ? 17  DC  B "C3'" 1 
ATOM   331 O  "O3'" A DC  B 2 7  ? 3.311   3.046   -5.737  0.63 13.55 ? 17  DC  B "O3'" 1 
ATOM   332 C  "C2'" A DC  B 2 7  ? 1.616   4.791   -5.587  0.63 12.85 ? 17  DC  B "C2'" 1 
ATOM   333 C  "C1'" A DC  B 2 7  ? 1.399   4.572   -4.107  0.63 14.61 ? 17  DC  B "C1'" 1 
ATOM   334 N  N1    A DC  B 2 7  ? 0.215   5.208   -3.494  0.63 13.49 ? 17  DC  B N1    1 
ATOM   335 C  C2    A DC  B 2 7  ? -0.692  4.402   -2.791  0.63 14.97 ? 17  DC  B C2    1 
ATOM   336 O  O2    A DC  B 2 7  ? -0.519  3.175   -2.774  0.63 16.01 ? 17  DC  B O2    1 
ATOM   337 N  N3    A DC  B 2 7  ? -1.738  4.978   -2.154  0.63 13.71 ? 17  DC  B N3    1 
ATOM   338 C  C4    A DC  B 2 7  ? -1.912  6.295   -2.219  0.63 13.29 ? 17  DC  B C4    1 
ATOM   339 N  N4    A DC  B 2 7  ? -2.946  6.819   -1.555  0.63 13.55 ? 17  DC  B N4    1 
ATOM   340 C  C5    A DC  B 2 7  ? -1.030  7.136   -2.963  0.63 13.21 ? 17  DC  B C5    1 
ATOM   341 C  C6    A DC  B 2 7  ? 0.011   6.554   -3.580  0.63 13.16 ? 17  DC  B C6    1 
ATOM   342 P  P     A DC  B 2 8  ? 3.575   2.298   -7.130  0.63 17.68 ? 18  DC  B P     1 
ATOM   343 O  OP1   A DC  B 2 8  ? 4.680   1.329   -6.916  0.63 16.02 ? 18  DC  B OP1   1 
ATOM   344 O  OP2   A DC  B 2 8  ? 3.697   3.327   -8.192  0.63 13.88 ? 18  DC  B OP2   1 
ATOM   345 O  "O5'" A DC  B 2 8  ? 2.216   1.500   -7.337  0.63 13.79 ? 18  DC  B "O5'" 1 
ATOM   346 C  "C5'" A DC  B 2 8  ? 1.008   2.075   -6.867  0.63 14.92 ? 18  DC  B "C5'" 1 
ATOM   347 C  "C4'" A DC  B 2 8  ? -0.193  1.314   -7.369  0.63 14.29 ? 18  DC  B "C4'" 1 
ATOM   348 O  "O4'" A DC  B 2 8  ? -1.340  2.068   -6.930  0.63 14.11 ? 18  DC  B "O4'" 1 
ATOM   349 C  "C3'" A DC  B 2 8  ? -0.317  1.239   -8.885  0.63 16.54 ? 18  DC  B "C3'" 1 
ATOM   350 O  "O3'" A DC  B 2 8  ? -1.122  0.102   -9.236  0.63 20.07 ? 18  DC  B "O3'" 1 
ATOM   351 C  "C2'" A DC  B 2 8  ? -1.022  2.538   -9.224  0.63 14.50 ? 18  DC  B "C2'" 1 
ATOM   352 C  "C1'" A DC  B 2 8  ? -1.929  2.757   -8.019  0.63 11.90 ? 18  DC  B "C1'" 1 
ATOM   353 N  N1    A DC  B 2 8  ? -2.080  4.154   -7.605  0.63 8.28  ? 18  DC  B N1    1 
ATOM   354 C  C2    A DC  B 2 8  ? -2.912  4.432   -6.524  0.63 9.20  ? 18  DC  B C2    1 
ATOM   355 O  O2    A DC  B 2 8  ? -3.465  3.488   -5.937  0.63 6.26  ? 18  DC  B O2    1 
ATOM   356 N  N3    A DC  B 2 8  ? -3.090  5.714   -6.139  0.63 5.58  ? 18  DC  B N3    1 
ATOM   357 C  C4    A DC  B 2 8  ? -2.463  6.696   -6.789  0.63 5.00  ? 18  DC  B C4    1 
ATOM   358 N  N4    A DC  B 2 8  ? -2.685  7.941   -6.395  0.63 7.31  ? 18  DC  B N4    1 
ATOM   359 C  C5    A DC  B 2 8  ? -1.587  6.437   -7.886  0.63 7.54  ? 18  DC  B C5    1 
ATOM   360 C  C6    A DC  B 2 8  ? -1.430  5.163   -8.258  0.63 9.74  ? 18  DC  B C6    1 
ATOM   361 P  P     A DG  B 2 9  ? -0.576  -0.967  -10.306 0.63 23.37 ? 19  DG  B P     1 
ATOM   362 O  OP1   A DG  B 2 9  ? 0.564   -1.700  -9.693  0.63 21.25 ? 19  DG  B OP1   1 
ATOM   363 O  OP2   A DG  B 2 9  ? -0.392  -0.258  -11.598 0.63 19.56 ? 19  DG  B OP2   1 
ATOM   364 O  "O5'" A DG  B 2 9  ? -1.777  -2.002  -10.444 0.63 21.09 ? 19  DG  B "O5'" 1 
ATOM   365 C  "C5'" A DG  B 2 9  ? -2.265  -2.693  -9.301  0.63 20.30 ? 19  DG  B "C5'" 1 
ATOM   366 C  "C4'" A DG  B 2 9  ? -3.755  -2.493  -9.168  0.63 20.10 ? 19  DG  B "C4'" 1 
ATOM   367 O  "O4'" A DG  B 2 9  ? -4.049  -1.087  -8.970  0.63 18.85 ? 19  DG  B "O4'" 1 
ATOM   368 C  "C3'" A DG  B 2 9  ? -4.584  -2.919  -10.380 0.63 19.46 ? 19  DG  B "C3'" 1 
ATOM   369 O  "O3'" A DG  B 2 9  ? -5.846  -3.386  -9.906  0.63 21.55 ? 19  DG  B "O3'" 1 
ATOM   370 C  "C2'" A DG  B 2 9  ? -4.807  -1.605  -11.108 0.63 18.54 ? 19  DG  B "C2'" 1 
ATOM   371 C  "C1'" A DG  B 2 9  ? -5.007  -0.674  -9.930  0.63 16.27 ? 19  DG  B "C1'" 1 
ATOM   372 N  N9    A DG  B 2 9  ? -4.804  0.750   -10.173 0.63 13.15 ? 19  DG  B N9    1 
ATOM   373 C  C8    A DG  B 2 9  ? -4.009  1.337   -11.126 0.63 10.34 ? 19  DG  B C8    1 
ATOM   374 N  N7    A DG  B 2 9  ? -3.992  2.639   -11.044 0.63 6.75  ? 19  DG  B N7    1 
ATOM   375 C  C5    A DG  B 2 9  ? -4.838  2.926   -9.983  0.63 6.77  ? 19  DG  B C5    1 
ATOM   376 C  C6    A DG  B 2 9  ? -5.201  4.165   -9.412  0.63 4.26  ? 19  DG  B C6    1 
ATOM   377 O  O6    A DG  B 2 9  ? -4.829  5.291   -9.729  0.63 4.54  ? 19  DG  B O6    1 
ATOM   378 N  N1    A DG  B 2 9  ? -6.093  4.002   -8.360  0.63 4.77  ? 19  DG  B N1    1 
ATOM   379 C  C2    A DG  B 2 9  ? -6.571  2.800   -7.914  0.63 5.87  ? 19  DG  B C2    1 
ATOM   380 N  N2    A DG  B 2 9  ? -7.446  2.849   -6.904  0.63 4.62  ? 19  DG  B N2    1 
ATOM   381 N  N3    A DG  B 2 9  ? -6.222  1.636   -8.426  0.63 10.26 ? 19  DG  B N3    1 
ATOM   382 C  C4    A DG  B 2 9  ? -5.360  1.774   -9.449  0.63 8.91  ? 19  DG  B C4    1 
ATOM   383 P  P     A DG  B 2 10 ? -6.233  -4.934  -10.043 0.63 24.40 ? 20  DG  B P     1 
ATOM   384 O  OP1   A DG  B 2 10 ? -5.066  -5.733  -9.593  0.63 24.20 ? 20  DG  B OP1   1 
ATOM   385 O  OP2   A DG  B 2 10 ? -6.797  -5.152  -11.400 0.63 25.09 ? 20  DG  B OP2   1 
ATOM   386 O  "O5'" A DG  B 2 10 ? -7.406  -5.104  -8.974  0.63 22.61 ? 20  DG  B "O5'" 1 
ATOM   387 C  "C5'" A DG  B 2 10 ? -8.740  -5.402  -9.395  0.63 22.44 ? 20  DG  B "C5'" 1 
ATOM   388 C  "C4'" A DG  B 2 10 ? -9.733  -4.515  -8.678  0.63 22.12 ? 20  DG  B "C4'" 1 
ATOM   389 O  "O4'" A DG  B 2 10 ? -9.322  -3.137  -8.827  0.63 21.35 ? 20  DG  B "O4'" 1 
ATOM   390 C  "C3'" A DG  B 2 10 ? -11.139 -4.570  -9.273  0.63 21.26 ? 20  DG  B "C3'" 1 
ATOM   391 O  "O3'" A DG  B 2 10 ? -12.087 -4.009  -8.353  0.63 20.92 ? 20  DG  B "O3'" 1 
ATOM   392 C  "C2'" A DG  B 2 10 ? -11.043 -3.547  -10.388 0.63 20.40 ? 20  DG  B "C2'" 1 
ATOM   393 C  "C1'" A DG  B 2 10 ? -10.196 -2.469  -9.729  0.63 18.91 ? 20  DG  B "C1'" 1 
ATOM   394 N  N9    A DG  B 2 10 ? -9.369  -1.677  -10.635 0.63 16.68 ? 20  DG  B N9    1 
ATOM   395 C  C8    A DG  B 2 10 ? -8.524  -2.134  -11.617 0.63 18.08 ? 20  DG  B C8    1 
ATOM   396 N  N7    A DG  B 2 10 ? -7.885  -1.175  -12.232 0.63 16.90 ? 20  DG  B N7    1 
ATOM   397 C  C5    A DG  B 2 10 ? -8.343  -0.014  -11.626 0.63 16.94 ? 20  DG  B C5    1 
ATOM   398 C  C6    A DG  B 2 10 ? -8.001  1.351   -11.856 0.63 18.31 ? 20  DG  B C6    1 
ATOM   399 O  O6    A DG  B 2 10 ? -7.183  1.827   -12.664 0.63 19.45 ? 20  DG  B O6    1 
ATOM   400 N  N1    A DG  B 2 10 ? -8.712  2.199   -11.022 0.63 16.93 ? 20  DG  B N1    1 
ATOM   401 C  C2    A DG  B 2 10 ? -9.623  1.801   -10.080 0.63 17.77 ? 20  DG  B C2    1 
ATOM   402 N  N2    A DG  B 2 10 ? -10.205 2.781   -9.383  0.63 16.93 ? 20  DG  B N2    1 
ATOM   403 N  N3    A DG  B 2 10 ? -9.940  0.538   -9.840  0.63 16.98 ? 20  DG  B N3    1 
ATOM   404 C  C4    A DG  B 2 10 ? -9.270  -0.308  -10.647 0.63 17.43 ? 20  DG  B C4    1 
ATOM   405 O  "O5'" B DC  C 2 1  ? -7.917  11.178  -8.930  0.37 11.90 ? 21  DC  C "O5'" 1 
ATOM   406 C  "C5'" B DC  C 2 1  ? -9.172  11.675  -9.408  0.37 12.10 ? 21  DC  C "C5'" 1 
ATOM   407 C  "C4'" B DC  C 2 1  ? -10.219 10.598  -9.589  0.37 11.44 ? 21  DC  C "C4'" 1 
ATOM   408 O  "O4'" B DC  C 2 1  ? -9.785  9.634   -10.571 0.37 12.09 ? 21  DC  C "O4'" 1 
ATOM   409 C  "C3'" B DC  C 2 1  ? -10.541 9.791   -8.333  0.37 12.76 ? 21  DC  C "C3'" 1 
ATOM   410 O  "O3'" B DC  C 2 1  ? -11.922 9.447   -8.358  0.37 12.97 ? 21  DC  C "O3'" 1 
ATOM   411 C  "C2'" B DC  C 2 1  ? -9.709  8.535   -8.516  0.37 12.40 ? 21  DC  C "C2'" 1 
ATOM   412 C  "C1'" B DC  C 2 1  ? -9.823  8.330   -10.013 0.37 11.70 ? 21  DC  C "C1'" 1 
ATOM   413 N  N1    B DC  C 2 1  ? -8.748  7.536   -10.634 0.37 12.73 ? 21  DC  C N1    1 
ATOM   414 C  C2    B DC  C 2 1  ? -8.867  6.148   -10.660 0.37 12.37 ? 21  DC  C C2    1 
ATOM   415 O  O2    B DC  C 2 1  ? -9.836  5.622   -10.097 0.37 13.65 ? 21  DC  C O2    1 
ATOM   416 N  N3    B DC  C 2 1  ? -7.921  5.412   -11.284 0.37 12.02 ? 21  DC  C N3    1 
ATOM   417 C  C4    B DC  C 2 1  ? -6.871  6.016   -11.841 0.37 12.78 ? 21  DC  C C4    1 
ATOM   418 N  N4    B DC  C 2 1  ? -5.965  5.255   -12.458 0.37 12.47 ? 21  DC  C N4    1 
ATOM   419 C  C5    B DC  C 2 1  ? -6.705  7.429   -11.797 0.37 13.28 ? 21  DC  C C5    1 
ATOM   420 C  C6    B DC  C 2 1  ? -7.663  8.144   -11.192 0.37 11.98 ? 21  DC  C C6    1 
ATOM   421 P  P     B DC  C 2 2  ? -12.865 9.881   -7.142  0.37 15.68 ? 22  DC  C P     1 
ATOM   422 O  OP1   B DC  C 2 2  ? -14.243 9.416   -7.449  0.37 16.72 ? 22  DC  C OP1   1 
ATOM   423 O  OP2   B DC  C 2 2  ? -12.619 11.319  -6.866  0.37 15.73 ? 22  DC  C OP2   1 
ATOM   424 O  "O5'" B DC  C 2 2  ? -12.305 9.035   -5.915  0.37 17.23 ? 22  DC  C "O5'" 1 
ATOM   425 C  "C5'" B DC  C 2 2  ? -12.735 7.696   -5.707  0.37 19.06 ? 22  DC  C "C5'" 1 
ATOM   426 C  "C4'" B DC  C 2 2  ? -11.923 7.046   -4.611  0.37 20.00 ? 22  DC  C "C4'" 1 
ATOM   427 O  "O4'" B DC  C 2 2  ? -10.640 6.593   -5.103  0.37 18.78 ? 22  DC  C "O4'" 1 
ATOM   428 C  "C3'" B DC  C 2 2  ? -11.633 7.942   -3.404  0.37 20.64 ? 22  DC  C "C3'" 1 
ATOM   429 O  "O3'" B DC  C 2 2  ? -11.855 7.207   -2.197  0.37 23.49 ? 22  DC  C "O3'" 1 
ATOM   430 C  "C2'" B DC  C 2 2  ? -10.158 8.275   -3.560  0.37 19.97 ? 22  DC  C "C2'" 1 
ATOM   431 C  "C1'" B DC  C 2 2  ? -9.606  7.031   -4.236  0.37 18.53 ? 22  DC  C "C1'" 1 
ATOM   432 N  N1    B DC  C 2 2  ? -8.400  7.243   -5.059  0.37 18.03 ? 22  DC  C N1    1 
ATOM   433 C  C2    B DC  C 2 2  ? -7.866  6.155   -5.738  0.37 16.84 ? 22  DC  C C2    1 
ATOM   434 O  O2    B DC  C 2 2  ? -8.372  5.041   -5.566  0.37 20.36 ? 22  DC  C O2    1 
ATOM   435 N  N3    B DC  C 2 2  ? -6.807  6.340   -6.558  0.37 16.54 ? 22  DC  C N3    1 
ATOM   436 C  C4    B DC  C 2 2  ? -6.271  7.552   -6.691  0.37 16.52 ? 22  DC  C C4    1 
ATOM   437 N  N4    B DC  C 2 2  ? -5.247  7.692   -7.533  0.37 17.53 ? 22  DC  C N4    1 
ATOM   438 C  C5    B DC  C 2 2  ? -6.768  8.674   -5.975  0.37 16.56 ? 22  DC  C C5    1 
ATOM   439 C  C6    B DC  C 2 2  ? -7.826  8.477   -5.177  0.37 16.76 ? 22  DC  C C6    1 
ATOM   440 P  P     B DG  C 2 3  ? -12.959 7.715   -1.136  0.37 27.03 ? 23  DG  C P     1 
ATOM   441 O  OP1   B DG  C 2 3  ? -14.071 8.397   -1.843  0.37 25.90 ? 23  DG  C OP1   1 
ATOM   442 O  OP2   B DG  C 2 3  ? -12.242 8.428   -0.045  0.37 25.86 ? 23  DG  C OP2   1 
ATOM   443 O  "O5'" B DG  C 2 3  ? -13.519 6.346   -0.546  0.37 27.66 ? 23  DG  C "O5'" 1 
ATOM   444 C  "C5'" B DG  C 2 3  ? -12.829 5.691   0.510   0.37 30.83 ? 23  DG  C "C5'" 1 
ATOM   445 C  "C4'" B DG  C 2 3  ? -12.231 4.388   0.036   0.37 30.28 ? 23  DG  C "C4'" 1 
ATOM   446 O  "O4'" B DG  C 2 3  ? -11.280 4.594   -1.040  0.37 30.97 ? 23  DG  C "O4'" 1 
ATOM   447 C  "C3'" B DG  C 2 3  ? -11.461 3.670   1.137   0.37 30.41 ? 23  DG  C "C3'" 1 
ATOM   448 O  "O3'" B DG  C 2 3  ? -11.703 2.278   1.045   0.37 30.07 ? 23  DG  C "O3'" 1 
ATOM   449 C  "C2'" B DG  C 2 3  ? -10.007 3.986   0.833   0.37 29.77 ? 23  DG  C "C2'" 1 
ATOM   450 C  "C1'" B DG  C 2 3  ? -9.999  4.071   -0.680  0.37 29.53 ? 23  DG  C "C1'" 1 
ATOM   451 N  N9    B DG  C 2 3  ? -8.978  4.966   -1.225  0.37 28.05 ? 23  DG  C N9    1 
ATOM   452 C  C8    B DG  C 2 3  ? -8.925  6.330   -1.072  0.37 28.67 ? 23  DG  C C8    1 
ATOM   453 N  N7    B DG  C 2 3  ? -7.926  6.882   -1.707  0.37 27.95 ? 23  DG  C N7    1 
ATOM   454 C  C5    B DG  C 2 3  ? -7.271  5.822   -2.310  0.37 27.55 ? 23  DG  C C5    1 
ATOM   455 C  C6    B DG  C 2 3  ? -6.129  5.812   -3.131  0.37 26.47 ? 23  DG  C C6    1 
ATOM   456 O  O6    B DG  C 2 3  ? -5.462  6.767   -3.523  0.37 25.98 ? 23  DG  C O6    1 
ATOM   457 N  N1    B DG  C 2 3  ? -5.782  4.526   -3.510  0.37 25.88 ? 23  DG  C N1    1 
ATOM   458 C  C2    B DG  C 2 3  ? -6.456  3.390   -3.153  0.37 26.16 ? 23  DG  C C2    1 
ATOM   459 N  N2    B DG  C 2 3  ? -5.949  2.243   -3.614  0.37 26.30 ? 23  DG  C N2    1 
ATOM   460 N  N3    B DG  C 2 3  ? -7.544  3.382   -2.397  0.37 27.57 ? 23  DG  C N3    1 
ATOM   461 C  C4    B DG  C 2 3  ? -7.893  4.626   -2.011  0.37 27.85 ? 23  DG  C C4    1 
ATOM   462 P  P     B DA  C 2 4  ? -11.337 1.340   2.280   0.37 29.33 ? 24  DA  C P     1 
ATOM   463 O  OP1   B DA  C 2 4  ? -12.560 0.598   2.664   0.37 30.39 ? 24  DA  C OP1   1 
ATOM   464 O  OP2   B DA  C 2 4  ? -10.623 2.162   3.293   0.37 30.30 ? 24  DA  C OP2   1 
ATOM   465 O  "O5'" B DA  C 2 4  ? -10.323 0.313   1.628   0.37 29.28 ? 24  DA  C "O5'" 1 
ATOM   466 C  "C5'" B DA  C 2 4  ? -10.711 -0.472  0.508   0.37 27.11 ? 24  DA  C "C5'" 1 
ATOM   467 C  "C4'" B DA  C 2 4  ? -9.547  -1.324  0.070   0.37 26.15 ? 24  DA  C "C4'" 1 
ATOM   468 O  "O4'" B DA  C 2 4  ? -8.540  -0.455  -0.503  0.37 26.06 ? 24  DA  C "O4'" 1 
ATOM   469 C  "C3'" B DA  C 2 4  ? -8.879  -2.039  1.242   0.37 26.04 ? 24  DA  C "C3'" 1 
ATOM   470 O  "O3'" B DA  C 2 4  ? -8.474  -3.357  0.879   0.37 26.46 ? 24  DA  C "O3'" 1 
ATOM   471 C  "C2'" B DA  C 2 4  ? -7.695  -1.154  1.582   0.37 25.53 ? 24  DA  C "C2'" 1 
ATOM   472 C  "C1'" B DA  C 2 4  ? -7.340  -0.488  0.262   0.37 25.19 ? 24  DA  C "C1'" 1 
ATOM   473 N  N9    B DA  C 2 4  ? -6.871  0.894   0.419   0.37 23.92 ? 24  DA  C N9    1 
ATOM   474 C  C8    B DA  C 2 4  ? -7.474  1.879   1.161   0.37 23.92 ? 24  DA  C C8    1 
ATOM   475 N  N7    B DA  C 2 4  ? -6.834  3.021   1.145   0.37 22.47 ? 24  DA  C N7    1 
ATOM   476 C  C5    B DA  C 2 4  ? -5.733  2.777   0.335   0.37 22.25 ? 24  DA  C C5    1 
ATOM   477 C  C6    B DA  C 2 4  ? -4.660  3.595   -0.079  0.37 21.81 ? 24  DA  C C6    1 
ATOM   478 N  N6    B DA  C 2 4  ? -4.528  4.875   0.266   0.37 21.52 ? 24  DA  C N6    1 
ATOM   479 N  N1    B DA  C 2 4  ? -3.722  3.044   -0.876  0.37 22.19 ? 24  DA  C N1    1 
ATOM   480 C  C2    B DA  C 2 4  ? -3.868  1.762   -1.240  0.37 21.79 ? 24  DA  C C2    1 
ATOM   481 N  N3    B DA  C 2 4  ? -4.834  0.899   -0.928  0.37 21.78 ? 24  DA  C N3    1 
ATOM   482 C  C4    B DA  C 2 4  ? -5.745  1.472   -0.124  0.37 22.28 ? 24  DA  C C4    1 
ATOM   483 P  P     B DT  C 2 5  ? -7.672  -4.256  1.939   0.37 26.43 ? 25  DT  C P     1 
ATOM   484 O  OP1   B DT  C 2 5  ? -7.921  -5.687  1.616   0.37 26.57 ? 25  DT  C OP1   1 
ATOM   485 O  OP2   B DT  C 2 5  ? -7.953  -3.750  3.307   0.37 26.05 ? 25  DT  C OP2   1 
ATOM   486 O  "O5'" B DT  C 2 5  ? -6.162  -3.930  1.578   0.37 25.65 ? 25  DT  C "O5'" 1 
ATOM   487 C  "C5'" B DT  C 2 5  ? -5.746  -3.944  0.216   0.37 24.23 ? 25  DT  C "C5'" 1 
ATOM   488 C  "C4'" B DT  C 2 5  ? -4.303  -3.522  0.105   0.37 22.82 ? 25  DT  C "C4'" 1 
ATOM   489 O  "O4'" B DT  C 2 5  ? -4.198  -2.111  0.409   0.37 23.54 ? 25  DT  C "O4'" 1 
ATOM   490 C  "C3'" B DT  C 2 5  ? -3.370  -4.245  1.078   0.37 23.09 ? 25  DT  C "C3'" 1 
ATOM   491 O  "O3'" B DT  C 2 5  ? -2.170  -4.644  0.407   0.37 22.00 ? 25  DT  C "O3'" 1 
ATOM   492 C  "C2'" B DT  C 2 5  ? -3.094  -3.201  2.151   0.37 22.79 ? 25  DT  C "C2'" 1 
ATOM   493 C  "C1'" B DT  C 2 5  ? -3.165  -1.911  1.353   0.37 23.43 ? 25  DT  C "C1'" 1 
ATOM   494 N  N1    B DT  C 2 5  ? -3.484  -0.694  2.122   0.37 22.98 ? 25  DT  C N1    1 
ATOM   495 C  C2    B DT  C 2 5  ? -2.872  0.473   1.735   0.37 22.54 ? 25  DT  C C2    1 
ATOM   496 O  O2    B DT  C 2 5  ? -2.071  0.528   0.821   0.37 23.02 ? 25  DT  C O2    1 
ATOM   497 N  N3    B DT  C 2 5  ? -3.228  1.576   2.461   0.37 23.59 ? 25  DT  C N3    1 
ATOM   498 C  C4    B DT  C 2 5  ? -4.102  1.626   3.523   0.37 23.65 ? 25  DT  C C4    1 
ATOM   499 O  O4    B DT  C 2 5  ? -4.338  2.700   4.067   0.37 24.39 ? 25  DT  C O4    1 
ATOM   500 C  C5    B DT  C 2 5  ? -4.687  0.362   3.900   0.37 23.61 ? 25  DT  C C5    1 
ATOM   501 C  C7    B DT  C 2 5  ? -5.621  0.315   5.068   0.37 23.24 ? 25  DT  C C7    1 
ATOM   502 C  C6    B DT  C 2 5  ? -4.357  -0.723  3.185   0.37 22.88 ? 25  DT  C C6    1 
ATOM   503 P  P     B DA  C 2 6  ? -1.316  -5.883  0.966   0.37 22.21 ? 26  DA  C P     1 
ATOM   504 O  OP1   B DA  C 2 6  ? -1.443  -7.025  0.028   0.37 21.32 ? 26  DA  C OP1   1 
ATOM   505 O  OP2   B DA  C 2 6  ? -1.673  -6.063  2.402   0.37 21.91 ? 26  DA  C OP2   1 
ATOM   506 O  "O5'" B DA  C 2 6  ? 0.182   -5.359  0.912   0.37 20.52 ? 26  DA  C "O5'" 1 
ATOM   507 C  "C5'" B DA  C 2 6  ? 0.728   -4.816  -0.281  0.37 17.01 ? 26  DA  C "C5'" 1 
ATOM   508 C  "C4'" B DA  C 2 6  ? 1.911   -3.943  0.060   0.37 15.94 ? 26  DA  C "C4'" 1 
ATOM   509 O  "O4'" B DA  C 2 6  ? 1.422   -2.773  0.771   0.37 15.39 ? 26  DA  C "O4'" 1 
ATOM   510 C  "C3'" B DA  C 2 6  ? 2.921   -4.619  0.996   0.37 15.25 ? 26  DA  C "C3'" 1 
ATOM   511 O  "O3'" B DA  C 2 6  ? 4.262   -4.208  0.688   0.37 15.76 ? 26  DA  C "O3'" 1 
ATOM   512 C  "C2'" B DA  C 2 6  ? 2.533   -4.079  2.362   0.37 14.08 ? 26  DA  C "C2'" 1 
ATOM   513 C  "C1'" B DA  C 2 6  ? 2.090   -2.662  2.021   0.37 14.80 ? 26  DA  C "C1'" 1 
ATOM   514 N  N9    B DA  C 2 6  ? 1.167   -2.050  2.977   0.37 12.59 ? 26  DA  C N9    1 
ATOM   515 C  C8    B DA  C 2 6  ? 0.274   -2.682  3.812   0.37 11.77 ? 26  DA  C C8    1 
ATOM   516 N  N7    B DA  C 2 6  ? -0.432  -1.864  4.551   0.37 10.60 ? 26  DA  C N7    1 
ATOM   517 C  C5    B DA  C 2 6  ? 0.021   -0.606  4.181   0.37 11.31 ? 26  DA  C C5    1 
ATOM   518 C  C6    B DA  C 2 6  ? -0.343  0.685   4.590   0.37 12.08 ? 26  DA  C C6    1 
ATOM   519 N  N6    B DA  C 2 6  ? -1.303  0.931   5.482   0.37 13.24 ? 26  DA  C N6    1 
ATOM   520 N  N1    B DA  C 2 6  ? 0.310   1.728   4.040   0.37 12.35 ? 26  DA  C N1    1 
ATOM   521 C  C2    B DA  C 2 6  ? 1.250   1.483   3.128   0.37 12.44 ? 26  DA  C C2    1 
ATOM   522 N  N3    B DA  C 2 6  ? 1.672   0.320   2.648   0.37 12.27 ? 26  DA  C N3    1 
ATOM   523 C  C4    B DA  C 2 6  ? 1.008   -0.699  3.222   0.37 12.49 ? 26  DA  C C4    1 
ATOM   524 P  P     B DC  C 2 7  ? 5.212   -5.161  -0.188  0.37 16.38 ? 27  DC  C P     1 
ATOM   525 O  OP1   B DC  C 2 7  ? 6.524   -4.490  -0.368  0.37 14.27 ? 27  DC  C OP1   1 
ATOM   526 O  OP2   B DC  C 2 7  ? 4.405   -5.517  -1.373  0.37 17.03 ? 27  DC  C OP2   1 
ATOM   527 O  "O5'" B DC  C 2 7  ? 5.443   -6.462  0.713   0.37 15.70 ? 27  DC  C "O5'" 1 
ATOM   528 C  "C5'" B DC  C 2 7  ? 6.179   -6.377  1.943   0.37 14.60 ? 27  DC  C "C5'" 1 
ATOM   529 C  "C4'" B DC  C 2 7  ? 6.867   -7.688  2.263   0.37 12.21 ? 27  DC  C "C4'" 1 
ATOM   530 O  "O4'" B DC  C 2 7  ? 5.918   -8.706  2.664   0.37 10.35 ? 27  DC  C "O4'" 1 
ATOM   531 C  "C3'" B DC  C 2 7  ? 7.690   -8.301  1.139   0.37 11.63 ? 27  DC  C "C3'" 1 
ATOM   532 O  "O3'" B DC  C 2 7  ? 8.856   -8.914  1.694   0.37 13.72 ? 27  DC  C "O3'" 1 
ATOM   533 C  "C2'" B DC  C 2 7  ? 6.745   -9.335  0.548   0.37 9.23  ? 27  DC  C "C2'" 1 
ATOM   534 C  "C1'" B DC  C 2 7  ? 5.913   -9.786  1.744   0.37 6.81  ? 27  DC  C "C1'" 1 
ATOM   535 N  N1    B DC  C 2 7  ? 4.501   -10.069 1.413   0.37 4.02  ? 27  DC  C N1    1 
ATOM   536 C  C2    B DC  C 2 7  ? 4.137   -11.359 1.058   0.37 2.83  ? 27  DC  C C2    1 
ATOM   537 O  O2    B DC  C 2 7  ? 5.000   -12.243 1.035   0.37 4.88  ? 27  DC  C O2    1 
ATOM   538 N  N3    B DC  C 2 7  ? 2.847   -11.623 0.746   0.37 2.28  ? 27  DC  C N3    1 
ATOM   539 C  C4    B DC  C 2 7  ? 1.939   -10.657 0.785   0.37 2.20  ? 27  DC  C C4    1 
ATOM   540 N  N4    B DC  C 2 7  ? 0.682   -10.978 0.466   0.37 1.58  ? 27  DC  C N4    1 
ATOM   541 C  C5    B DC  C 2 7  ? 2.276   -9.326  1.152   0.37 1.58  ? 27  DC  C C5    1 
ATOM   542 C  C6    B DC  C 2 7  ? 3.562   -9.077  1.453   0.37 2.14  ? 27  DC  C C6    1 
ATOM   543 P  P     B DC  C 2 8  ? 10.280  -8.673  1.007   0.37 15.21 ? 28  DC  C P     1 
ATOM   544 O  OP1   B DC  C 2 8  ? 11.300  -9.396  1.794   0.37 14.26 ? 28  DC  C OP1   1 
ATOM   545 O  OP2   B DC  C 2 8  ? 10.450  -7.226  0.724   0.37 16.86 ? 28  DC  C OP2   1 
ATOM   546 O  "O5'" B DC  C 2 8  ? 10.154  -9.435  -0.375  0.37 16.01 ? 28  DC  C "O5'" 1 
ATOM   547 C  "C5'" B DC  C 2 8  ? 10.470  -10.817 -0.461  0.37 16.56 ? 28  DC  C "C5'" 1 
ATOM   548 C  "C4'" B DC  C 2 8  ? 10.275  -11.292 -1.876  0.37 17.15 ? 28  DC  C "C4'" 1 
ATOM   549 O  "O4'" B DC  C 2 8  ? 8.864   -11.265 -2.188  0.37 16.28 ? 28  DC  C "O4'" 1 
ATOM   550 C  "C3'" B DC  C 2 8  ? 10.942  -10.367 -2.892  0.37 17.29 ? 28  DC  C "C3'" 1 
ATOM   551 O  "O3'" B DC  C 2 8  ? 11.395  -11.135 -4.000  0.37 19.72 ? 28  DC  C "O3'" 1 
ATOM   552 C  "C2'" B DC  C 2 8  ? 9.806   -9.456  -3.310  0.37 17.12 ? 28  DC  C "C2'" 1 
ATOM   553 C  "C1'" B DC  C 2 8  ? 8.650   -10.430 -3.308  0.37 15.86 ? 28  DC  C "C1'" 1 
ATOM   554 N  N1    B DC  C 2 8  ? 7.312   -9.851  -3.180  0.37 16.23 ? 28  DC  C N1    1 
ATOM   555 C  C2    B DC  C 2 8  ? 6.241   -10.716 -3.081  0.37 14.99 ? 28  DC  C C2    1 
ATOM   556 O  O2    B DC  C 2 8  ? 6.462   -11.928 -3.108  0.37 16.53 ? 28  DC  C O2    1 
ATOM   557 N  N3    B DC  C 2 8  ? 4.997   -10.220 -2.965  0.37 16.30 ? 28  DC  C N3    1 
ATOM   558 C  C4    B DC  C 2 8  ? 4.805   -8.901  -2.958  0.37 15.63 ? 28  DC  C C4    1 
ATOM   559 N  N4    B DC  C 2 8  ? 3.561   -8.456  -2.845  0.37 16.82 ? 28  DC  C N4    1 
ATOM   560 C  C5    B DC  C 2 8  ? 5.884   -7.987  -3.064  0.37 15.98 ? 28  DC  C C5    1 
ATOM   561 C  C6    B DC  C 2 8  ? 7.113   -8.499  -3.168  0.37 15.77 ? 28  DC  C C6    1 
ATOM   562 P  P     B DG  C 2 9  ? 12.964  -11.364 -4.210  0.37 21.59 ? 29  DG  C P     1 
ATOM   563 O  OP1   B DG  C 2 9  ? 13.527  -11.779 -2.898  0.37 22.31 ? 29  DG  C OP1   1 
ATOM   564 O  OP2   B DG  C 2 9  ? 13.494  -10.158 -4.890  0.37 21.80 ? 29  DG  C OP2   1 
ATOM   565 O  "O5'" B DG  C 2 9  ? 13.041  -12.608 -5.199  0.37 22.85 ? 29  DG  C "O5'" 1 
ATOM   566 C  "C5'" B DG  C 2 9  ? 12.734  -13.925 -4.730  0.37 24.37 ? 29  DG  C "C5'" 1 
ATOM   567 C  "C4'" B DG  C 2 9  ? 11.779  -14.610 -5.680  0.37 23.56 ? 29  DG  C "C4'" 1 
ATOM   568 O  "O4'" B DG  C 2 9  ? 10.555  -13.842 -5.750  0.37 23.35 ? 29  DG  C "O4'" 1 
ATOM   569 C  "C3'" B DG  C 2 9  ? 12.281  -14.706 -7.119  0.37 24.10 ? 29  DG  C "C3'" 1 
ATOM   570 O  "O3'" B DG  C 2 9  ? 11.662  -15.829 -7.750  0.37 23.75 ? 29  DG  C "O3'" 1 
ATOM   571 C  "C2'" B DG  C 2 9  ? 11.708  -13.448 -7.739  0.37 23.98 ? 29  DG  C "C2'" 1 
ATOM   572 C  "C1'" B DG  C 2 9  ? 10.342  -13.414 -7.084  0.37 23.37 ? 29  DG  C "C1'" 1 
ATOM   573 N  N9    B DG  C 2 9  ? 9.694   -12.110 -7.040  0.37 20.90 ? 29  DG  C N9    1 
ATOM   574 C  C8    B DG  C 2 9  ? 10.293  -10.880 -7.113  0.37 21.93 ? 29  DG  C C8    1 
ATOM   575 N  N7    B DG  C 2 9  ? 9.448   -9.892  -7.039  0.37 20.95 ? 29  DG  C N7    1 
ATOM   576 C  C5    B DG  C 2 9  ? 8.215   -10.509 -6.907  0.37 19.97 ? 29  DG  C C5    1 
ATOM   577 C  C6    B DG  C 2 9  ? 6.927   -9.951  -6.782  0.37 19.82 ? 29  DG  C C6    1 
ATOM   578 O  O6    B DG  C 2 9  ? 6.605   -8.753  -6.758  0.37 18.99 ? 29  DG  C O6    1 
ATOM   579 N  N1    B DG  C 2 9  ? 5.954   -10.939 -6.678  0.37 18.28 ? 29  DG  C N1    1 
ATOM   580 C  C2    B DG  C 2 9  ? 6.192   -12.287 -6.697  0.37 18.08 ? 29  DG  C C2    1 
ATOM   581 N  N2    B DG  C 2 9  ? 5.120   -13.080 -6.588  0.37 16.87 ? 29  DG  C N2    1 
ATOM   582 N  N3    B DG  C 2 9  ? 7.392   -12.818 -6.815  0.37 19.23 ? 29  DG  C N3    1 
ATOM   583 C  C4    B DG  C 2 9  ? 8.350   -11.877 -6.912  0.37 19.94 ? 29  DG  C C4    1 
ATOM   584 P  P     B DG  C 2 10 ? 12.455  -17.218 -7.899  0.37 24.53 ? 30  DG  C P     1 
ATOM   585 O  OP1   B DG  C 2 10 ? 12.415  -17.945 -6.602  0.37 23.69 ? 30  DG  C OP1   1 
ATOM   586 O  OP2   B DG  C 2 10 ? 13.767  -16.940 -8.543  0.37 21.95 ? 30  DG  C OP2   1 
ATOM   587 O  "O5'" B DG  C 2 10 ? 11.541  -18.023 -8.928  0.37 23.45 ? 30  DG  C "O5'" 1 
ATOM   588 C  "C5'" B DG  C 2 10 ? 10.372  -18.709 -8.484  0.37 23.41 ? 30  DG  C "C5'" 1 
ATOM   589 C  "C4'" B DG  C 2 10 ? 9.282   -18.639 -9.531  0.37 22.45 ? 30  DG  C "C4'" 1 
ATOM   590 O  "O4'" B DG  C 2 10 ? 8.715   -17.311 -9.579  0.37 22.80 ? 30  DG  C "O4'" 1 
ATOM   591 C  "C3'" B DG  C 2 10 ? 9.728   -18.952 -10.957 0.37 23.02 ? 30  DG  C "C3'" 1 
ATOM   592 O  "O3'" B DG  C 2 10 ? 8.601   -19.438 -11.683 0.37 22.53 ? 30  DG  C "O3'" 1 
ATOM   593 C  "C2'" B DG  C 2 10 ? 10.028  -17.575 -11.516 0.37 22.59 ? 30  DG  C "C2'" 1 
ATOM   594 C  "C1'" B DG  C 2 10 ? 8.952   -16.725 -10.852 0.37 23.05 ? 30  DG  C "C1'" 1 
ATOM   595 N  N9    B DG  C 2 10 ? 9.341   -15.338 -10.626 0.37 23.71 ? 30  DG  C N9    1 
ATOM   596 C  C8    B DG  C 2 10 ? 10.618  -14.849 -10.498 0.37 24.45 ? 30  DG  C C8    1 
ATOM   597 N  N7    B DG  C 2 10 ? 10.655  -13.564 -10.283 0.37 24.41 ? 30  DG  C N7    1 
ATOM   598 C  C5    B DG  C 2 10 ? 9.322   -13.180 -10.273 0.37 24.06 ? 30  DG  C C5    1 
ATOM   599 C  C6    B DG  C 2 10 ? 8.737   -11.907 -10.069 0.37 23.69 ? 30  DG  C C6    1 
ATOM   600 O  O6    B DG  C 2 10 ? 9.297   -10.831 -9.854  0.37 25.01 ? 30  DG  C O6    1 
ATOM   601 N  N1    B DG  C 2 10 ? 7.349   -11.968 -10.128 0.37 24.05 ? 30  DG  C N1    1 
ATOM   602 C  C2    B DG  C 2 10 ? 6.617   -13.104 -10.358 0.37 23.74 ? 30  DG  C C2    1 
ATOM   603 N  N2    B DG  C 2 10 ? 5.283   -12.956 -10.375 0.37 24.42 ? 30  DG  C N2    1 
ATOM   604 N  N3    B DG  C 2 10 ? 7.151   -14.297 -10.552 0.37 23.26 ? 30  DG  C N3    1 
ATOM   605 C  C4    B DG  C 2 10 ? 8.498   -14.262 -10.491 0.37 23.69 ? 30  DG  C C4    1 
ATOM   606 O  "O5'" B DC  D 1 1  ? 5.742   -4.972  14.629  0.37 20.26 ? 31  DC  D "O5'" 1 
ATOM   607 C  "C5'" B DC  D 1 1  ? 7.116   -4.760  14.988  0.37 19.19 ? 31  DC  D "C5'" 1 
ATOM   608 C  "C4'" B DC  D 1 1  ? 7.294   -3.796  16.140  0.37 18.38 ? 31  DC  D "C4'" 1 
ATOM   609 O  "O4'" B DC  D 1 1  ? 8.608   -3.188  16.044  0.37 17.77 ? 31  DC  D "O4'" 1 
ATOM   610 C  "C3'" B DC  D 1 1  ? 6.303   -2.635  16.130  0.37 17.30 ? 31  DC  D "C3'" 1 
ATOM   611 O  "O3'" B DC  D 1 1  ? 6.010   -2.224  17.470  0.37 17.48 ? 31  DC  D "O3'" 1 
ATOM   612 C  "C2'" B DC  D 1 1  ? 7.062   -1.550  15.391  0.37 16.85 ? 31  DC  D "C2'" 1 
ATOM   613 C  "C1'" B DC  D 1 1  ? 8.485   -1.789  15.862  0.37 16.00 ? 31  DC  D "C1'" 1 
ATOM   614 N  N1    B DC  D 1 1  ? 9.516   -1.359  14.906  0.37 16.11 ? 31  DC  D N1    1 
ATOM   615 C  C2    B DC  D 1 1  ? 9.881   -0.017  14.883  0.37 14.78 ? 31  DC  D C2    1 
ATOM   616 O  O2    B DC  D 1 1  ? 9.334   0.758   15.668  0.37 13.99 ? 31  DC  D O2    1 
ATOM   617 N  N3    B DC  D 1 1  ? 10.825  0.400   14.017  0.37 15.71 ? 31  DC  D N3    1 
ATOM   618 C  C4    B DC  D 1 1  ? 11.407  -0.475  13.198  0.37 16.16 ? 31  DC  D C4    1 
ATOM   619 N  N4    B DC  D 1 1  ? 12.355  -0.020  12.370  0.37 17.00 ? 31  DC  D N4    1 
ATOM   620 C  C5    B DC  D 1 1  ? 11.051  -1.851  13.195  0.37 15.87 ? 31  DC  D C5    1 
ATOM   621 C  C6    B DC  D 1 1  ? 10.109  -2.249  14.058  0.37 16.27 ? 31  DC  D C6    1 
ATOM   622 P  P     B DC  D 1 2  ? 4.591   -2.579  18.115  0.37 17.61 ? 32  DC  D P     1 
ATOM   623 O  OP1   B DC  D 1 2  ? 4.540   -2.123  19.526  0.37 17.25 ? 32  DC  D OP1   1 
ATOM   624 O  OP2   B DC  D 1 2  ? 4.421   -4.018  17.806  0.37 17.68 ? 32  DC  D OP2   1 
ATOM   625 O  "O5'" B DC  D 1 2  ? 3.550   -1.723  17.257  0.37 17.27 ? 32  DC  D "O5'" 1 
ATOM   626 C  "C5'" B DC  D 1 2  ? 3.306   -0.347  17.567  0.37 16.47 ? 32  DC  D "C5'" 1 
ATOM   627 C  "C4'" B DC  D 1 2  ? 2.695   0.377   16.384  0.37 14.85 ? 32  DC  D "C4'" 1 
ATOM   628 O  "O4'" B DC  D 1 2  ? 3.617   0.420   15.268  0.37 13.98 ? 32  DC  D "O4'" 1 
ATOM   629 C  "C3'" B DC  D 1 2  ? 1.401   -0.214  15.829  0.37 15.15 ? 32  DC  D "C3'" 1 
ATOM   630 O  "O3'" B DC  D 1 2  ? 0.546   0.852   15.419  0.37 15.11 ? 32  DC  D "O3'" 1 
ATOM   631 C  "C2'" B DC  D 1 2  ? 1.872   -0.970  14.600  0.37 14.67 ? 32  DC  D "C2'" 1 
ATOM   632 C  "C1'" B DC  D 1 2  ? 2.974   -0.062  14.100  0.37 13.60 ? 32  DC  D "C1'" 1 
ATOM   633 N  N1    B DC  D 1 2  ? 3.987   -0.709  13.246  0.37 12.27 ? 32  DC  D N1    1 
ATOM   634 C  C2    B DC  D 1 2  ? 4.924   0.093   12.607  0.37 11.86 ? 32  DC  D C2    1 
ATOM   635 O  O2    B DC  D 1 2  ? 4.880   1.317   12.780  0.37 10.91 ? 32  DC  D O2    1 
ATOM   636 N  N3    B DC  D 1 2  ? 5.855   -0.482  11.809  0.37 10.88 ? 32  DC  D N3    1 
ATOM   637 C  C4    B DC  D 1 2  ? 5.862   -1.799  11.638  0.37 9.40  ? 32  DC  D C4    1 
ATOM   638 N  N4    B DC  D 1 2  ? 6.797   -2.319  10.844  0.37 9.30  ? 32  DC  D N4    1 
ATOM   639 C  C5    B DC  D 1 2  ? 4.916   -2.644  12.276  0.37 10.18 ? 32  DC  D C5    1 
ATOM   640 C  C6    B DC  D 1 2  ? 4.008   -2.063  13.070  0.37 11.66 ? 32  DC  D C6    1 
ATOM   641 P  P     B DG  D 1 3  ? -0.719  1.252   16.322  0.37 17.18 ? 33  DG  D P     1 
ATOM   642 O  OP1   B DG  D 1 3  ? -0.361  0.917   17.725  0.37 18.16 ? 33  DG  D OP1   1 
ATOM   643 O  OP2   B DG  D 1 3  ? -1.962  0.680   15.728  0.37 16.09 ? 33  DG  D OP2   1 
ATOM   644 O  "O5'" B DG  D 1 3  ? -0.775  2.840   16.191  0.37 16.87 ? 33  DG  D "O5'" 1 
ATOM   645 C  "C5'" B DG  D 1 3  ? -1.510  3.465   15.146  0.37 15.43 ? 33  DG  D "C5'" 1 
ATOM   646 C  "C4'" B DG  D 1 3  ? -0.619  4.403   14.364  0.37 12.99 ? 33  DG  D "C4'" 1 
ATOM   647 O  "O4'" B DG  D 1 3  ? 0.477   3.660   13.777  0.37 12.00 ? 33  DG  D "O4'" 1 
ATOM   648 C  "C3'" B DG  D 1 3  ? -1.328  5.075   13.192  0.37 12.13 ? 33  DG  D "C3'" 1 
ATOM   649 O  "O3'" B DG  D 1 3  ? -0.725  6.340   12.943  0.37 13.05 ? 33  DG  D "O3'" 1 
ATOM   650 C  "C2'" B DG  D 1 3  ? -1.015  4.148   12.037  0.37 11.01 ? 33  DG  D "C2'" 1 
ATOM   651 C  "C1'" B DG  D 1 3  ? 0.402   3.721   12.361  0.37 9.06  ? 33  DG  D "C1'" 1 
ATOM   652 N  N9    B DG  D 1 3  ? 0.720   2.402   11.841  0.37 7.08  ? 33  DG  D N9    1 
ATOM   653 C  C8    B DG  D 1 3  ? -0.030  1.259   11.976  0.37 4.47  ? 33  DG  D C8    1 
ATOM   654 N  N7    B DG  D 1 3  ? 0.498   0.228   11.378  0.37 2.94  ? 33  DG  D N7    1 
ATOM   655 C  C5    B DG  D 1 3  ? 1.672   0.718   10.832  0.37 3.19  ? 33  DG  D C5    1 
ATOM   656 C  C6    B DG  D 1 3  ? 2.658   0.064   10.089  0.37 2.49  ? 33  DG  D C6    1 
ATOM   657 O  O6    B DG  D 1 3  ? 2.696   -1.129  9.737   0.37 3.76  ? 33  DG  D O6    1 
ATOM   658 N  N1    B DG  D 1 3  ? 3.688   0.931   9.737   0.37 4.11  ? 33  DG  D N1    1 
ATOM   659 C  C2    B DG  D 1 3  ? 3.746   2.256   10.059  0.37 3.21  ? 33  DG  D C2    1 
ATOM   660 N  N2    B DG  D 1 3  ? 4.825   2.913   9.634   0.37 4.19  ? 33  DG  D N2    1 
ATOM   661 N  N3    B DG  D 1 3  ? 2.817   2.885   10.747  0.37 2.68  ? 33  DG  D N3    1 
ATOM   662 C  C4    B DG  D 1 3  ? 1.819   2.058   11.104  0.37 2.57  ? 33  DG  D C4    1 
ATOM   663 P  P     B DG  D 1 4  ? -1.625  7.662   12.917  0.37 12.70 ? 34  DG  D P     1 
ATOM   664 O  OP1   B DG  D 1 4  ? -1.549  8.278   14.259  0.37 13.87 ? 34  DG  D OP1   1 
ATOM   665 O  OP2   B DG  D 1 4  ? -2.951  7.379   12.307  0.37 13.55 ? 34  DG  D OP2   1 
ATOM   666 O  "O5'" B DG  D 1 4  ? -0.819  8.613   11.935  0.37 12.37 ? 34  DG  D "O5'" 1 
ATOM   667 C  "C5'" B DG  D 1 4  ? 0.493   9.063   12.265  0.37 12.94 ? 34  DG  D "C5'" 1 
ATOM   668 C  "C4'" B DG  D 1 4  ? 1.281   9.278   10.996  0.37 13.00 ? 34  DG  D "C4'" 1 
ATOM   669 O  "O4'" B DG  D 1 4  ? 1.474   7.994   10.346  0.37 13.71 ? 34  DG  D "O4'" 1 
ATOM   670 C  "C3'" B DG  D 1 4  ? 0.527   10.142  9.989   0.37 13.74 ? 34  DG  D "C3'" 1 
ATOM   671 O  "O3'" B DG  D 1 4  ? 1.443   10.926  9.224   0.37 13.47 ? 34  DG  D "O3'" 1 
ATOM   672 C  "C2'" B DG  D 1 4  ? -0.191  9.121   9.127   0.37 13.69 ? 34  DG  D "C2'" 1 
ATOM   673 C  "C1'" B DG  D 1 4  ? 0.784   7.957   9.109   0.37 13.61 ? 34  DG  D "C1'" 1 
ATOM   674 N  N9    B DG  D 1 4  ? 0.136   6.657   9.007   0.37 13.49 ? 34  DG  D N9    1 
ATOM   675 C  C8    B DG  D 1 4  ? -1.115  6.324   9.451   0.37 14.47 ? 34  DG  D C8    1 
ATOM   676 N  N7    B DG  D 1 4  ? -1.420  5.076   9.231   0.37 14.37 ? 34  DG  D N7    1 
ATOM   677 C  C5    B DG  D 1 4  ? -0.302  4.555   8.602   0.37 14.09 ? 34  DG  D C5    1 
ATOM   678 C  C6    B DG  D 1 4  ? -0.045  3.252   8.139   0.37 14.87 ? 34  DG  D C6    1 
ATOM   679 O  O6    B DG  D 1 4  ? -0.773  2.262   8.189   0.37 14.13 ? 34  DG  D O6    1 
ATOM   680 N  N1    B DG  D 1 4  ? 1.215   3.157   7.566   0.37 14.95 ? 34  DG  D N1    1 
ATOM   681 C  C2    B DG  D 1 4  ? 2.108   4.194   7.448   0.37 14.77 ? 34  DG  D C2    1 
ATOM   682 N  N2    B DG  D 1 4  ? 3.275   3.915   6.846   0.37 14.29 ? 34  DG  D N2    1 
ATOM   683 N  N3    B DG  D 1 4  ? 1.878   5.412   7.882   0.37 13.79 ? 34  DG  D N3    1 
ATOM   684 C  C4    B DG  D 1 4  ? 0.663   5.521   8.448   0.37 14.13 ? 34  DG  D C4    1 
ATOM   685 P  P     B DT  D 1 5  ? 0.929   11.688  7.904   0.37 14.14 ? 35  DT  D P     1 
ATOM   686 O  OP1   B DT  D 1 5  ? 1.789   12.880  7.687   0.37 11.74 ? 35  DT  D OP1   1 
ATOM   687 O  OP2   B DT  D 1 5  ? -0.543  11.851  7.972   0.37 13.13 ? 35  DT  D OP2   1 
ATOM   688 O  "O5'" B DT  D 1 5  ? 1.217   10.635  6.748   0.37 14.26 ? 35  DT  D "O5'" 1 
ATOM   689 C  "C5'" B DT  D 1 5  ? 2.489   10.001  6.657   0.37 18.53 ? 35  DT  D "C5'" 1 
ATOM   690 C  "C4'" B DT  D 1 5  ? 2.622   9.256   5.348   0.37 18.45 ? 35  DT  D "C4'" 1 
ATOM   691 O  "O4'" B DT  D 1 5  ? 2.045   7.929   5.417   0.37 18.04 ? 35  DT  D "O4'" 1 
ATOM   692 C  "C3'" B DT  D 1 5  ? 1.978   9.942   4.141   0.37 19.38 ? 35  DT  D "C3'" 1 
ATOM   693 O  "O3'" B DT  D 1 5  ? 2.824   9.733   3.012   0.37 21.13 ? 35  DT  D "O3'" 1 
ATOM   694 C  "C2'" B DT  D 1 5  ? 0.703   9.138   3.946   0.37 18.39 ? 35  DT  D "C2'" 1 
ATOM   695 C  "C1'" B DT  D 1 5  ? 1.208   7.746   4.291   0.37 18.61 ? 35  DT  D "C1'" 1 
ATOM   696 N  N1    B DT  D 1 5  ? 0.211   6.715   4.626   0.37 17.47 ? 35  DT  D N1    1 
ATOM   697 C  C2    B DT  D 1 5  ? 0.505   5.434   4.238   0.37 17.88 ? 35  DT  D C2    1 
ATOM   698 O  O2    B DT  D 1 5  ? 1.511   5.146   3.622   0.37 17.69 ? 35  DT  D O2    1 
ATOM   699 N  N3    B DT  D 1 5  ? -0.425  4.500   4.594   0.37 17.71 ? 35  DT  D N3    1 
ATOM   700 C  C4    B DT  D 1 5  ? -1.600  4.718   5.276   0.37 18.03 ? 35  DT  D C4    1 
ATOM   701 O  O4    B DT  D 1 5  ? -2.333  3.778   5.540   0.37 17.44 ? 35  DT  D O4    1 
ATOM   702 C  C5    B DT  D 1 5  ? -1.863  6.085   5.631   0.37 17.93 ? 35  DT  D C5    1 
ATOM   703 C  C7    B DT  D 1 5  ? -3.134  6.413   6.347   0.37 19.18 ? 35  DT  D C7    1 
ATOM   704 C  C6    B DT  D 1 5  ? -0.954  7.008   5.298   0.37 18.58 ? 35  DT  D C6    1 
ATOM   705 P  P     B DA  D 1 6  ? 3.525   10.979  2.286   0.37 22.60 ? 36  DA  D P     1 
ATOM   706 O  OP1   B DA  D 1 6  ? 4.722   11.343  3.085   0.37 22.09 ? 36  DA  D OP1   1 
ATOM   707 O  OP2   B DA  D 1 6  ? 2.514   12.012  1.967   0.37 21.89 ? 36  DA  D OP2   1 
ATOM   708 O  "O5'" B DA  D 1 6  ? 4.004   10.333  0.916   0.37 21.11 ? 36  DA  D "O5'" 1 
ATOM   709 C  "C5'" B DA  D 1 6  ? 4.763   9.127   0.914   0.37 23.46 ? 36  DA  D "C5'" 1 
ATOM   710 C  "C4'" B DA  D 1 6  ? 4.226   8.176   -0.129  0.37 22.71 ? 36  DA  D "C4'" 1 
ATOM   711 O  "O4'" B DA  D 1 6  ? 3.141   7.371   0.402   0.37 23.33 ? 36  DA  D "O4'" 1 
ATOM   712 C  "C3'" B DA  D 1 6  ? 3.671   8.889   -1.363  0.37 23.43 ? 36  DA  D "C3'" 1 
ATOM   713 O  "O3'" B DA  D 1 6  ? 4.064   8.208   -2.551  0.37 22.19 ? 36  DA  D "O3'" 1 
ATOM   714 C  "C2'" B DA  D 1 6  ? 2.170   8.774   -1.179  0.37 23.74 ? 36  DA  D "C2'" 1 
ATOM   715 C  "C1'" B DA  D 1 6  ? 2.051   7.424   -0.502  0.37 24.45 ? 36  DA  D "C1'" 1 
ATOM   716 N  N9    B DA  D 1 6  ? 0.806   7.234   0.247   0.37 25.40 ? 36  DA  D N9    1 
ATOM   717 C  C8    B DA  D 1 6  ? -0.035  8.211   0.722   0.37 26.37 ? 36  DA  D C8    1 
ATOM   718 N  N7    B DA  D 1 6  ? -1.101  7.745   1.328   0.37 26.32 ? 36  DA  D N7    1 
ATOM   719 C  C5    B DA  D 1 6  ? -0.951  6.368   1.252   0.37 26.69 ? 36  DA  D C5    1 
ATOM   720 C  C6    B DA  D 1 6  ? -1.751  5.306   1.703   0.37 26.90 ? 36  DA  D C6    1 
ATOM   721 N  N6    B DA  D 1 6  ? -2.911  5.464   2.346   0.37 26.25 ? 36  DA  D N6    1 
ATOM   722 N  N1    B DA  D 1 6  ? -1.313  4.052   1.465   0.37 27.10 ? 36  DA  D N1    1 
ATOM   723 C  C2    B DA  D 1 6  ? -0.153  3.890   0.817   0.37 26.37 ? 36  DA  D C2    1 
ATOM   724 N  N3    B DA  D 1 6  ? 0.686   4.807   0.344   0.37 26.79 ? 36  DA  D N3    1 
ATOM   725 C  C4    B DA  D 1 6  ? 0.225   6.041   0.595   0.37 26.09 ? 36  DA  D C4    1 
HETATM 726 P  P     B UCL D 1 7  ? 3.698   8.834   -3.980  0.37 21.80 ? 37  UCL D P     1 
HETATM 727 O  O1P   B UCL D 1 7  ? 2.326   9.392   -3.917  0.37 22.62 ? 37  UCL D O1P   1 
HETATM 728 O  O2P   B UCL D 1 7  ? 4.825   9.702   -4.394  0.37 22.83 ? 37  UCL D O2P   1 
HETATM 729 O  "O5'" B UCL D 1 7  ? 3.656   7.552   -4.912  0.37 21.68 ? 37  UCL D "O5'" 1 
HETATM 730 C  "C5'" B UCL D 1 7  ? 4.471   6.442   -4.592  0.37 19.33 ? 37  UCL D "C5'" 1 
HETATM 731 C  "C4'" B UCL D 1 7  ? 3.634   5.195   -4.433  0.37 18.92 ? 37  UCL D "C4'" 1 
HETATM 732 O  "O4'" B UCL D 1 7  ? 2.527   5.416   -3.522  0.37 17.47 ? 37  UCL D "O4'" 1 
HETATM 733 C  "C3'" B UCL D 1 7  ? 3.014   4.615   -5.707  0.37 18.20 ? 37  UCL D "C3'" 1 
HETATM 734 O  "O3'" B UCL D 1 7  ? 3.226   3.200   -5.661  0.37 18.05 ? 37  UCL D "O3'" 1 
HETATM 735 C  "C2'" B UCL D 1 7  ? 1.530   4.914   -5.541  0.37 17.07 ? 37  UCL D "C2'" 1 
HETATM 736 C  "C1'" B UCL D 1 7  ? 1.400   4.744   -4.048  0.37 17.38 ? 37  UCL D "C1'" 1 
HETATM 737 N  N1    B UCL D 1 7  ? 0.188   5.261   -3.391  0.37 16.19 ? 37  UCL D N1    1 
HETATM 738 C  C2    B UCL D 1 7  ? -0.657  4.321   -2.838  0.37 16.78 ? 37  UCL D C2    1 
HETATM 739 O  O2    B UCL D 1 7  ? -0.441  3.128   -2.900  0.37 17.57 ? 37  UCL D O2    1 
HETATM 740 N  N3    B UCL D 1 7  ? -1.764  4.828   -2.207  0.37 16.05 ? 37  UCL D N3    1 
HETATM 741 C  C4    B UCL D 1 7  ? -2.107  6.148   -2.079  0.37 15.16 ? 37  UCL D C4    1 
HETATM 742 O  O4    B UCL D 1 7  ? -3.155  6.450   -1.505  0.37 14.86 ? 37  UCL D O4    1 
HETATM 743 C  C5    B UCL D 1 7  ? -1.190  7.061   -2.679  0.37 15.04 ? 37  UCL D C5    1 
HETATM 744 C  C6    B UCL D 1 7  ? -0.101  6.600   -3.309  0.37 15.61 ? 37  UCL D C6    1 
HETATM 745 CL CL    B UCL D 1 7  ? -1.574  8.723   -2.510  0.37 13.78 ? 37  UCL D CL    1 
ATOM   746 P  P     B DC  D 1 8  ? 3.696   2.414   -6.976  0.37 20.17 ? 38  DC  D P     1 
ATOM   747 O  OP1   B DC  D 1 8  ? 4.676   1.403   -6.502  0.37 19.08 ? 38  DC  D OP1   1 
ATOM   748 O  OP2   B DC  D 1 8  ? 4.092   3.388   -8.026  0.37 17.80 ? 38  DC  D OP2   1 
ATOM   749 O  "O5'" B DC  D 1 8  ? 2.354   1.695   -7.440  0.37 18.39 ? 38  DC  D "O5'" 1 
ATOM   750 C  "C5'" B DC  D 1 8  ? 1.104   2.291   -7.113  0.37 19.13 ? 38  DC  D "C5'" 1 
ATOM   751 C  "C4'" B DC  D 1 8  ? -0.057  1.423   -7.532  0.37 19.34 ? 38  DC  D "C4'" 1 
ATOM   752 O  "O4'" B DC  D 1 8  ? -1.239  2.055   -6.996  0.37 19.30 ? 38  DC  D "O4'" 1 
ATOM   753 C  "C3'" B DC  D 1 8  ? -0.295  1.333   -9.036  0.37 20.49 ? 38  DC  D "C3'" 1 
ATOM   754 O  "O3'" B DC  D 1 8  ? -1.037  0.138   -9.333  0.37 22.37 ? 38  DC  D "O3'" 1 
ATOM   755 C  "C2'" B DC  D 1 8  ? -1.134  2.569   -9.303  0.37 19.85 ? 38  DC  D "C2'" 1 
ATOM   756 C  "C1'" B DC  D 1 8  ? -1.954  2.722   -8.024  0.37 18.84 ? 38  DC  D "C1'" 1 
ATOM   757 N  N1    B DC  D 1 8  ? -2.131  4.109   -7.585  0.37 17.79 ? 38  DC  D N1    1 
ATOM   758 C  C2    B DC  D 1 8  ? -2.963  4.371   -6.489  0.37 18.31 ? 38  DC  D C2    1 
ATOM   759 O  O2    B DC  D 1 8  ? -3.530  3.423   -5.925  0.37 16.93 ? 38  DC  D O2    1 
ATOM   760 N  N3    B DC  D 1 8  ? -3.127  5.645   -6.076  0.37 17.22 ? 38  DC  D N3    1 
ATOM   761 C  C4    B DC  D 1 8  ? -2.500  6.637   -6.714  0.37 17.01 ? 38  DC  D C4    1 
ATOM   762 N  N4    B DC  D 1 8  ? -2.700  7.880   -6.287  0.37 18.09 ? 38  DC  D N4    1 
ATOM   763 C  C5    B DC  D 1 8  ? -1.645  6.398   -7.828  0.37 17.97 ? 38  DC  D C5    1 
ATOM   764 C  C6    B DC  D 1 8  ? -1.492  5.133   -8.226  0.37 18.45 ? 38  DC  D C6    1 
ATOM   765 P  P     B DG  D 1 9  ? -0.524  -0.868  -10.484 0.37 23.49 ? 39  DG  D P     1 
ATOM   766 O  OP1   B DG  D 1 9  ? 0.595   -1.669  -9.928  0.37 22.61 ? 39  DG  D OP1   1 
ATOM   767 O  OP2   B DG  D 1 9  ? -0.324  -0.091  -11.741 0.37 21.67 ? 39  DG  D OP2   1 
ATOM   768 O  "O5'" B DG  D 1 9  ? -1.749  -1.874  -10.658 0.37 22.24 ? 39  DG  D "O5'" 1 
ATOM   769 C  "C5'" B DG  D 1 9  ? -2.164  -2.699  -9.572  0.37 21.53 ? 39  DG  D "C5'" 1 
ATOM   770 C  "C4'" B DG  D 1 9  ? -3.642  -2.513  -9.310  0.37 21.08 ? 39  DG  D "C4'" 1 
ATOM   771 O  "O4'" B DG  D 1 9  ? -3.909  -1.107  -9.078  0.37 20.32 ? 39  DG  D "O4'" 1 
ATOM   772 C  "C3'" B DG  D 1 9  ? -4.580  -2.928  -10.446 0.37 20.67 ? 39  DG  D "C3'" 1 
ATOM   773 O  "O3'" B DG  D 1 9  ? -5.805  -3.397  -9.878  0.37 21.88 ? 39  DG  D "O3'" 1 
ATOM   774 C  "C2'" B DG  D 1 9  ? -4.861  -1.610  -11.143 0.37 20.01 ? 39  DG  D "C2'" 1 
ATOM   775 C  "C1'" B DG  D 1 9  ? -4.944  -0.682  -9.950  0.37 18.51 ? 39  DG  D "C1'" 1 
ATOM   776 N  N9    B DG  D 1 9  ? -4.752  0.739   -10.210 0.37 16.53 ? 39  DG  D N9    1 
ATOM   777 C  C8    B DG  D 1 9  ? -3.940  1.320   -11.155 0.37 14.95 ? 39  DG  D C8    1 
ATOM   778 N  N7    B DG  D 1 9  ? -3.942  2.621   -11.098 0.37 13.10 ? 39  DG  D N7    1 
ATOM   779 C  C5    B DG  D 1 9  ? -4.815  2.917   -10.064 0.37 12.77 ? 39  DG  D C5    1 
ATOM   780 C  C6    B DG  D 1 9  ? -5.203  4.153   -9.536  0.37 11.61 ? 39  DG  D C6    1 
ATOM   781 O  O6    B DG  D 1 9  ? -4.838  5.279   -9.879  0.37 11.88 ? 39  DG  D O6    1 
ATOM   782 N  N1    B DG  D 1 9  ? -6.112  4.002   -8.494  0.37 11.39 ? 39  DG  D N1    1 
ATOM   783 C  C2    B DG  D 1 9  ? -6.581  2.806   -8.024  0.37 11.92 ? 39  DG  D C2    1 
ATOM   784 N  N2    B DG  D 1 9  ? -7.460  2.865   -7.016  0.37 10.98 ? 39  DG  D N2    1 
ATOM   785 N  N3    B DG  D 1 9  ? -6.215  1.639   -8.507  0.37 14.21 ? 39  DG  D N3    1 
ATOM   786 C  C4    B DG  D 1 9  ? -5.335  1.768   -9.518  0.37 13.93 ? 39  DG  D C4    1 
ATOM   787 P  P     B DG  D 1 10 ? -6.233  -4.934  -10.043 0.37 23.77 ? 40  DG  D P     1 
ATOM   788 O  OP1   B DG  D 1 10 ? -5.066  -5.733  -9.593  0.37 23.61 ? 40  DG  D OP1   1 
ATOM   789 O  OP2   B DG  D 1 10 ? -6.797  -5.152  -11.400 0.37 24.20 ? 40  DG  D OP2   1 
ATOM   790 O  "O5'" B DG  D 1 10 ? -7.406  -5.104  -8.974  0.37 22.80 ? 40  DG  D "O5'" 1 
ATOM   791 C  "C5'" B DG  D 1 10 ? -8.740  -5.402  -9.395  0.37 22.90 ? 40  DG  D "C5'" 1 
ATOM   792 C  "C4'" B DG  D 1 10 ? -9.733  -4.515  -8.678  0.37 22.86 ? 40  DG  D "C4'" 1 
ATOM   793 O  "O4'" B DG  D 1 10 ? -9.322  -3.137  -8.827  0.37 22.51 ? 40  DG  D "O4'" 1 
ATOM   794 C  "C3'" B DG  D 1 10 ? -11.139 -4.570  -9.273  0.37 22.42 ? 40  DG  D "C3'" 1 
ATOM   795 O  "O3'" B DG  D 1 10 ? -12.087 -4.009  -8.353  0.37 22.24 ? 40  DG  D "O3'" 1 
ATOM   796 C  "C2'" B DG  D 1 10 ? -11.043 -3.547  -10.388 0.37 21.99 ? 40  DG  D "C2'" 1 
ATOM   797 C  "C1'" B DG  D 1 10 ? -10.196 -2.469  -9.729  0.37 21.21 ? 40  DG  D "C1'" 1 
ATOM   798 N  N9    B DG  D 1 10 ? -9.369  -1.677  -10.635 0.37 20.07 ? 40  DG  D N9    1 
ATOM   799 C  C8    B DG  D 1 10 ? -8.524  -2.134  -11.617 0.37 20.79 ? 40  DG  D C8    1 
ATOM   800 N  N7    B DG  D 1 10 ? -7.885  -1.175  -12.232 0.37 20.21 ? 40  DG  D N7    1 
ATOM   801 C  C5    B DG  D 1 10 ? -8.343  -0.014  -11.626 0.37 20.21 ? 40  DG  D C5    1 
ATOM   802 C  C6    B DG  D 1 10 ? -8.001  1.351   -11.856 0.37 20.94 ? 40  DG  D C6    1 
ATOM   803 O  O6    B DG  D 1 10 ? -7.183  1.827   -12.664 0.37 21.56 ? 40  DG  D O6    1 
ATOM   804 N  N1    B DG  D 1 10 ? -8.712  2.199   -11.022 0.37 20.26 ? 40  DG  D N1    1 
ATOM   805 C  C2    B DG  D 1 10 ? -9.623  1.801   -10.080 0.37 20.68 ? 40  DG  D C2    1 
ATOM   806 N  N2    B DG  D 1 10 ? -10.205 2.781   -9.383  0.37 20.31 ? 40  DG  D N2    1 
ATOM   807 N  N3    B DG  D 1 10 ? -9.940  0.538   -9.840  0.37 20.24 ? 40  DG  D N3    1 
ATOM   808 C  C4    B DG  D 1 10 ? -9.270  -0.308  -10.647 0.37 20.49 ? 40  DG  D C4    1 
HETATM 809 NA NA    . NA  E 3 .  ? -0.826  -14.896 15.131  1.00 31.48 ? 101 NA  A NA    1 
HETATM 810 NA NA    . NA  F 3 .  ? 3.716   3.869   14.098  1.00 28.09 ? 101 NA  B NA    1 
HETATM 811 NA NA    . NA  G 3 .  ? 2.648   -2.518  -8.432  1.00 15.91 ? 102 NA  B NA    1 
HETATM 812 O  O     . HOH H 4 .  ? -6.619  -2.803  4.993   1.00 2.69  ? 201 HOH A O     1 
HETATM 813 O  O     . HOH H 4 .  ? 10.606  -17.362 -5.125  1.00 37.48 ? 202 HOH A O     1 
HETATM 814 O  O     . HOH H 4 .  ? -11.579 4.877   -6.779  1.00 5.14  ? 203 HOH A O     1 
HETATM 815 O  O     . HOH H 4 .  ? 10.335  -10.780 3.613   1.00 12.50 ? 204 HOH A O     1 
HETATM 816 O  O     . HOH H 4 .  ? 5.524   -15.921 -9.928  1.00 4.23  ? 205 HOH A O     1 
HETATM 817 O  O     . HOH H 4 .  ? -3.224  -8.620  4.262   1.00 9.60  ? 206 HOH A O     1 
HETATM 818 O  O     . HOH H 4 .  ? -5.153  -9.017  2.758   1.00 10.71 ? 207 HOH A O     1 
HETATM 819 O  O     . HOH H 4 .  ? 12.687  -8.738  4.413   1.00 14.44 ? 208 HOH A O     1 
HETATM 820 O  O     . HOH H 4 .  ? 10.000  -6.035  2.973   1.00 16.33 ? 209 HOH A O     1 
HETATM 821 O  O     . HOH H 4 .  ? 7.095   -15.473 -3.359  1.00 6.32  ? 210 HOH A O     1 
HETATM 822 O  O     . HOH H 4 .  ? -10.108 -4.740  0.000   1.00 44.98 ? 211 HOH A O     1 
HETATM 823 O  O     . HOH H 4 .  ? -4.276  -6.950  5.645   0.50 23.35 ? 212 HOH A O     1 
HETATM 824 O  O     . HOH H 4 .  ? -12.750 -4.237  0.262   1.00 33.01 ? 213 HOH A O     1 
HETATM 825 O  O     . HOH H 4 .  ? 13.021  -15.165 -1.672  1.00 14.44 ? 214 HOH A O     1 
HETATM 826 O  O     . HOH H 4 .  ? 3.659   -17.535 -10.369 1.00 5.85  ? 215 HOH A O     1 
HETATM 827 O  O     . HOH I 4 .  ? 8.026   -0.509  12.971  1.00 24.51 ? 201 HOH B O     1 
HETATM 828 O  O     . HOH I 4 .  ? 3.799   11.118  8.654   1.00 13.83 ? 202 HOH B O     1 
HETATM 829 O  O     . HOH I 4 .  ? 12.675  -3.024  10.933  1.00 10.56 ? 203 HOH B O     1 
HETATM 830 O  O     . HOH I 4 .  ? -5.822  -4.038  -4.746  1.00 22.41 ? 204 HOH B O     1 
HETATM 831 O  O     . HOH I 4 .  ? 3.456   1.044   -4.153  1.00 53.22 ? 205 HOH B O     1 
HETATM 832 O  O     . HOH I 4 .  ? -4.407  2.258   6.992   1.00 42.52 ? 206 HOH B O     1 
HETATM 833 O  O     . HOH I 4 .  ? -3.210  3.010   10.417  1.00 24.43 ? 207 HOH B O     1 
HETATM 834 O  O     . HOH I 4 .  ? -5.262  -3.764  -13.074 1.00 30.16 ? 208 HOH B O     1 
HETATM 835 O  O     . HOH I 4 .  ? -3.458  10.138  1.435   1.00 25.68 ? 209 HOH B O     1 
HETATM 836 O  O     . HOH I 4 .  ? 3.619   6.637   14.062  1.00 6.71  ? 210 HOH B O     1 
HETATM 837 O  O     . HOH I 4 .  ? -5.382  -2.230  -6.911  1.00 10.02 ? 211 HOH B O     1 
HETATM 838 O  O     . HOH I 4 .  ? 3.752   5.806   11.518  1.00 14.64 ? 212 HOH B O     1 
HETATM 839 O  O     . HOH I 4 .  ? -3.683  7.699   14.943  1.00 27.16 ? 213 HOH B O     1 
HETATM 840 O  O     . HOH I 4 .  ? 2.659   -5.116  15.366  1.00 13.99 ? 214 HOH B O     1 
HETATM 841 O  O     . HOH I 4 .  ? -4.602  7.229   17.197  1.00 10.87 ? 215 HOH B O     1 
HETATM 842 O  O     . HOH I 4 .  ? -2.657  6.061   17.216  1.00 37.01 ? 216 HOH B O     1 
HETATM 843 O  O     . HOH I 4 .  ? 0.165   6.855   18.691  1.00 32.34 ? 217 HOH B O     1 
HETATM 844 O  O     . HOH I 4 .  ? 6.198   -4.307  20.968  1.00 54.61 ? 218 HOH B O     1 
HETATM 845 O  O     . HOH I 4 .  ? 7.810   -4.406  23.712  1.00 38.36 ? 219 HOH B O     1 
HETATM 846 O  O     . HOH I 4 .  ? -0.352  9.082   -6.861  1.00 9.81  ? 220 HOH B O     1 
HETATM 847 O  O     . HOH I 4 .  ? 2.997   9.015   13.405  1.00 31.45 ? 221 HOH B O     1 
HETATM 848 O  O     . HOH I 4 .  ? 5.503   10.200  12.500  1.00 46.00 ? 222 HOH B O     1 
HETATM 849 O  O     . HOH I 4 .  ? 4.824   7.880   11.874  1.00 18.93 ? 223 HOH B O     1 
HETATM 850 O  O     . HOH I 4 .  ? -2.444  1.163   9.423   1.00 37.07 ? 224 HOH B O     1 
HETATM 851 O  O     . HOH I 4 .  ? -1.126  -0.662  19.345  1.00 13.13 ? 225 HOH B O     1 
HETATM 852 O  O     . HOH I 4 .  ? 3.359   4.930   1.953   1.00 63.57 ? 226 HOH B O     1 
HETATM 853 O  O     . HOH J 4 .  ? -10.853 -7.103  0.623   1.00 20.16 ? 101 HOH C O     1 
HETATM 854 O  O     . HOH J 4 .  ? -0.305  -7.674  -2.063  1.00 11.15 ? 102 HOH C O     1 
HETATM 855 O  O     . HOH J 4 .  ? -12.244 -7.569  -1.229  1.00 23.42 ? 103 HOH C O     1 
HETATM 856 O  O     . HOH J 4 .  ? -5.763  -0.379  -3.051  1.00 46.21 ? 104 HOH C O     1 
HETATM 857 O  O     . HOH J 4 .  ? -0.098  -1.645  -1.142  1.00 8.51  ? 105 HOH C O     1 
HETATM 858 O  O     . HOH J 4 .  ? -4.080  -2.242  -4.148  1.00 26.84 ? 106 HOH C O     1 
HETATM 859 O  O     . HOH J 4 .  ? -1.846  -1.238  -4.601  1.00 6.98  ? 107 HOH C O     1 
HETATM 860 O  O     . HOH J 4 .  ? 14.951  -7.832  -3.268  1.00 26.45 ? 108 HOH C O     1 
HETATM 861 O  O     . HOH J 4 .  ? 9.945   -5.261  -3.278  1.00 33.39 ? 109 HOH C O     1 
HETATM 862 O  O     . HOH J 4 .  ? -8.761  2.699   -4.717  1.00 24.68 ? 110 HOH C O     1 
HETATM 863 O  O     . HOH J 4 .  ? 12.594  -7.323  -7.007  1.00 10.05 ? 111 HOH C O     1 
HETATM 864 O  O     . HOH J 4 .  ? 12.537  -5.968  -2.374  1.00 26.17 ? 112 HOH C O     1 
HETATM 865 O  O     . HOH J 4 .  ? -15.510 9.692   -4.925  1.00 38.09 ? 113 HOH C O     1 
HETATM 866 O  O     . HOH J 4 .  ? -18.037 9.458   -5.762  1.00 36.69 ? 114 HOH C O     1 
HETATM 867 O  O     . HOH J 4 .  ? 12.912  -4.011  -0.684  1.00 13.61 ? 115 HOH C O     1 
HETATM 868 O  O     . HOH J 4 .  ? -16.279 6.409   -5.848  1.00 56.26 ? 116 HOH C O     1 
HETATM 869 O  O     . HOH J 4 .  ? 12.835  -7.736  -4.335  1.00 24.35 ? 117 HOH C O     1 
HETATM 870 O  O     . HOH J 4 .  ? 17.312  -8.499  -2.899  1.00 28.73 ? 118 HOH C O     1 
HETATM 871 O  O     . HOH J 4 .  ? 14.477  -6.537  -5.996  1.00 13.17 ? 119 HOH C O     1 
HETATM 872 O  O     . HOH J 4 .  ? 16.464  -5.512  -7.525  1.00 22.57 ? 120 HOH C O     1 
HETATM 873 O  O     . HOH J 4 .  ? -14.822 14.739  -1.681  1.00 24.50 ? 121 HOH C O     1 
HETATM 874 O  O     . HOH J 4 .  ? 18.075  -10.448 -3.938  1.00 11.95 ? 122 HOH C O     1 
HETATM 875 O  O     . HOH J 4 .  ? -15.112 12.562  -3.396  1.00 34.69 ? 123 HOH C O     1 
HETATM 876 O  O     . HOH K 4 .  ? -1.879  4.541   -13.208 1.00 15.59 ? 101 HOH D O     1 
HETATM 877 O  O     . HOH K 4 .  ? 4.836   -3.253  -6.158  1.00 21.37 ? 102 HOH D O     1 
HETATM 878 O  O     . HOH K 4 .  ? -0.856  4.051   -15.784 1.00 17.89 ? 103 HOH D O     1 
HETATM 879 O  O     . HOH K 4 .  ? -2.556  5.927   -15.961 1.00 49.64 ? 104 HOH D O     1 
HETATM 880 O  O     . HOH K 4 .  ? 3.614   16.193  9.708   1.00 30.21 ? 105 HOH D O     1 
HETATM 881 O  O     . HOH K 4 .  ? 5.269   -1.124  -4.313  1.00 26.90 ? 106 HOH D O     1 
HETATM 882 O  O     . HOH K 4 .  ? -3.653  3.773   -16.696 1.00 20.07 ? 107 HOH D O     1 
HETATM 883 O  O     . HOH K 4 .  ? 5.814   -0.340  19.863  1.00 13.82 ? 108 HOH D O     1 
HETATM 884 O  O     . HOH K 4 .  ? 7.136   4.689   -1.913  1.00 26.87 ? 109 HOH D O     1 
HETATM 885 O  O     . HOH K 4 .  ? 4.953   2.980   4.005   1.00 12.54 ? 110 HOH D O     1 
HETATM 886 O  O     . HOH K 4 .  ? 6.077   -4.202  -4.358  1.00 27.02 ? 111 HOH D O     1 
HETATM 887 O  O     . HOH K 4 .  ? -2.359  6.065   -10.974 1.00 21.32 ? 112 HOH D O     1 
HETATM 888 O  O     . HOH K 4 .  ? 4.805   13.393  -1.329  0.50 56.51 ? 113 HOH D O     1 
HETATM 889 O  O     . HOH K 4 .  ? 8.736   -1.251  20.392  1.00 26.09 ? 114 HOH D O     1 
HETATM 890 O  O     . HOH K 4 .  ? 0.489   12.779  12.174  1.00 13.83 ? 115 HOH D O     1 
HETATM 891 O  O     . HOH K 4 .  ? 5.646   5.047   0.603   1.00 7.97  ? 116 HOH D O     1 
HETATM 892 O  O     . HOH K 4 .  ? 7.585   6.585   1.438   1.00 22.97 ? 117 HOH D O     1 
HETATM 893 O  O     . HOH K 4 .  ? 2.022   14.268  10.291  1.00 43.30 ? 118 HOH D O     1 
HETATM 894 O  O     . HOH K 4 .  ? 4.650   13.443  1.253   1.00 24.16 ? 119 HOH D O     1 
HETATM 895 O  O     . HOH K 4 .  ? 4.999   5.598   -7.405  1.00 66.48 ? 120 HOH D O     1 
HETATM 896 O  O     . HOH K 4 .  ? 6.973   13.027  0.550   1.00 26.45 ? 121 HOH D O     1 
HETATM 897 O  O     . HOH K 4 .  ? 0.333   15.443  11.997  1.00 20.85 ? 122 HOH D O     1 
HETATM 898 O  O     . HOH K 4 .  ? 4.772   -2.714  -8.684  1.00 12.74 ? 123 HOH D O     1 
HETATM 899 O  O     . HOH K 4 .  ? 0.442   5.540   -12.626 1.00 29.87 ? 124 HOH D O     1 
HETATM 900 O  O     . HOH K 4 .  ? 8.713   12.582  -1.253  1.00 17.80 ? 125 HOH D O     1 
HETATM 901 O  O     . HOH K 4 .  ? 5.556   6.446   4.581   1.00 21.20 ? 126 HOH D O     1 
HETATM 902 O  O     . HOH K 4 .  ? 8.229   -0.714  23.146  1.00 40.54 ? 127 HOH D O     1 
HETATM 903 O  O     . HOH K 4 .  ? 5.494   2.995   16.060  1.00 1.58  ? 128 HOH D O     1 
HETATM 904 O  O     . HOH K 4 .  ? 6.891   4.016   5.762   1.00 27.80 ? 129 HOH D O     1 
# 
loop_
_pdbx_poly_seq_scheme.asym_id 
_pdbx_poly_seq_scheme.entity_id 
_pdbx_poly_seq_scheme.seq_id 
_pdbx_poly_seq_scheme.mon_id 
_pdbx_poly_seq_scheme.ndb_seq_num 
_pdbx_poly_seq_scheme.pdb_seq_num 
_pdbx_poly_seq_scheme.auth_seq_num 
_pdbx_poly_seq_scheme.pdb_mon_id 
_pdbx_poly_seq_scheme.auth_mon_id 
_pdbx_poly_seq_scheme.pdb_strand_id 
_pdbx_poly_seq_scheme.pdb_ins_code 
_pdbx_poly_seq_scheme.hetero 
A 1 1  DC  1  1  1  DC  DC  A . n 
A 1 2  DC  2  2  2  DC  DC  A . n 
A 1 3  DG  3  3  3  DG  DG  A . n 
A 1 4  DG  4  4  4  DG  DG  A . n 
A 1 5  DT  5  5  5  DT  DT  A . n 
A 1 6  DA  6  6  6  DA  DA  A . n 
A 1 7  UCL 7  7  7  UCL UCL A . n 
A 1 8  DC  8  8  8  DC  DC  A . n 
A 1 9  DG  9  9  9  DG  DG  A . n 
A 1 10 DG  10 10 10 DG  DG  A . n 
B 2 1  DC  1  11 11 DC  DC  B . n 
B 2 2  DC  2  12 12 DC  DC  B . n 
B 2 3  DG  3  13 13 DG  DG  B . n 
B 2 4  DA  4  14 14 DA  DA  B . n 
B 2 5  DT  5  15 15 DT  DT  B . n 
B 2 6  DA  6  16 16 DA  DA  B . n 
B 2 7  DC  7  17 17 DC  DC  B . n 
B 2 8  DC  8  18 18 DC  DC  B . n 
B 2 9  DG  9  19 19 DG  DG  B . n 
B 2 10 DG  10 20 20 DG  DG  B . n 
C 2 1  DC  1  21 21 DC  DC  C . n 
C 2 2  DC  2  22 22 DC  DC  C . n 
C 2 3  DG  3  23 23 DG  DG  C . n 
C 2 4  DA  4  24 24 DA  DA  C . n 
C 2 5  DT  5  25 25 DT  DT  C . n 
C 2 6  DA  6  26 26 DA  DA  C . n 
C 2 7  DC  7  27 27 DC  DC  C . n 
C 2 8  DC  8  28 28 DC  DC  C . n 
C 2 9  DG  9  29 29 DG  DG  C . n 
C 2 10 DG  10 30 30 DG  DG  C . n 
D 1 1  DC  1  31 31 DC  DC  D . n 
D 1 2  DC  2  32 32 DC  DC  D . n 
D 1 3  DG  3  33 33 DG  DG  D . n 
D 1 4  DG  4  34 34 DG  DG  D . n 
D 1 5  DT  5  35 35 DT  DT  D . n 
D 1 6  DA  6  36 36 DA  DA  D . n 
D 1 7  UCL 7  37 37 UCL UCL D . n 
D 1 8  DC  8  38 38 DC  DC  D . n 
D 1 9  DG  9  39 39 DG  DG  D . n 
D 1 10 DG  10 40 40 DG  DG  D . n 
# 
loop_
_pdbx_nonpoly_scheme.asym_id 
_pdbx_nonpoly_scheme.entity_id 
_pdbx_nonpoly_scheme.mon_id 
_pdbx_nonpoly_scheme.ndb_seq_num 
_pdbx_nonpoly_scheme.pdb_seq_num 
_pdbx_nonpoly_scheme.auth_seq_num 
_pdbx_nonpoly_scheme.pdb_mon_id 
_pdbx_nonpoly_scheme.auth_mon_id 
_pdbx_nonpoly_scheme.pdb_strand_id 
_pdbx_nonpoly_scheme.pdb_ins_code 
E 3 NA  1  101 272 NA  NA  A . 
F 3 NA  1  101 265 NA  NA  B . 
G 3 NA  1  102 269 NA  NA  B . 
H 4 HOH 1  201 80  HOH HOH A . 
H 4 HOH 2  202 127 HOH HOH A . 
H 4 HOH 3  203 141 HOH HOH A . 
H 4 HOH 4  204 150 HOH HOH A . 
H 4 HOH 5  205 259 HOH HOH A . 
H 4 HOH 6  206 274 HOH HOH A . 
H 4 HOH 7  207 297 HOH HOH A . 
H 4 HOH 8  208 304 HOH HOH A . 
H 4 HOH 9  209 315 HOH HOH A . 
H 4 HOH 10 210 319 HOH HOH A . 
H 4 HOH 11 211 328 HOH HOH A . 
H 4 HOH 12 212 343 HOH HOH A . 
H 4 HOH 13 213 349 HOH HOH A . 
H 4 HOH 14 214 423 HOH HOH A . 
H 4 HOH 15 215 425 HOH HOH A . 
I 4 HOH 1  201 49  HOH HOH B . 
I 4 HOH 2  202 79  HOH HOH B . 
I 4 HOH 3  203 81  HOH HOH B . 
I 4 HOH 4  204 88  HOH HOH B . 
I 4 HOH 5  205 111 HOH HOH B . 
I 4 HOH 6  206 118 HOH HOH B . 
I 4 HOH 7  207 125 HOH HOH B . 
I 4 HOH 8  208 144 HOH HOH B . 
I 4 HOH 9  209 145 HOH HOH B . 
I 4 HOH 10 210 252 HOH HOH B . 
I 4 HOH 11 211 264 HOH HOH B . 
I 4 HOH 12 212 278 HOH HOH B . 
I 4 HOH 13 213 290 HOH HOH B . 
I 4 HOH 14 214 308 HOH HOH B . 
I 4 HOH 15 215 351 HOH HOH B . 
I 4 HOH 16 216 401 HOH HOH B . 
I 4 HOH 17 217 402 HOH HOH B . 
I 4 HOH 18 218 405 HOH HOH B . 
I 4 HOH 19 219 406 HOH HOH B . 
I 4 HOH 20 220 407 HOH HOH B . 
I 4 HOH 21 221 410 HOH HOH B . 
I 4 HOH 22 222 411 HOH HOH B . 
I 4 HOH 23 223 412 HOH HOH B . 
I 4 HOH 24 224 414 HOH HOH B . 
I 4 HOH 25 225 426 HOH HOH B . 
I 4 HOH 26 226 122 HOH HOH B . 
J 4 HOH 1  101 244 HOH HOH C . 
J 4 HOH 2  102 251 HOH HOH C . 
J 4 HOH 3  103 348 HOH HOH C . 
J 4 HOH 4  104 47  HOH HOH C . 
J 4 HOH 5  105 67  HOH HOH C . 
J 4 HOH 6  106 75  HOH HOH C . 
J 4 HOH 7  107 113 HOH HOH C . 
J 4 HOH 8  108 246 HOH HOH C . 
J 4 HOH 9  109 268 HOH HOH C . 
J 4 HOH 10 110 276 HOH HOH C . 
J 4 HOH 11 111 285 HOH HOH C . 
J 4 HOH 12 112 292 HOH HOH C . 
J 4 HOH 13 113 295 HOH HOH C . 
J 4 HOH 14 114 305 HOH HOH C . 
J 4 HOH 15 115 309 HOH HOH C . 
J 4 HOH 16 116 314 HOH HOH C . 
J 4 HOH 17 117 324 HOH HOH C . 
J 4 HOH 18 118 335 HOH HOH C . 
J 4 HOH 19 119 403 HOH HOH C . 
J 4 HOH 20 120 404 HOH HOH C . 
J 4 HOH 21 121 408 HOH HOH C . 
J 4 HOH 22 122 419 HOH HOH C . 
J 4 HOH 23 123 422 HOH HOH C . 
K 4 HOH 1  101 43  HOH HOH D . 
K 4 HOH 2  102 62  HOH HOH D . 
K 4 HOH 3  103 86  HOH HOH D . 
K 4 HOH 4  104 99  HOH HOH D . 
K 4 HOH 5  105 123 HOH HOH D . 
K 4 HOH 6  106 130 HOH HOH D . 
K 4 HOH 7  107 137 HOH HOH D . 
K 4 HOH 8  108 248 HOH HOH D . 
K 4 HOH 9  109 250 HOH HOH D . 
K 4 HOH 10 110 253 HOH HOH D . 
K 4 HOH 11 111 257 HOH HOH D . 
K 4 HOH 12 112 258 HOH HOH D . 
K 4 HOH 13 113 263 HOH HOH D . 
K 4 HOH 14 114 270 HOH HOH D . 
K 4 HOH 15 115 271 HOH HOH D . 
K 4 HOH 16 116 293 HOH HOH D . 
K 4 HOH 17 117 294 HOH HOH D . 
K 4 HOH 18 118 298 HOH HOH D . 
K 4 HOH 19 119 301 HOH HOH D . 
K 4 HOH 20 120 310 HOH HOH D . 
K 4 HOH 21 121 334 HOH HOH D . 
K 4 HOH 22 122 347 HOH HOH D . 
K 4 HOH 23 123 413 HOH HOH D . 
K 4 HOH 24 124 409 HOH HOH D . 
K 4 HOH 25 125 415 HOH HOH D . 
K 4 HOH 26 126 416 HOH HOH D . 
K 4 HOH 27 127 417 HOH HOH D . 
K 4 HOH 28 128 418 HOH HOH D . 
K 4 HOH 29 129 429 HOH HOH D . 
# 
loop_
_pdbx_struct_mod_residue.id 
_pdbx_struct_mod_residue.label_asym_id 
_pdbx_struct_mod_residue.label_comp_id 
_pdbx_struct_mod_residue.label_seq_id 
_pdbx_struct_mod_residue.auth_asym_id 
_pdbx_struct_mod_residue.auth_comp_id 
_pdbx_struct_mod_residue.auth_seq_id 
_pdbx_struct_mod_residue.PDB_ins_code 
_pdbx_struct_mod_residue.parent_comp_id 
_pdbx_struct_mod_residue.details 
1 A UCL 7 A UCL 7  ? DU ? 
2 D UCL 7 D UCL 37 ? DU ? 
# 
_pdbx_struct_assembly.id                   1 
_pdbx_struct_assembly.details              author_defined_assembly 
_pdbx_struct_assembly.method_details       ? 
_pdbx_struct_assembly.oligomeric_details   octameric 
_pdbx_struct_assembly.oligomeric_count     8 
# 
_pdbx_struct_assembly_gen.assembly_id       1 
_pdbx_struct_assembly_gen.oper_expression   1,2 
_pdbx_struct_assembly_gen.asym_id_list      A,B,C,D,E,F,G,H,I,J,K 
# 
loop_
_pdbx_struct_oper_list.id 
_pdbx_struct_oper_list.type 
_pdbx_struct_oper_list.name 
_pdbx_struct_oper_list.symmetry_operation 
_pdbx_struct_oper_list.matrix[1][1] 
_pdbx_struct_oper_list.matrix[1][2] 
_pdbx_struct_oper_list.matrix[1][3] 
_pdbx_struct_oper_list.vector[1] 
_pdbx_struct_oper_list.matrix[2][1] 
_pdbx_struct_oper_list.matrix[2][2] 
_pdbx_struct_oper_list.matrix[2][3] 
_pdbx_struct_oper_list.vector[2] 
_pdbx_struct_oper_list.matrix[3][1] 
_pdbx_struct_oper_list.matrix[3][2] 
_pdbx_struct_oper_list.matrix[3][3] 
_pdbx_struct_oper_list.vector[3] 
1 'identity operation'         1_555 x,y,z       1.0000000000 0.0000000000 0.0000000000  0.0000000000 0.0000000000 1.0000000000  0.0000000000  0.0000000000   0.0000000000  0.0000000000  1.0000000000  0.0000000000 
2 'crystal symmetry operation' 2_656 -x+1,y,-z+1 0.7954051305 0.3368838875 -0.5038252919 4.3104510853 0.3368838875 -0.9367882203 -0.0945361134 -11.4868016912 -0.5038252919 -0.0945361134 -0.8586169102 7.6798200635 
# 
loop_
_pdbx_struct_special_symmetry.id 
_pdbx_struct_special_symmetry.PDB_model_num 
_pdbx_struct_special_symmetry.auth_asym_id 
_pdbx_struct_special_symmetry.auth_comp_id 
_pdbx_struct_special_symmetry.auth_seq_id 
_pdbx_struct_special_symmetry.PDB_ins_code 
_pdbx_struct_special_symmetry.label_asym_id 
_pdbx_struct_special_symmetry.label_comp_id 
_pdbx_struct_special_symmetry.label_seq_id 
1 1 A HOH 212 ? H HOH . 
2 1 D HOH 113 ? K HOH . 
# 
loop_
_pdbx_struct_conn_angle.id 
_pdbx_struct_conn_angle.ptnr1_label_atom_id 
_pdbx_struct_conn_angle.ptnr1_label_alt_id 
_pdbx_struct_conn_angle.ptnr1_label_asym_id 
_pdbx_struct_conn_angle.ptnr1_label_comp_id 
_pdbx_struct_conn_angle.ptnr1_label_seq_id 
_pdbx_struct_conn_angle.ptnr1_auth_atom_id 
_pdbx_struct_conn_angle.ptnr1_auth_asym_id 
_pdbx_struct_conn_angle.ptnr1_auth_comp_id 
_pdbx_struct_conn_angle.ptnr1_auth_seq_id 
_pdbx_struct_conn_angle.ptnr1_PDB_ins_code 
_pdbx_struct_conn_angle.ptnr1_symmetry 
_pdbx_struct_conn_angle.ptnr2_label_atom_id 
_pdbx_struct_conn_angle.ptnr2_label_alt_id 
_pdbx_struct_conn_angle.ptnr2_label_asym_id 
_pdbx_struct_conn_angle.ptnr2_label_comp_id 
_pdbx_struct_conn_angle.ptnr2_label_seq_id 
_pdbx_struct_conn_angle.ptnr2_auth_atom_id 
_pdbx_struct_conn_angle.ptnr2_auth_asym_id 
_pdbx_struct_conn_angle.ptnr2_auth_comp_id 
_pdbx_struct_conn_angle.ptnr2_auth_seq_id 
_pdbx_struct_conn_angle.ptnr2_PDB_ins_code 
_pdbx_struct_conn_angle.ptnr2_symmetry 
_pdbx_struct_conn_angle.ptnr3_label_atom_id 
_pdbx_struct_conn_angle.ptnr3_label_alt_id 
_pdbx_struct_conn_angle.ptnr3_label_asym_id 
_pdbx_struct_conn_angle.ptnr3_label_comp_id 
_pdbx_struct_conn_angle.ptnr3_label_seq_id 
_pdbx_struct_conn_angle.ptnr3_auth_atom_id 
_pdbx_struct_conn_angle.ptnr3_auth_asym_id 
_pdbx_struct_conn_angle.ptnr3_auth_comp_id 
_pdbx_struct_conn_angle.ptnr3_auth_seq_id 
_pdbx_struct_conn_angle.ptnr3_PDB_ins_code 
_pdbx_struct_conn_angle.ptnr3_symmetry 
_pdbx_struct_conn_angle.value 
_pdbx_struct_conn_angle.value_esd 
1 O2  A B DC  2 ? B DC  12  ? 1_555 NA ? F NA . ? B NA 101 ? 1_555 O   ? I HOH . ? B HOH 210 ? 1_555 148.4 ? 
2 O2  A B DC  2 ? B DC  12  ? 1_555 NA ? F NA . ? B NA 101 ? 1_555 O2  B D DC  2 ? D DC  32  ? 1_555 2.3   ? 
3 O   ? I HOH . ? B HOH 210 ? 1_555 NA ? F NA . ? B NA 101 ? 1_555 O2  B D DC  2 ? D DC  32  ? 1_555 146.1 ? 
4 O2  A B DC  2 ? B DC  12  ? 1_555 NA ? F NA . ? B NA 101 ? 1_555 O   ? K HOH . ? D HOH 128 ? 1_555 77.6  ? 
5 O   ? I HOH . ? B HOH 210 ? 1_555 NA ? F NA . ? B NA 101 ? 1_555 O   ? K HOH . ? D HOH 128 ? 1_555 110.2 ? 
6 O2  B D DC  2 ? D DC  32  ? 1_555 NA ? F NA . ? B NA 101 ? 1_555 O   ? K HOH . ? D HOH 128 ? 1_555 78.6  ? 
7 OP1 A B DG  9 ? B DG  19  ? 1_555 NA ? G NA . ? B NA 102 ? 1_555 OP1 B D DG  9 ? D DG  39  ? 1_555 4.6   ? 
8 OP1 A B DG  9 ? B DG  19  ? 1_555 NA ? G NA . ? B NA 102 ? 1_555 O   ? K HOH . ? D HOH 123 ? 1_555 140.7 ? 
9 OP1 B D DG  9 ? D DG  39  ? 1_555 NA ? G NA . ? B NA 102 ? 1_555 O   ? K HOH . ? D HOH 123 ? 1_555 136.2 ? 
# 
loop_
_pdbx_audit_revision_history.ordinal 
_pdbx_audit_revision_history.data_content_type 
_pdbx_audit_revision_history.major_revision 
_pdbx_audit_revision_history.minor_revision 
_pdbx_audit_revision_history.revision_date 
1 'Structure model' 1 0 2013-07-31 
2 'Structure model' 1 1 2013-12-18 
3 'Structure model' 1 2 2023-09-13 
# 
_pdbx_audit_revision_details.ordinal             1 
_pdbx_audit_revision_details.revision_ordinal    1 
_pdbx_audit_revision_details.data_content_type   'Structure model' 
_pdbx_audit_revision_details.provider            repository 
_pdbx_audit_revision_details.type                'Initial release' 
_pdbx_audit_revision_details.description         ? 
_pdbx_audit_revision_details.details             ? 
# 
loop_
_pdbx_audit_revision_group.ordinal 
_pdbx_audit_revision_group.revision_ordinal 
_pdbx_audit_revision_group.data_content_type 
_pdbx_audit_revision_group.group 
1 2 'Structure model' 'Database references'    
2 3 'Structure model' 'Data collection'        
3 3 'Structure model' 'Database references'    
4 3 'Structure model' 'Derived calculations'   
5 3 'Structure model' 'Refinement description' 
# 
loop_
_pdbx_audit_revision_category.ordinal 
_pdbx_audit_revision_category.revision_ordinal 
_pdbx_audit_revision_category.data_content_type 
_pdbx_audit_revision_category.category 
1 3 'Structure model' chem_comp_atom                
2 3 'Structure model' chem_comp_bond                
3 3 'Structure model' database_2                    
4 3 'Structure model' pdbx_initial_refinement_model 
5 3 'Structure model' pdbx_struct_conn_angle        
6 3 'Structure model' struct_conn                   
7 3 'Structure model' struct_site                   
# 
loop_
_pdbx_audit_revision_item.ordinal 
_pdbx_audit_revision_item.revision_ordinal 
_pdbx_audit_revision_item.data_content_type 
_pdbx_audit_revision_item.item 
1  3 'Structure model' '_database_2.pdbx_DOI'                        
2  3 'Structure model' '_database_2.pdbx_database_accession'         
3  3 'Structure model' '_pdbx_struct_conn_angle.ptnr1_auth_asym_id'  
4  3 'Structure model' '_pdbx_struct_conn_angle.ptnr1_auth_comp_id'  
5  3 'Structure model' '_pdbx_struct_conn_angle.ptnr1_auth_seq_id'   
6  3 'Structure model' '_pdbx_struct_conn_angle.ptnr1_label_alt_id'  
7  3 'Structure model' '_pdbx_struct_conn_angle.ptnr1_label_asym_id' 
8  3 'Structure model' '_pdbx_struct_conn_angle.ptnr1_label_atom_id' 
9  3 'Structure model' '_pdbx_struct_conn_angle.ptnr1_label_comp_id' 
10 3 'Structure model' '_pdbx_struct_conn_angle.ptnr1_label_seq_id'  
11 3 'Structure model' '_pdbx_struct_conn_angle.ptnr2_auth_seq_id'   
12 3 'Structure model' '_pdbx_struct_conn_angle.ptnr2_label_asym_id' 
13 3 'Structure model' '_pdbx_struct_conn_angle.ptnr3_auth_asym_id'  
14 3 'Structure model' '_pdbx_struct_conn_angle.ptnr3_auth_comp_id'  
15 3 'Structure model' '_pdbx_struct_conn_angle.ptnr3_auth_seq_id'   
16 3 'Structure model' '_pdbx_struct_conn_angle.ptnr3_label_alt_id'  
17 3 'Structure model' '_pdbx_struct_conn_angle.ptnr3_label_asym_id' 
18 3 'Structure model' '_pdbx_struct_conn_angle.ptnr3_label_atom_id' 
19 3 'Structure model' '_pdbx_struct_conn_angle.ptnr3_label_comp_id' 
20 3 'Structure model' '_pdbx_struct_conn_angle.ptnr3_label_seq_id'  
21 3 'Structure model' '_pdbx_struct_conn_angle.value'               
22 3 'Structure model' '_struct_conn.conn_type_id'                   
23 3 'Structure model' '_struct_conn.id'                             
24 3 'Structure model' '_struct_conn.pdbx_dist_value'                
25 3 'Structure model' '_struct_conn.pdbx_leaving_atom_flag'         
26 3 'Structure model' '_struct_conn.pdbx_ptnr1_label_alt_id'        
27 3 'Structure model' '_struct_conn.pdbx_ptnr2_label_alt_id'        
28 3 'Structure model' '_struct_conn.ptnr1_auth_asym_id'             
29 3 'Structure model' '_struct_conn.ptnr1_auth_comp_id'             
30 3 'Structure model' '_struct_conn.ptnr1_auth_seq_id'              
31 3 'Structure model' '_struct_conn.ptnr1_label_asym_id'            
32 3 'Structure model' '_struct_conn.ptnr1_label_atom_id'            
33 3 'Structure model' '_struct_conn.ptnr1_label_comp_id'            
34 3 'Structure model' '_struct_conn.ptnr1_label_seq_id'             
35 3 'Structure model' '_struct_conn.ptnr2_auth_asym_id'             
36 3 'Structure model' '_struct_conn.ptnr2_auth_comp_id'             
37 3 'Structure model' '_struct_conn.ptnr2_auth_seq_id'              
38 3 'Structure model' '_struct_conn.ptnr2_label_asym_id'            
39 3 'Structure model' '_struct_conn.ptnr2_label_atom_id'            
40 3 'Structure model' '_struct_conn.ptnr2_label_comp_id'            
41 3 'Structure model' '_struct_conn.ptnr2_label_seq_id'             
42 3 'Structure model' '_struct_site.pdbx_auth_asym_id'              
43 3 'Structure model' '_struct_site.pdbx_auth_comp_id'              
44 3 'Structure model' '_struct_site.pdbx_auth_seq_id'               
# 
loop_
_software.name 
_software.classification 
_software.version 
_software.citation_id 
_software.pdbx_ordinal 
HKL-2000 'data collection' . ? 1 
CNS      refinement        . ? 2 
HKL-2000 'data reduction'  . ? 3 
HKL-2000 'data scaling'    . ? 4 
CNS      phasing           . ? 5 
# 
loop_
_chem_comp_atom.comp_id 
_chem_comp_atom.atom_id 
_chem_comp_atom.type_symbol 
_chem_comp_atom.pdbx_aromatic_flag 
_chem_comp_atom.pdbx_stereo_config 
_chem_comp_atom.pdbx_ordinal 
DA  OP3    O  N N 1   
DA  P      P  N N 2   
DA  OP1    O  N N 3   
DA  OP2    O  N N 4   
DA  "O5'"  O  N N 5   
DA  "C5'"  C  N N 6   
DA  "C4'"  C  N R 7   
DA  "O4'"  O  N N 8   
DA  "C3'"  C  N S 9   
DA  "O3'"  O  N N 10  
DA  "C2'"  C  N N 11  
DA  "C1'"  C  N R 12  
DA  N9     N  Y N 13  
DA  C8     C  Y N 14  
DA  N7     N  Y N 15  
DA  C5     C  Y N 16  
DA  C6     C  Y N 17  
DA  N6     N  N N 18  
DA  N1     N  Y N 19  
DA  C2     C  Y N 20  
DA  N3     N  Y N 21  
DA  C4     C  Y N 22  
DA  HOP3   H  N N 23  
DA  HOP2   H  N N 24  
DA  "H5'"  H  N N 25  
DA  "H5''" H  N N 26  
DA  "H4'"  H  N N 27  
DA  "H3'"  H  N N 28  
DA  "HO3'" H  N N 29  
DA  "H2'"  H  N N 30  
DA  "H2''" H  N N 31  
DA  "H1'"  H  N N 32  
DA  H8     H  N N 33  
DA  H61    H  N N 34  
DA  H62    H  N N 35  
DA  H2     H  N N 36  
DC  OP3    O  N N 37  
DC  P      P  N N 38  
DC  OP1    O  N N 39  
DC  OP2    O  N N 40  
DC  "O5'"  O  N N 41  
DC  "C5'"  C  N N 42  
DC  "C4'"  C  N R 43  
DC  "O4'"  O  N N 44  
DC  "C3'"  C  N S 45  
DC  "O3'"  O  N N 46  
DC  "C2'"  C  N N 47  
DC  "C1'"  C  N R 48  
DC  N1     N  N N 49  
DC  C2     C  N N 50  
DC  O2     O  N N 51  
DC  N3     N  N N 52  
DC  C4     C  N N 53  
DC  N4     N  N N 54  
DC  C5     C  N N 55  
DC  C6     C  N N 56  
DC  HOP3   H  N N 57  
DC  HOP2   H  N N 58  
DC  "H5'"  H  N N 59  
DC  "H5''" H  N N 60  
DC  "H4'"  H  N N 61  
DC  "H3'"  H  N N 62  
DC  "HO3'" H  N N 63  
DC  "H2'"  H  N N 64  
DC  "H2''" H  N N 65  
DC  "H1'"  H  N N 66  
DC  H41    H  N N 67  
DC  H42    H  N N 68  
DC  H5     H  N N 69  
DC  H6     H  N N 70  
DG  OP3    O  N N 71  
DG  P      P  N N 72  
DG  OP1    O  N N 73  
DG  OP2    O  N N 74  
DG  "O5'"  O  N N 75  
DG  "C5'"  C  N N 76  
DG  "C4'"  C  N R 77  
DG  "O4'"  O  N N 78  
DG  "C3'"  C  N S 79  
DG  "O3'"  O  N N 80  
DG  "C2'"  C  N N 81  
DG  "C1'"  C  N R 82  
DG  N9     N  Y N 83  
DG  C8     C  Y N 84  
DG  N7     N  Y N 85  
DG  C5     C  Y N 86  
DG  C6     C  N N 87  
DG  O6     O  N N 88  
DG  N1     N  N N 89  
DG  C2     C  N N 90  
DG  N2     N  N N 91  
DG  N3     N  N N 92  
DG  C4     C  Y N 93  
DG  HOP3   H  N N 94  
DG  HOP2   H  N N 95  
DG  "H5'"  H  N N 96  
DG  "H5''" H  N N 97  
DG  "H4'"  H  N N 98  
DG  "H3'"  H  N N 99  
DG  "HO3'" H  N N 100 
DG  "H2'"  H  N N 101 
DG  "H2''" H  N N 102 
DG  "H1'"  H  N N 103 
DG  H8     H  N N 104 
DG  H1     H  N N 105 
DG  H21    H  N N 106 
DG  H22    H  N N 107 
DT  OP3    O  N N 108 
DT  P      P  N N 109 
DT  OP1    O  N N 110 
DT  OP2    O  N N 111 
DT  "O5'"  O  N N 112 
DT  "C5'"  C  N N 113 
DT  "C4'"  C  N R 114 
DT  "O4'"  O  N N 115 
DT  "C3'"  C  N S 116 
DT  "O3'"  O  N N 117 
DT  "C2'"  C  N N 118 
DT  "C1'"  C  N R 119 
DT  N1     N  N N 120 
DT  C2     C  N N 121 
DT  O2     O  N N 122 
DT  N3     N  N N 123 
DT  C4     C  N N 124 
DT  O4     O  N N 125 
DT  C5     C  N N 126 
DT  C7     C  N N 127 
DT  C6     C  N N 128 
DT  HOP3   H  N N 129 
DT  HOP2   H  N N 130 
DT  "H5'"  H  N N 131 
DT  "H5''" H  N N 132 
DT  "H4'"  H  N N 133 
DT  "H3'"  H  N N 134 
DT  "HO3'" H  N N 135 
DT  "H2'"  H  N N 136 
DT  "H2''" H  N N 137 
DT  "H1'"  H  N N 138 
DT  H3     H  N N 139 
DT  H71    H  N N 140 
DT  H72    H  N N 141 
DT  H73    H  N N 142 
DT  H6     H  N N 143 
HOH O      O  N N 144 
HOH H1     H  N N 145 
HOH H2     H  N N 146 
NA  NA     NA N N 147 
UCL O3P    O  N N 148 
UCL P      P  N N 149 
UCL O1P    O  N N 150 
UCL O2P    O  N N 151 
UCL "O5'"  O  N N 152 
UCL "C5'"  C  N N 153 
UCL "C4'"  C  N R 154 
UCL "O4'"  O  N N 155 
UCL "C3'"  C  N S 156 
UCL "O3'"  O  N N 157 
UCL "C2'"  C  N N 158 
UCL "C1'"  C  N R 159 
UCL N1     N  N N 160 
UCL C2     C  N N 161 
UCL O2     O  N N 162 
UCL N3     N  N N 163 
UCL C4     C  N N 164 
UCL O4     O  N N 165 
UCL C5     C  N N 166 
UCL C6     C  N N 167 
UCL CL     CL N N 168 
UCL HO1P   H  N N 169 
UCL HO2P   H  N N 170 
UCL "H5'1" H  N N 171 
UCL "H5'2" H  N N 172 
UCL "H4'"  H  N N 173 
UCL "H3'"  H  N N 174 
UCL "HO3'" H  N N 175 
UCL "H2'1" H  N N 176 
UCL "H2'2" H  N N 177 
UCL "H1'"  H  N N 178 
UCL HN3    H  N N 179 
UCL H6     H  N N 180 
# 
loop_
_chem_comp_bond.comp_id 
_chem_comp_bond.atom_id_1 
_chem_comp_bond.atom_id_2 
_chem_comp_bond.value_order 
_chem_comp_bond.pdbx_aromatic_flag 
_chem_comp_bond.pdbx_stereo_config 
_chem_comp_bond.pdbx_ordinal 
DA  OP3   P      sing N N 1   
DA  OP3   HOP3   sing N N 2   
DA  P     OP1    doub N N 3   
DA  P     OP2    sing N N 4   
DA  P     "O5'"  sing N N 5   
DA  OP2   HOP2   sing N N 6   
DA  "O5'" "C5'"  sing N N 7   
DA  "C5'" "C4'"  sing N N 8   
DA  "C5'" "H5'"  sing N N 9   
DA  "C5'" "H5''" sing N N 10  
DA  "C4'" "O4'"  sing N N 11  
DA  "C4'" "C3'"  sing N N 12  
DA  "C4'" "H4'"  sing N N 13  
DA  "O4'" "C1'"  sing N N 14  
DA  "C3'" "O3'"  sing N N 15  
DA  "C3'" "C2'"  sing N N 16  
DA  "C3'" "H3'"  sing N N 17  
DA  "O3'" "HO3'" sing N N 18  
DA  "C2'" "C1'"  sing N N 19  
DA  "C2'" "H2'"  sing N N 20  
DA  "C2'" "H2''" sing N N 21  
DA  "C1'" N9     sing N N 22  
DA  "C1'" "H1'"  sing N N 23  
DA  N9    C8     sing Y N 24  
DA  N9    C4     sing Y N 25  
DA  C8    N7     doub Y N 26  
DA  C8    H8     sing N N 27  
DA  N7    C5     sing Y N 28  
DA  C5    C6     sing Y N 29  
DA  C5    C4     doub Y N 30  
DA  C6    N6     sing N N 31  
DA  C6    N1     doub Y N 32  
DA  N6    H61    sing N N 33  
DA  N6    H62    sing N N 34  
DA  N1    C2     sing Y N 35  
DA  C2    N3     doub Y N 36  
DA  C2    H2     sing N N 37  
DA  N3    C4     sing Y N 38  
DC  OP3   P      sing N N 39  
DC  OP3   HOP3   sing N N 40  
DC  P     OP1    doub N N 41  
DC  P     OP2    sing N N 42  
DC  P     "O5'"  sing N N 43  
DC  OP2   HOP2   sing N N 44  
DC  "O5'" "C5'"  sing N N 45  
DC  "C5'" "C4'"  sing N N 46  
DC  "C5'" "H5'"  sing N N 47  
DC  "C5'" "H5''" sing N N 48  
DC  "C4'" "O4'"  sing N N 49  
DC  "C4'" "C3'"  sing N N 50  
DC  "C4'" "H4'"  sing N N 51  
DC  "O4'" "C1'"  sing N N 52  
DC  "C3'" "O3'"  sing N N 53  
DC  "C3'" "C2'"  sing N N 54  
DC  "C3'" "H3'"  sing N N 55  
DC  "O3'" "HO3'" sing N N 56  
DC  "C2'" "C1'"  sing N N 57  
DC  "C2'" "H2'"  sing N N 58  
DC  "C2'" "H2''" sing N N 59  
DC  "C1'" N1     sing N N 60  
DC  "C1'" "H1'"  sing N N 61  
DC  N1    C2     sing N N 62  
DC  N1    C6     sing N N 63  
DC  C2    O2     doub N N 64  
DC  C2    N3     sing N N 65  
DC  N3    C4     doub N N 66  
DC  C4    N4     sing N N 67  
DC  C4    C5     sing N N 68  
DC  N4    H41    sing N N 69  
DC  N4    H42    sing N N 70  
DC  C5    C6     doub N N 71  
DC  C5    H5     sing N N 72  
DC  C6    H6     sing N N 73  
DG  OP3   P      sing N N 74  
DG  OP3   HOP3   sing N N 75  
DG  P     OP1    doub N N 76  
DG  P     OP2    sing N N 77  
DG  P     "O5'"  sing N N 78  
DG  OP2   HOP2   sing N N 79  
DG  "O5'" "C5'"  sing N N 80  
DG  "C5'" "C4'"  sing N N 81  
DG  "C5'" "H5'"  sing N N 82  
DG  "C5'" "H5''" sing N N 83  
DG  "C4'" "O4'"  sing N N 84  
DG  "C4'" "C3'"  sing N N 85  
DG  "C4'" "H4'"  sing N N 86  
DG  "O4'" "C1'"  sing N N 87  
DG  "C3'" "O3'"  sing N N 88  
DG  "C3'" "C2'"  sing N N 89  
DG  "C3'" "H3'"  sing N N 90  
DG  "O3'" "HO3'" sing N N 91  
DG  "C2'" "C1'"  sing N N 92  
DG  "C2'" "H2'"  sing N N 93  
DG  "C2'" "H2''" sing N N 94  
DG  "C1'" N9     sing N N 95  
DG  "C1'" "H1'"  sing N N 96  
DG  N9    C8     sing Y N 97  
DG  N9    C4     sing Y N 98  
DG  C8    N7     doub Y N 99  
DG  C8    H8     sing N N 100 
DG  N7    C5     sing Y N 101 
DG  C5    C6     sing N N 102 
DG  C5    C4     doub Y N 103 
DG  C6    O6     doub N N 104 
DG  C6    N1     sing N N 105 
DG  N1    C2     sing N N 106 
DG  N1    H1     sing N N 107 
DG  C2    N2     sing N N 108 
DG  C2    N3     doub N N 109 
DG  N2    H21    sing N N 110 
DG  N2    H22    sing N N 111 
DG  N3    C4     sing N N 112 
DT  OP3   P      sing N N 113 
DT  OP3   HOP3   sing N N 114 
DT  P     OP1    doub N N 115 
DT  P     OP2    sing N N 116 
DT  P     "O5'"  sing N N 117 
DT  OP2   HOP2   sing N N 118 
DT  "O5'" "C5'"  sing N N 119 
DT  "C5'" "C4'"  sing N N 120 
DT  "C5'" "H5'"  sing N N 121 
DT  "C5'" "H5''" sing N N 122 
DT  "C4'" "O4'"  sing N N 123 
DT  "C4'" "C3'"  sing N N 124 
DT  "C4'" "H4'"  sing N N 125 
DT  "O4'" "C1'"  sing N N 126 
DT  "C3'" "O3'"  sing N N 127 
DT  "C3'" "C2'"  sing N N 128 
DT  "C3'" "H3'"  sing N N 129 
DT  "O3'" "HO3'" sing N N 130 
DT  "C2'" "C1'"  sing N N 131 
DT  "C2'" "H2'"  sing N N 132 
DT  "C2'" "H2''" sing N N 133 
DT  "C1'" N1     sing N N 134 
DT  "C1'" "H1'"  sing N N 135 
DT  N1    C2     sing N N 136 
DT  N1    C6     sing N N 137 
DT  C2    O2     doub N N 138 
DT  C2    N3     sing N N 139 
DT  N3    C4     sing N N 140 
DT  N3    H3     sing N N 141 
DT  C4    O4     doub N N 142 
DT  C4    C5     sing N N 143 
DT  C5    C7     sing N N 144 
DT  C5    C6     doub N N 145 
DT  C7    H71    sing N N 146 
DT  C7    H72    sing N N 147 
DT  C7    H73    sing N N 148 
DT  C6    H6     sing N N 149 
HOH O     H1     sing N N 150 
HOH O     H2     sing N N 151 
UCL O3P   P      doub N N 152 
UCL P     O1P    sing N N 153 
UCL P     O2P    sing N N 154 
UCL P     "O5'"  sing N N 155 
UCL O1P   HO1P   sing N N 156 
UCL O2P   HO2P   sing N N 157 
UCL "O5'" "C5'"  sing N N 158 
UCL "C5'" "C4'"  sing N N 159 
UCL "C5'" "H5'1" sing N N 160 
UCL "C5'" "H5'2" sing N N 161 
UCL "C4'" "O4'"  sing N N 162 
UCL "C4'" "C3'"  sing N N 163 
UCL "C4'" "H4'"  sing N N 164 
UCL "O4'" "C1'"  sing N N 165 
UCL "C3'" "O3'"  sing N N 166 
UCL "C3'" "C2'"  sing N N 167 
UCL "C3'" "H3'"  sing N N 168 
UCL "O3'" "HO3'" sing N N 169 
UCL "C2'" "C1'"  sing N N 170 
UCL "C2'" "H2'1" sing N N 171 
UCL "C2'" "H2'2" sing N N 172 
UCL "C1'" N1     sing N N 173 
UCL "C1'" "H1'"  sing N N 174 
UCL N1    C2     sing N N 175 
UCL N1    C6     sing N N 176 
UCL C2    O2     doub N N 177 
UCL C2    N3     sing N N 178 
UCL N3    C4     sing N N 179 
UCL N3    HN3    sing N N 180 
UCL C4    O4     doub N N 181 
UCL C4    C5     sing N N 182 
UCL C5    C6     doub N N 183 
UCL C5    CL     sing N N 184 
UCL C6    H6     sing N N 185 
# 
loop_
_ndb_struct_conf_na.entry_id 
_ndb_struct_conf_na.feature 
4GQD 'double helix'        
4GQD 'b-form double helix' 
# 
loop_
_ndb_struct_na_base_pair.model_number 
_ndb_struct_na_base_pair.i_label_asym_id 
_ndb_struct_na_base_pair.i_label_comp_id 
_ndb_struct_na_base_pair.i_label_seq_id 
_ndb_struct_na_base_pair.i_symmetry 
_ndb_struct_na_base_pair.j_label_asym_id 
_ndb_struct_na_base_pair.j_label_comp_id 
_ndb_struct_na_base_pair.j_label_seq_id 
_ndb_struct_na_base_pair.j_symmetry 
_ndb_struct_na_base_pair.shear 
_ndb_struct_na_base_pair.stretch 
_ndb_struct_na_base_pair.stagger 
_ndb_struct_na_base_pair.buckle 
_ndb_struct_na_base_pair.propeller 
_ndb_struct_na_base_pair.opening 
_ndb_struct_na_base_pair.pair_number 
_ndb_struct_na_base_pair.pair_name 
_ndb_struct_na_base_pair.i_auth_asym_id 
_ndb_struct_na_base_pair.i_auth_seq_id 
_ndb_struct_na_base_pair.i_PDB_ins_code 
_ndb_struct_na_base_pair.j_auth_asym_id 
_ndb_struct_na_base_pair.j_auth_seq_id 
_ndb_struct_na_base_pair.j_PDB_ins_code 
_ndb_struct_na_base_pair.hbond_type_28 
_ndb_struct_na_base_pair.hbond_type_12 
1 A DC 1 1_555 B DG 10 1_555 0.636  0.297  0.259  0.569   -17.436 7.168  1 A_DC1:DG20_B A 1 ? B 20 ? ?  1 
1 A DC 2 1_555 B DG 9  1_555 0.086  -0.041 0.563  -2.535  -11.963 2.319  2 A_DC2:DG19_B A 2 ? B 19 ? 19 1 
1 A DG 3 1_555 B DC 8  1_555 -1.872 0.273  0.121  -15.483 -4.650  5.622  3 A_DG3:DC18_B A 3 ? B 18 ? ?  1 
1 A DG 4 1_555 B DC 7  1_555 -0.309 0.190  0.266  -11.281 -19.600 -0.973 4 A_DG4:DC17_B A 4 ? B 17 ? 19 1 
1 A DA 6 1_555 B DT 5  1_555 -0.454 0.044  -0.075 -5.005  -20.952 2.203  5 A_DA6:DT15_B A 6 ? B 15 ? 20 1 
# 
loop_
_ndb_struct_na_base_pair_step.model_number 
_ndb_struct_na_base_pair_step.i_label_asym_id_1 
_ndb_struct_na_base_pair_step.i_label_comp_id_1 
_ndb_struct_na_base_pair_step.i_label_seq_id_1 
_ndb_struct_na_base_pair_step.i_symmetry_1 
_ndb_struct_na_base_pair_step.j_label_asym_id_1 
_ndb_struct_na_base_pair_step.j_label_comp_id_1 
_ndb_struct_na_base_pair_step.j_label_seq_id_1 
_ndb_struct_na_base_pair_step.j_symmetry_1 
_ndb_struct_na_base_pair_step.i_label_asym_id_2 
_ndb_struct_na_base_pair_step.i_label_comp_id_2 
_ndb_struct_na_base_pair_step.i_label_seq_id_2 
_ndb_struct_na_base_pair_step.i_symmetry_2 
_ndb_struct_na_base_pair_step.j_label_asym_id_2 
_ndb_struct_na_base_pair_step.j_label_comp_id_2 
_ndb_struct_na_base_pair_step.j_label_seq_id_2 
_ndb_struct_na_base_pair_step.j_symmetry_2 
_ndb_struct_na_base_pair_step.shift 
_ndb_struct_na_base_pair_step.slide 
_ndb_struct_na_base_pair_step.rise 
_ndb_struct_na_base_pair_step.tilt 
_ndb_struct_na_base_pair_step.roll 
_ndb_struct_na_base_pair_step.twist 
_ndb_struct_na_base_pair_step.x_displacement 
_ndb_struct_na_base_pair_step.y_displacement 
_ndb_struct_na_base_pair_step.helical_rise 
_ndb_struct_na_base_pair_step.inclination 
_ndb_struct_na_base_pair_step.tip 
_ndb_struct_na_base_pair_step.helical_twist 
_ndb_struct_na_base_pair_step.step_number 
_ndb_struct_na_base_pair_step.step_name 
_ndb_struct_na_base_pair_step.i_auth_asym_id_1 
_ndb_struct_na_base_pair_step.i_auth_seq_id_1 
_ndb_struct_na_base_pair_step.i_PDB_ins_code_1 
_ndb_struct_na_base_pair_step.j_auth_asym_id_1 
_ndb_struct_na_base_pair_step.j_auth_seq_id_1 
_ndb_struct_na_base_pair_step.j_PDB_ins_code_1 
_ndb_struct_na_base_pair_step.i_auth_asym_id_2 
_ndb_struct_na_base_pair_step.i_auth_seq_id_2 
_ndb_struct_na_base_pair_step.i_PDB_ins_code_2 
_ndb_struct_na_base_pair_step.j_auth_asym_id_2 
_ndb_struct_na_base_pair_step.j_auth_seq_id_2 
_ndb_struct_na_base_pair_step.j_PDB_ins_code_2 
1 A DC 1 1_555 B DG 10 1_555 A DC 2 1_555 B DG 9 1_555 0.214  2.419 3.727 4.740  5.093 41.992 2.723 0.273  3.981 7.049 -6.560 
42.539 1 AA_DC1DC2:DG19DG20_BB A 1 ? B 20 ? A 2 ? B 19 ? 
1 A DC 2 1_555 B DG 9  1_555 A DG 3 1_555 B DC 8 1_555 0.164  2.428 3.571 -2.781 0.061 29.459 4.739 -0.964 3.546 0.120 5.454  
29.587 2 AA_DC2DG3:DC18DG19_BB A 2 ? B 19 ? A 3 ? B 18 ? 
1 A DG 3 1_555 B DC 8  1_555 A DG 4 1_555 B DC 7 1_555 -1.556 1.405 3.586 -9.111 1.373 45.173 1.661 1.090  3.853 1.765 11.717 
46.055 3 AA_DG3DG4:DC17DC18_BB A 3 ? B 18 ? A 4 ? B 17 ? 
1 A DG 4 1_555 B DC 7  1_555 A DA 6 1_555 B DT 5 1_555 -0.347 1.713 6.359 3.139  0.792 72.586 1.395 0.493  6.358 0.669 -2.650 
72.648 4 AA_DG4DA6:DT15DC17_BB A 4 ? B 17 ? A 6 ? B 15 ? 
# 
loop_
_pdbx_entity_nonpoly.entity_id 
_pdbx_entity_nonpoly.name 
_pdbx_entity_nonpoly.comp_id 
3 'SODIUM ION' NA  
4 water        HOH 
# 
_pdbx_initial_refinement_model.id               1 
_pdbx_initial_refinement_model.entity_id_list   ? 
_pdbx_initial_refinement_model.type             'experimental model' 
_pdbx_initial_refinement_model.source_name      PDB 
_pdbx_initial_refinement_model.accession_code   2ORG 
_pdbx_initial_refinement_model.details          ? 
# 
